data_9GY0
#
_entry.id   9GY0
#
_cell.length_a   1.00
_cell.length_b   1.00
_cell.length_c   1.00
_cell.angle_alpha   90.00
_cell.angle_beta   90.00
_cell.angle_gamma   90.00
#
_symmetry.space_group_name_H-M   'P 1'
#
loop_
_entity.id
_entity.type
_entity.pdbx_description
1 polymer 'Fanconi-associated nuclease 1'
2 polymer 'DNA (Continuous)'
3 polymer 'DNA (Pre-Nick)'
4 polymer 'DNA (Post-Nick)'
5 polymer 'Proliferating cell nuclear antigen'
6 non-polymer 'CALCIUM ION'
#
loop_
_entity_poly.entity_id
_entity_poly.type
_entity_poly.pdbx_seq_one_letter_code
_entity_poly.pdbx_strand_id
1 'polypeptide(L)'
;GPMGMMSEGKPPDKKRPRRSLSISKNKKKASNSIISCFNNAPPAKLACPVCSKMVPRYDLNRHLDEMCANNDFVQVDPGQ
VGLINSNVSMVDLTSVTLEDVTPKKSPPPKTNLTPGQSDSAKREVKQKISPYFKSNDVVCKNQDELRNRSVKVICLGSLA
SKLSRKYVKAKKSIDKDEEFAGSSPQSSKSTVVKSLIDNSSEIEDEDQILENSSQKENVFKCDSLKEECIPEHMVRGSKI
MEAESQKATRECEKSALTPGFSDNAIMLFSPDFTLRNTLKSTSEDSLVKQECIKEVVEKREACHCEEVKMTVASEAKIQL
SDSEAKSHSSADDASAWSNIQEAPLQDDSCLNNDIPHSIPLEQGSSCNGPGQTTGHPYYLRSFLVVLKTVLENEDDMLLF
DEQEKGIVTKFYQLSATGQKLYVRLFQRKLSWIKMTKLEYEEIALDLTPVIEELTNAGFLQTESELQELSEVLELLSAPE
LKSLAKTFHLVNPNGQKQQLVDAFLKLAKQHSVCTWGKNKPGIGAVILKRAKALAGQSVRICKGPRAVFSRILLLFSLTD
SMEDEDAACGGQGQLSTVLLVNLGRMEFPSYTINRKTHIFQDRDDLIRYAAATHMLSDISSAMANGNWEEAKELAQCAKR
DWNRLKNHPSLRCHEDLPLFLRCFTVGWIYTRILSRFVEILQRLHMYEEAVRELESLLSQRIYCPDSRGRWWDRLALNLH
QHLKRLEPTIKCITEGLADPEVRTGHRLSLYQRAVRLRESPSCKKFKHLFQQLPEMAVQDVKHVTITGRLCPQRGMCKSV
FVMEAGEAADPTTVLCSVEELALAHYRRSGFDQGIHGEGSTFSTLYGLLLWDIIFMDGIPDVFRNACQAFPLDLCTDSFF
TSRRPALEARLQLIHDAPEESLRAWVAATWHEQEGRVASLVSWDRFTSLQQAQDLVSCLGGPVLSGVCRHLAADFRHCRG
GLPDLVVWNSQSRHFKLVEVKGPNDRLSHKQMIWLAELQKLGAEVEVCHVVAVGAKSQSLS
;
A
2 'polydeoxyribonucleotide'
;(DC)(DC)(DC)(DG)(DT)(DC)(DC)(DA)(DG)(DG)(DT)(DC)(DT)(DC)(DG)(DT)(DC)(DC)(DG)(DC)
(DG)(DC)(DC)(DA)(DC)(DT)(DC)(DG)(DT)(DG)(DT)(DC)(DC)(DA)(DG)(DC)(DG)(DT)(DC)(DG)
;
B
3 'polydeoxyribonucleotide'
;(DC)(DG)(DA)(DC)(DG)(DC)(DT)(DG)(DG)(DA)(DC)(DA)(DC)(DG)(DA)(DG)(DT)(DG)(DG)(DC)
(DT)(DT)(DT)(DT)(DT)(DT)(DT)(DT)
;
C
4 'polydeoxyribonucleotide'
;(DT)(DG)(DC)(DG)(DG)(DA)(DC)(DG)(DA)(DG)(DA)(DC)(DC)(DT)(DG)(DG)(DA)(DC)(DG)(DG)
(DG)
;
D
5 'polypeptide(L)'
;GPMFEARLVQGSILKKVLEALKDLINEACWDISSSGVNLQSMDSSHVSLVQLTLRSEGFDTYRCDRNLAMGVNLTSMSKI
LKCAGNEDIITLRAEDNADTLALVFEAPNQEKVSDYEMKLMDLDVEQLGIPEQEYSCVVKMPSGEFARICRDLSHIGDAV
VISCAKDGVKFSASGELGNGNIKLSQTSNVDKEEEAVTIEMNEPVQLTFALRYLNFFTKATPLSSTVTLSMSADVPLVVE
YKIADMGHLKYYLAPKIEDEEGS
;
E,F,G
#
# COMPACT_ATOMS: atom_id res chain seq x y z
N GLY A 375 9.93 0.74 42.03
CA GLY A 375 9.82 2.15 41.74
C GLY A 375 9.17 2.45 40.40
N HIS A 376 9.10 3.73 40.05
CA HIS A 376 8.50 4.12 38.79
C HIS A 376 9.41 3.73 37.63
N PRO A 377 8.86 3.52 36.44
CA PRO A 377 9.70 3.27 35.26
C PRO A 377 10.48 4.50 34.85
N TYR A 378 11.27 4.39 33.76
CA TYR A 378 12.16 5.49 33.42
C TYR A 378 11.41 6.70 32.88
N TYR A 379 10.39 6.49 32.05
CA TYR A 379 9.66 7.62 31.48
C TYR A 379 8.93 8.39 32.58
N LEU A 380 8.26 7.67 33.47
CA LEU A 380 7.56 8.31 34.58
C LEU A 380 8.54 9.02 35.51
N ARG A 381 9.70 8.40 35.73
CA ARG A 381 10.73 9.03 36.57
C ARG A 381 11.18 10.35 35.97
N SER A 382 11.44 10.37 34.67
CA SER A 382 11.85 11.60 34.01
C SER A 382 10.75 12.65 34.09
N PHE A 383 9.50 12.24 33.88
CA PHE A 383 8.40 13.20 33.92
C PHE A 383 8.26 13.83 35.31
N LEU A 384 8.31 13.01 36.36
CA LEU A 384 8.24 13.56 37.72
C LEU A 384 9.44 14.43 38.05
N VAL A 385 10.64 14.07 37.58
CA VAL A 385 11.80 14.91 37.85
C VAL A 385 11.65 16.27 37.16
N VAL A 386 11.19 16.28 35.91
CA VAL A 386 10.97 17.53 35.19
C VAL A 386 9.91 18.37 35.91
N LEU A 387 8.81 17.74 36.30
CA LEU A 387 7.74 18.46 36.97
C LEU A 387 8.20 19.06 38.28
N LYS A 388 8.92 18.28 39.09
CA LYS A 388 9.40 18.78 40.37
C LYS A 388 10.38 19.92 40.19
N THR A 389 11.30 19.79 39.24
CA THR A 389 12.28 20.85 39.01
C THR A 389 11.59 22.15 38.57
N VAL A 390 10.62 22.03 37.67
CA VAL A 390 9.91 23.22 37.20
C VAL A 390 9.09 23.85 38.32
N LEU A 391 8.38 23.02 39.11
CA LEU A 391 7.56 23.56 40.18
C LEU A 391 8.41 24.20 41.27
N GLU A 392 9.64 23.72 41.47
CA GLU A 392 10.53 24.36 42.44
C GLU A 392 10.93 25.77 42.01
N ASN A 393 10.89 26.05 40.71
CA ASN A 393 11.26 27.37 40.19
C ASN A 393 10.14 28.36 40.52
N GLU A 394 10.34 29.13 41.59
CA GLU A 394 9.32 30.08 42.02
C GLU A 394 9.05 31.14 40.96
N ASP A 395 10.12 31.64 40.33
CA ASP A 395 9.94 32.65 39.28
C ASP A 395 9.28 32.04 38.05
N ASP A 396 9.55 30.77 37.76
CA ASP A 396 8.95 30.12 36.60
C ASP A 396 7.59 29.53 36.90
N MET A 397 7.20 29.44 38.16
CA MET A 397 5.86 28.96 38.50
C MET A 397 4.81 30.05 38.36
N LEU A 398 5.23 31.32 38.44
CA LEU A 398 4.27 32.42 38.47
C LEU A 398 3.59 32.63 37.12
N LEU A 399 4.28 32.34 36.01
CA LEU A 399 3.67 32.57 34.70
C LEU A 399 2.51 31.64 34.41
N PHE A 400 2.43 30.51 35.10
CA PHE A 400 1.36 29.56 34.86
C PHE A 400 0.08 30.03 35.53
N ASP A 401 -1.02 29.99 34.78
CA ASP A 401 -2.30 30.43 35.27
C ASP A 401 -2.77 29.52 36.41
N GLU A 402 -3.70 30.04 37.21
CA GLU A 402 -4.24 29.25 38.32
C GLU A 402 -4.91 27.98 37.82
N GLN A 403 -5.57 28.06 36.65
CA GLN A 403 -6.16 26.87 36.06
C GLN A 403 -5.08 25.86 35.64
N GLU A 404 -3.96 26.34 35.10
CA GLU A 404 -2.89 25.43 34.71
C GLU A 404 -2.23 24.78 35.92
N LYS A 405 -2.04 25.55 37.00
CA LYS A 405 -1.55 24.95 38.24
C LYS A 405 -2.55 23.94 38.79
N GLY A 406 -3.85 24.22 38.64
CA GLY A 406 -4.85 23.24 39.03
C GLY A 406 -4.76 21.97 38.21
N ILE A 407 -4.50 22.10 36.92
CA ILE A 407 -4.32 20.92 36.06
C ILE A 407 -3.11 20.12 36.54
N VAL A 408 -2.01 20.80 36.83
CA VAL A 408 -0.80 20.12 37.28
C VAL A 408 -1.06 19.38 38.59
N THR A 409 -1.72 20.05 39.54
CA THR A 409 -2.02 19.41 40.81
C THR A 409 -3.07 18.31 40.66
N LYS A 410 -3.87 18.35 39.59
CA LYS A 410 -4.74 17.22 39.27
C LYS A 410 -3.93 16.03 38.77
N PHE A 411 -2.85 16.31 38.04
CA PHE A 411 -1.98 15.23 37.57
C PHE A 411 -1.37 14.47 38.74
N TYR A 412 -0.93 15.18 39.78
CA TYR A 412 -0.38 14.51 40.95
C TYR A 412 -1.43 13.71 41.71
N GLN A 413 -2.71 14.01 41.51
CA GLN A 413 -3.79 13.26 42.16
C GLN A 413 -4.26 12.10 41.29
N LEU A 414 -3.32 11.27 40.87
CA LEU A 414 -3.59 10.12 40.02
C LEU A 414 -2.93 8.89 40.62
N SER A 415 -3.48 7.73 40.29
CA SER A 415 -2.83 6.47 40.64
C SER A 415 -1.55 6.31 39.83
N ALA A 416 -0.63 5.49 40.36
CA ALA A 416 0.64 5.28 39.68
C ALA A 416 0.43 4.76 38.25
N THR A 417 -0.51 3.84 38.09
CA THR A 417 -0.85 3.36 36.75
C THR A 417 -1.40 4.50 35.89
N GLY A 418 -2.18 5.39 36.48
CA GLY A 418 -2.69 6.53 35.73
C GLY A 418 -1.60 7.44 35.22
N GLN A 419 -0.64 7.77 36.10
CA GLN A 419 0.48 8.60 35.68
C GLN A 419 1.32 7.90 34.62
N LYS A 420 1.54 6.59 34.79
CA LYS A 420 2.32 5.85 33.81
C LYS A 420 1.64 5.89 32.44
N LEU A 421 0.34 5.63 32.38
CA LEU A 421 -0.36 5.64 31.11
C LEU A 421 -0.38 7.04 30.50
N TYR A 422 -0.56 8.07 31.33
CA TYR A 422 -0.61 9.42 30.81
C TYR A 422 0.74 9.83 30.23
N VAL A 423 1.83 9.50 30.91
CA VAL A 423 3.16 9.82 30.38
C VAL A 423 3.43 9.02 29.12
N ARG A 424 2.98 7.76 29.08
CA ARG A 424 3.15 6.95 27.89
C ARG A 424 2.43 7.57 26.69
N LEU A 425 1.20 8.03 26.90
CA LEU A 425 0.45 8.65 25.81
C LEU A 425 1.01 10.03 25.45
N PHE A 426 1.65 10.70 26.42
CA PHE A 426 2.21 12.02 26.16
C PHE A 426 3.34 11.97 25.15
N GLN A 427 4.19 10.93 25.24
CA GLN A 427 5.33 10.83 24.34
C GLN A 427 4.92 10.44 22.92
N ARG A 428 3.70 9.95 22.74
CA ARG A 428 3.22 9.59 21.40
C ARG A 428 2.85 10.85 20.64
N LYS A 429 2.31 10.68 19.44
CA LYS A 429 1.82 11.81 18.67
C LYS A 429 0.52 12.33 19.27
N LEU A 430 0.14 13.53 18.85
CA LEU A 430 -1.10 14.16 19.28
C LEU A 430 -2.15 13.86 18.22
N SER A 431 -2.81 12.71 18.37
CA SER A 431 -3.83 12.27 17.44
C SER A 431 -4.64 11.16 18.11
N TRP A 432 -5.78 10.85 17.51
CA TRP A 432 -6.62 9.77 18.02
C TRP A 432 -5.92 8.42 17.86
N ILE A 433 -5.94 7.64 18.93
CA ILE A 433 -5.31 6.33 18.96
C ILE A 433 -6.34 5.32 19.45
N LYS A 434 -6.47 4.20 18.74
CA LYS A 434 -7.48 3.21 19.08
C LYS A 434 -7.13 2.52 20.40
N MET A 435 -8.18 2.13 21.14
CA MET A 435 -7.96 1.37 22.35
C MET A 435 -7.42 -0.02 22.06
N THR A 436 -7.58 -0.51 20.83
CA THR A 436 -6.96 -1.78 20.45
C THR A 436 -5.45 -1.67 20.43
N LYS A 437 -4.93 -0.53 19.96
CA LYS A 437 -3.49 -0.30 19.86
C LYS A 437 -2.90 0.21 21.17
N LEU A 438 -3.58 -0.03 22.30
CA LEU A 438 -3.09 0.39 23.61
C LEU A 438 -2.70 -0.86 24.40
N GLU A 439 -1.45 -1.29 24.22
CA GLU A 439 -0.91 -2.44 24.93
C GLU A 439 0.22 -1.95 25.84
N TYR A 440 0.11 -2.27 27.13
CA TYR A 440 1.12 -1.87 28.10
C TYR A 440 1.12 -2.91 29.21
N GLU A 441 2.04 -3.87 29.13
CA GLU A 441 2.10 -4.92 30.14
C GLU A 441 2.68 -4.40 31.45
N GLU A 442 3.46 -3.32 31.40
CA GLU A 442 4.06 -2.80 32.62
C GLU A 442 3.04 -2.05 33.48
N ILE A 443 2.00 -1.50 32.88
CA ILE A 443 1.02 -0.72 33.63
C ILE A 443 -0.10 -1.62 34.15
N ALA A 444 -0.84 -2.25 33.25
CA ALA A 444 -1.94 -3.12 33.62
C ALA A 444 -2.35 -3.95 32.41
N LEU A 445 -2.77 -5.19 32.68
CA LEU A 445 -3.27 -6.05 31.60
C LEU A 445 -4.53 -5.46 30.97
N ASP A 446 -5.48 -5.04 31.81
CA ASP A 446 -6.70 -4.37 31.37
C ASP A 446 -6.59 -2.91 31.79
N LEU A 447 -6.34 -2.03 30.82
CA LEU A 447 -6.11 -0.62 31.08
C LEU A 447 -7.37 0.22 30.93
N THR A 448 -8.52 -0.41 30.72
CA THR A 448 -9.77 0.35 30.66
C THR A 448 -10.08 1.12 31.94
N PRO A 449 -9.93 0.56 33.16
CA PRO A 449 -10.15 1.39 34.35
C PRO A 449 -9.21 2.58 34.43
N VAL A 450 -7.96 2.40 34.00
CA VAL A 450 -7.01 3.52 34.00
C VAL A 450 -7.45 4.58 33.00
N ILE A 451 -7.94 4.18 31.83
CA ILE A 451 -8.43 5.12 30.85
C ILE A 451 -9.63 5.90 31.41
N GLU A 452 -10.54 5.19 32.08
CA GLU A 452 -11.70 5.86 32.67
C GLU A 452 -11.27 6.84 33.76
N GLU A 453 -10.28 6.45 34.58
CA GLU A 453 -9.78 7.36 35.61
C GLU A 453 -9.17 8.61 34.99
N LEU A 454 -8.38 8.44 33.93
CA LEU A 454 -7.79 9.59 33.26
C LEU A 454 -8.87 10.49 32.66
N THR A 455 -9.89 9.88 32.04
CA THR A 455 -10.98 10.66 31.46
C THR A 455 -11.73 11.45 32.54
N ASN A 456 -12.00 10.81 33.68
CA ASN A 456 -12.63 11.52 34.79
C ASN A 456 -11.76 12.65 35.29
N ALA A 457 -10.44 12.44 35.33
CA ALA A 457 -9.53 13.51 35.72
C ALA A 457 -9.53 14.64 34.70
N GLY A 458 -9.83 14.35 33.44
CA GLY A 458 -9.90 15.35 32.41
C GLY A 458 -8.75 15.40 31.44
N PHE A 459 -7.82 14.44 31.50
CA PHE A 459 -6.66 14.44 30.62
C PHE A 459 -6.92 13.71 29.31
N LEU A 460 -7.73 12.66 29.32
CA LEU A 460 -8.02 11.86 28.13
C LEU A 460 -9.48 12.03 27.75
N GLN A 461 -9.72 12.36 26.48
CA GLN A 461 -11.07 12.46 25.95
C GLN A 461 -11.33 11.25 25.06
N THR A 462 -12.37 10.48 25.40
CA THR A 462 -12.67 9.25 24.69
C THR A 462 -13.32 9.57 23.34
N GLU A 463 -13.74 8.52 22.63
CA GLU A 463 -14.27 8.69 21.29
C GLU A 463 -15.60 9.44 21.26
N SER A 464 -16.25 9.63 22.40
CA SER A 464 -17.50 10.38 22.43
C SER A 464 -17.29 11.82 22.00
N GLU A 465 -16.10 12.36 22.19
CA GLU A 465 -15.77 13.72 21.77
C GLU A 465 -15.19 13.77 20.36
N LEU A 466 -15.13 12.64 19.66
CA LEU A 466 -14.62 12.60 18.29
C LEU A 466 -15.76 13.03 17.36
N GLN A 467 -15.98 14.35 17.31
CA GLN A 467 -17.05 14.93 16.51
C GLN A 467 -16.54 15.59 15.24
N GLU A 468 -15.27 15.41 14.91
CA GLU A 468 -14.68 16.01 13.71
C GLU A 468 -14.40 14.91 12.70
N LEU A 469 -14.88 15.12 11.47
CA LEU A 469 -14.73 14.10 10.44
C LEU A 469 -13.27 13.93 10.04
N SER A 470 -12.53 15.03 9.95
CA SER A 470 -11.13 14.96 9.50
C SER A 470 -10.25 14.19 10.47
N GLU A 471 -10.65 14.06 11.73
CA GLU A 471 -9.90 13.26 12.69
C GLU A 471 -10.30 11.80 12.68
N VAL A 472 -11.61 11.52 12.63
CA VAL A 472 -12.06 10.14 12.62
C VAL A 472 -11.65 9.43 11.33
N LEU A 473 -11.62 10.14 10.21
CA LEU A 473 -11.15 9.52 8.97
C LEU A 473 -9.66 9.17 9.07
N GLU A 474 -8.86 10.05 9.65
CA GLU A 474 -7.45 9.74 9.85
C GLU A 474 -7.26 8.60 10.84
N LEU A 475 -8.19 8.46 11.79
CA LEU A 475 -8.09 7.38 12.78
C LEU A 475 -8.23 6.02 12.12
N LEU A 476 -9.11 5.89 11.13
CA LEU A 476 -9.37 4.61 10.49
C LEU A 476 -8.14 4.12 9.73
N SER A 477 -7.89 2.81 9.81
CA SER A 477 -6.80 2.21 9.07
C SER A 477 -7.14 2.12 7.58
N ALA A 478 -6.15 1.78 6.78
CA ALA A 478 -6.34 1.73 5.33
C ALA A 478 -7.40 0.72 4.91
N PRO A 479 -7.40 -0.54 5.38
CA PRO A 479 -8.50 -1.44 4.99
C PRO A 479 -9.87 -0.94 5.42
N GLU A 480 -9.96 -0.36 6.63
CA GLU A 480 -11.24 0.15 7.10
C GLU A 480 -11.70 1.34 6.27
N LEU A 481 -10.77 2.23 5.91
CA LEU A 481 -11.13 3.37 5.06
C LEU A 481 -11.53 2.92 3.66
N LYS A 482 -10.86 1.89 3.13
CA LYS A 482 -11.27 1.36 1.84
C LYS A 482 -12.66 0.74 1.91
N SER A 483 -12.96 0.03 2.99
CA SER A 483 -14.31 -0.51 3.16
C SER A 483 -15.35 0.60 3.25
N LEU A 484 -15.04 1.66 3.99
CA LEU A 484 -15.96 2.79 4.09
C LEU A 484 -16.18 3.46 2.74
N ALA A 485 -15.11 3.61 1.96
CA ALA A 485 -15.24 4.20 0.63
C ALA A 485 -16.08 3.31 -0.29
N LYS A 486 -15.91 1.99 -0.18
CA LYS A 486 -16.75 1.08 -0.95
C LYS A 486 -18.21 1.20 -0.54
N THR A 487 -18.47 1.37 0.76
CA THR A 487 -19.83 1.53 1.23
C THR A 487 -20.48 2.80 0.66
N PHE A 488 -19.72 3.89 0.57
CA PHE A 488 -20.25 5.17 0.13
C PHE A 488 -20.10 5.40 -1.36
N HIS A 489 -19.69 4.39 -2.13
CA HIS A 489 -19.59 4.46 -3.58
C HIS A 489 -18.67 5.61 -4.01
N LEU A 490 -17.49 5.66 -3.39
CA LEU A 490 -16.53 6.70 -3.72
C LEU A 490 -15.95 6.48 -5.12
N VAL A 491 -15.32 7.52 -5.65
CA VAL A 491 -14.75 7.45 -6.99
C VAL A 491 -13.65 6.40 -7.06
N ASN A 492 -12.77 6.38 -6.06
CA ASN A 492 -11.64 5.46 -6.02
C ASN A 492 -11.62 4.74 -4.68
N PRO A 493 -12.45 3.71 -4.51
CA PRO A 493 -12.41 2.95 -3.25
C PRO A 493 -11.06 2.30 -3.00
N ASN A 494 -10.35 1.90 -4.04
CA ASN A 494 -9.00 1.35 -3.93
C ASN A 494 -8.01 2.45 -4.25
N GLY A 495 -7.48 3.09 -3.21
CA GLY A 495 -6.55 4.19 -3.41
C GLY A 495 -5.82 4.53 -2.13
N GLN A 496 -5.05 5.60 -2.20
CA GLN A 496 -4.27 6.04 -1.06
C GLN A 496 -5.18 6.53 0.07
N LYS A 497 -4.68 6.42 1.30
CA LYS A 497 -5.46 6.84 2.45
C LYS A 497 -5.71 8.35 2.43
N GLN A 498 -4.68 9.14 2.10
CA GLN A 498 -4.83 10.58 2.10
C GLN A 498 -5.84 11.03 1.04
N GLN A 499 -5.76 10.46 -0.15
CA GLN A 499 -6.74 10.79 -1.18
C GLN A 499 -8.13 10.32 -0.80
N LEU A 500 -8.23 9.21 -0.05
CA LEU A 500 -9.54 8.77 0.43
C LEU A 500 -10.13 9.77 1.42
N VAL A 501 -9.31 10.29 2.34
CA VAL A 501 -9.79 11.30 3.28
C VAL A 501 -10.19 12.57 2.55
N ASP A 502 -9.40 12.98 1.55
CA ASP A 502 -9.74 14.17 0.78
C ASP A 502 -11.06 13.98 0.04
N ALA A 503 -11.26 12.81 -0.57
CA ALA A 503 -12.50 12.55 -1.28
C ALA A 503 -13.69 12.50 -0.33
N PHE A 504 -13.49 11.93 0.86
CA PHE A 504 -14.58 11.90 1.84
C PHE A 504 -14.95 13.30 2.31
N LEU A 505 -13.95 14.16 2.54
CA LEU A 505 -14.24 15.55 2.88
C LEU A 505 -15.00 16.24 1.74
N LYS A 506 -14.56 16.04 0.51
CA LYS A 506 -15.23 16.65 -0.64
C LYS A 506 -16.67 16.20 -0.74
N LEU A 507 -16.92 14.90 -0.53
CA LEU A 507 -18.29 14.40 -0.57
C LEU A 507 -19.11 14.94 0.59
N ALA A 508 -18.49 15.14 1.76
CA ALA A 508 -19.21 15.69 2.90
C ALA A 508 -19.53 17.16 2.73
N LYS A 509 -18.80 17.88 1.88
CA LYS A 509 -19.05 19.31 1.71
C LYS A 509 -20.41 19.58 1.07
N GLN A 510 -20.90 18.69 0.21
CA GLN A 510 -22.16 18.93 -0.48
C GLN A 510 -22.85 17.59 -0.71
N HIS A 511 -23.80 17.55 -1.65
CA HIS A 511 -24.56 16.41 -2.14
C HIS A 511 -25.70 16.00 -1.20
N SER A 512 -25.89 16.68 -0.07
CA SER A 512 -26.96 16.32 0.85
C SER A 512 -27.82 17.49 1.30
N VAL A 513 -27.53 18.72 0.86
CA VAL A 513 -28.29 19.87 1.33
C VAL A 513 -29.73 19.83 0.80
N CYS A 514 -29.91 19.43 -0.46
CA CYS A 514 -31.21 19.48 -1.11
C CYS A 514 -31.75 18.11 -1.50
N THR A 515 -30.94 17.06 -1.48
CA THR A 515 -31.38 15.75 -1.92
C THR A 515 -32.58 15.28 -1.12
N TRP A 516 -33.57 14.72 -1.83
CA TRP A 516 -34.82 14.27 -1.21
C TRP A 516 -34.58 13.17 -0.19
N ASN A 519 -36.63 16.11 5.21
CA ASN A 519 -35.54 16.42 6.12
C ASN A 519 -34.27 16.77 5.34
N LYS A 520 -33.35 17.46 5.99
CA LYS A 520 -32.08 17.87 5.38
C LYS A 520 -30.93 17.46 6.29
N PRO A 521 -30.63 16.15 6.35
CA PRO A 521 -29.51 15.70 7.20
C PRO A 521 -28.18 15.73 6.45
N GLY A 522 -27.19 16.36 7.04
CA GLY A 522 -25.87 16.42 6.44
C GLY A 522 -25.24 15.06 6.25
N ILE A 523 -24.76 14.78 5.04
CA ILE A 523 -24.11 13.49 4.78
C ILE A 523 -22.82 13.38 5.60
N GLY A 524 -22.23 14.51 5.97
CA GLY A 524 -21.05 14.47 6.83
C GLY A 524 -21.34 13.83 8.17
N ALA A 525 -22.54 14.09 8.71
CA ALA A 525 -22.95 13.47 9.97
C ALA A 525 -23.03 11.95 9.82
N VAL A 526 -23.59 11.49 8.70
CA VAL A 526 -23.70 10.04 8.46
C VAL A 526 -22.32 9.42 8.34
N ILE A 527 -21.42 10.08 7.60
CA ILE A 527 -20.06 9.58 7.45
C ILE A 527 -19.37 9.52 8.81
N LEU A 528 -19.54 10.55 9.62
CA LEU A 528 -18.93 10.57 10.94
C LEU A 528 -19.47 9.45 11.82
N LYS A 529 -20.79 9.23 11.79
CA LYS A 529 -21.38 8.16 12.58
C LYS A 529 -20.85 6.80 12.16
N ARG A 530 -20.80 6.56 10.85
CA ARG A 530 -20.31 5.27 10.36
C ARG A 530 -18.84 5.06 10.70
N ALA A 531 -18.01 6.09 10.52
CA ALA A 531 -16.60 5.98 10.85
C ALA A 531 -16.38 5.75 12.34
N LYS A 532 -17.15 6.45 13.19
CA LYS A 532 -17.03 6.26 14.62
C LYS A 532 -17.44 4.84 15.01
N ALA A 533 -18.52 4.33 14.42
CA ALA A 533 -18.94 2.96 14.72
C ALA A 533 -17.91 1.95 14.24
N LEU A 534 -17.24 2.24 13.12
CA LEU A 534 -16.25 1.30 12.59
C LEU A 534 -14.98 1.30 13.42
N ALA A 535 -14.52 2.49 13.85
CA ALA A 535 -13.24 2.59 14.56
C ALA A 535 -13.31 2.06 15.98
N GLY A 536 -14.52 1.92 16.55
CA GLY A 536 -14.62 1.44 17.91
C GLY A 536 -14.11 2.47 18.92
N GLN A 537 -13.64 1.96 20.05
CA GLN A 537 -13.11 2.82 21.09
C GLN A 537 -11.81 3.46 20.65
N SER A 538 -11.60 4.70 21.08
CA SER A 538 -10.39 5.45 20.75
C SER A 538 -10.22 6.65 21.67
N VAL A 539 -9.01 6.87 22.17
CA VAL A 539 -8.74 7.97 23.09
C VAL A 539 -7.70 8.89 22.46
N ARG A 540 -7.60 10.09 23.02
CA ARG A 540 -6.60 11.06 22.60
C ARG A 540 -6.34 12.03 23.75
N ILE A 541 -5.09 12.44 23.90
CA ILE A 541 -4.72 13.35 24.97
C ILE A 541 -5.35 14.71 24.73
N CYS A 542 -5.87 15.31 25.81
CA CYS A 542 -6.59 16.58 25.68
C CYS A 542 -5.64 17.72 25.35
N LYS A 543 -6.19 18.77 24.73
CA LYS A 543 -5.37 19.88 24.29
C LYS A 543 -4.76 20.65 25.45
N GLY A 544 -5.58 20.94 26.47
CA GLY A 544 -5.19 21.84 27.54
C GLY A 544 -4.02 21.34 28.39
N PRO A 545 -4.23 20.23 29.08
CA PRO A 545 -3.13 19.66 29.87
C PRO A 545 -1.91 19.31 29.04
N ARG A 546 -2.09 18.87 27.80
CA ARG A 546 -0.94 18.60 26.94
C ARG A 546 -0.14 19.86 26.70
N ALA A 547 -0.82 20.97 26.41
CA ALA A 547 -0.11 22.24 26.21
C ALA A 547 0.58 22.69 27.49
N VAL A 548 -0.08 22.53 28.63
CA VAL A 548 0.51 22.96 29.90
C VAL A 548 1.77 22.16 30.19
N PHE A 549 1.72 20.84 29.99
CA PHE A 549 2.90 20.03 30.25
C PHE A 549 3.99 20.25 29.21
N SER A 550 3.61 20.57 27.97
CA SER A 550 4.62 20.95 26.99
C SER A 550 5.34 22.22 27.40
N ARG A 551 4.60 23.20 27.93
CA ARG A 551 5.23 24.42 28.40
C ARG A 551 6.10 24.17 29.64
N ILE A 552 5.68 23.27 30.52
CA ILE A 552 6.53 22.89 31.65
C ILE A 552 7.83 22.25 31.16
N LEU A 553 7.72 21.35 30.18
CA LEU A 553 8.90 20.72 29.61
C LEU A 553 9.81 21.76 28.96
N LEU A 554 9.22 22.75 28.29
CA LEU A 554 10.01 23.81 27.69
C LEU A 554 10.74 24.64 28.74
N LEU A 555 10.05 24.98 29.84
CA LEU A 555 10.69 25.71 30.92
C LEU A 555 11.85 24.90 31.51
N PHE A 556 11.67 23.59 31.67
CA PHE A 556 12.76 22.76 32.14
C PHE A 556 13.92 22.73 31.15
N SER A 557 13.60 22.61 29.86
CA SER A 557 14.62 22.49 28.81
C SER A 557 15.30 23.80 28.49
N LEU A 558 14.84 24.92 29.05
CA LEU A 558 15.57 26.18 28.91
C LEU A 558 17.02 26.01 29.35
N THR A 559 17.25 25.43 30.52
CA THR A 559 18.58 25.22 31.05
C THR A 559 19.19 23.89 30.63
N ASP A 560 18.47 23.08 29.86
CA ASP A 560 18.96 21.79 29.36
C ASP A 560 19.38 20.87 30.50
N LEU A 575 9.77 15.27 25.39
CA LEU A 575 11.02 15.00 26.12
C LEU A 575 12.08 14.45 25.18
N SER A 576 13.28 15.03 25.26
CA SER A 576 14.40 14.54 24.47
C SER A 576 14.77 13.13 24.91
N THR A 577 15.16 12.29 23.94
CA THR A 577 15.42 10.89 24.23
C THR A 577 16.57 10.72 25.21
N VAL A 578 17.63 11.52 25.05
CA VAL A 578 18.76 11.42 25.98
C VAL A 578 18.31 11.76 27.40
N LEU A 579 17.31 12.64 27.54
CA LEU A 579 16.76 12.97 28.85
C LEU A 579 15.49 12.20 29.17
N LEU A 580 14.82 11.61 28.19
CA LEU A 580 13.66 10.78 28.49
C LEU A 580 14.06 9.58 29.34
N VAL A 581 15.18 8.94 28.99
CA VAL A 581 15.71 7.82 29.74
C VAL A 581 16.95 8.27 30.48
N ASN A 582 17.12 7.75 31.70
CA ASN A 582 18.26 7.93 32.60
C ASN A 582 18.23 9.27 33.35
N LEU A 583 17.25 10.13 33.11
CA LEU A 583 17.24 11.41 33.81
C LEU A 583 17.00 11.21 35.30
N GLY A 584 16.24 10.17 35.67
CA GLY A 584 16.03 9.88 37.08
C GLY A 584 17.26 9.37 37.79
N ARG A 585 18.24 8.85 37.06
CA ARG A 585 19.46 8.32 37.65
C ARG A 585 20.68 9.20 37.45
N MET A 586 20.68 10.09 36.46
CA MET A 586 21.78 11.01 36.28
C MET A 586 21.91 11.92 37.50
N GLU A 587 23.13 12.06 37.98
CA GLU A 587 23.43 12.85 39.18
C GLU A 587 24.14 14.12 38.74
N PHE A 588 23.40 15.21 38.69
CA PHE A 588 23.95 16.48 38.21
C PHE A 588 24.93 17.05 39.23
N PRO A 589 25.85 17.92 38.77
CA PRO A 589 26.83 18.51 39.70
C PRO A 589 26.19 19.38 40.78
N SER A 590 27.00 19.85 41.72
CA SER A 590 26.51 20.61 42.87
C SER A 590 26.92 22.07 42.75
N TYR A 591 25.98 22.96 43.00
CA TYR A 591 26.22 24.40 43.00
C TYR A 591 25.09 25.06 43.77
N THR A 592 25.19 26.39 43.92
CA THR A 592 24.16 27.17 44.59
C THR A 592 23.31 27.86 43.54
N ILE A 593 21.99 27.64 43.59
CA ILE A 593 21.09 28.25 42.64
C ILE A 593 20.97 29.74 42.95
N ASN A 594 21.19 30.57 41.93
CA ASN A 594 21.19 32.02 42.09
C ASN A 594 20.43 32.62 40.90
N ARG A 595 19.28 33.21 41.16
CA ARG A 595 18.44 33.80 40.13
C ARG A 595 18.13 35.25 40.51
N LYS A 596 18.31 36.16 39.55
CA LYS A 596 18.05 37.57 39.80
C LYS A 596 17.08 38.16 38.80
N THR A 597 17.13 37.68 37.56
CA THR A 597 16.32 38.22 36.47
C THR A 597 15.31 37.20 36.00
N HIS A 598 14.26 37.71 35.36
CA HIS A 598 13.19 36.89 34.78
C HIS A 598 13.38 36.85 33.27
N ILE A 599 13.51 35.64 32.71
CA ILE A 599 13.62 35.51 31.26
C ILE A 599 12.32 35.96 30.60
N PHE A 600 11.18 35.54 31.15
CA PHE A 600 9.87 35.99 30.70
C PHE A 600 9.20 36.76 31.82
N GLN A 601 8.37 37.74 31.46
CA GLN A 601 7.74 38.62 32.44
C GLN A 601 6.32 38.20 32.80
N ASP A 602 5.59 37.58 31.89
CA ASP A 602 4.19 37.24 32.16
C ASP A 602 3.81 36.00 31.35
N ARG A 603 2.57 35.56 31.56
CA ARG A 603 2.09 34.34 30.89
C ARG A 603 2.05 34.51 29.38
N ASP A 604 1.64 35.69 28.91
CA ASP A 604 1.57 35.92 27.47
C ASP A 604 2.93 35.78 26.81
N ASP A 605 3.97 36.29 27.46
CA ASP A 605 5.32 36.17 26.91
C ASP A 605 5.74 34.72 26.81
N LEU A 606 5.45 33.92 27.84
CA LEU A 606 5.83 32.52 27.80
C LEU A 606 5.05 31.76 26.74
N ILE A 607 3.77 32.08 26.56
CA ILE A 607 2.99 31.43 25.52
C ILE A 607 3.51 31.81 24.13
N ARG A 608 3.89 33.08 23.96
CA ARG A 608 4.46 33.51 22.68
C ARG A 608 5.78 32.80 22.40
N TYR A 609 6.63 32.66 23.42
CA TYR A 609 7.88 31.94 23.25
C TYR A 609 7.64 30.47 22.93
N ALA A 610 6.66 29.85 23.59
CA ALA A 610 6.33 28.45 23.31
C ALA A 610 5.81 28.29 21.89
N ALA A 611 4.97 29.21 21.42
CA ALA A 611 4.51 29.15 20.04
C ALA A 611 5.66 29.31 19.06
N ALA A 612 6.57 30.25 19.34
CA ALA A 612 7.70 30.46 18.46
C ALA A 612 8.59 29.23 18.38
N THR A 613 8.87 28.60 19.54
CA THR A 613 9.73 27.42 19.52
C THR A 613 9.02 26.21 18.93
N HIS A 614 7.71 26.10 19.10
CA HIS A 614 6.97 25.02 18.46
C HIS A 614 6.98 25.17 16.95
N MET A 615 6.84 26.39 16.46
CA MET A 615 6.90 26.61 15.02
C MET A 615 8.31 26.40 14.49
N LEU A 616 9.33 26.73 15.28
CA LEU A 616 10.71 26.40 14.91
C LEU A 616 10.90 24.89 14.83
N SER A 617 10.32 24.15 15.78
CA SER A 617 10.41 22.70 15.73
C SER A 617 9.69 22.14 14.51
N ASP A 618 8.54 22.74 14.14
CA ASP A 618 7.85 22.33 12.93
C ASP A 618 8.71 22.57 11.69
N ILE A 619 9.38 23.73 11.64
CA ILE A 619 10.28 24.00 10.52
C ILE A 619 11.42 23.00 10.48
N SER A 620 11.98 22.68 11.65
CA SER A 620 13.08 21.71 11.71
C SER A 620 12.63 20.34 11.24
N SER A 621 11.42 19.92 11.64
CA SER A 621 10.90 18.64 11.16
C SER A 621 10.69 18.67 9.66
N ALA A 622 10.26 19.82 9.13
CA ALA A 622 10.12 19.95 7.68
C ALA A 622 11.47 19.78 6.98
N MET A 623 12.52 20.39 7.53
CA MET A 623 13.86 20.19 6.98
C MET A 623 14.27 18.73 7.04
N ALA A 624 14.02 18.09 8.19
CA ALA A 624 14.44 16.70 8.37
C ALA A 624 13.73 15.76 7.40
N ASN A 625 12.44 15.97 7.18
CA ASN A 625 11.67 15.11 6.29
C ASN A 625 11.80 15.49 4.82
N GLY A 626 12.39 16.64 4.51
CA GLY A 626 12.64 17.02 3.14
C GLY A 626 11.51 17.74 2.43
N ASN A 627 10.49 18.19 3.15
CA ASN A 627 9.42 18.97 2.56
C ASN A 627 9.75 20.46 2.66
N TRP A 628 10.73 20.86 1.82
CA TRP A 628 11.30 22.20 1.92
C TRP A 628 10.33 23.29 1.50
N GLU A 629 9.32 22.98 0.66
CA GLU A 629 8.33 23.99 0.32
C GLU A 629 7.42 24.30 1.50
N GLU A 630 7.01 23.26 2.24
CA GLU A 630 6.28 23.48 3.48
C GLU A 630 7.12 24.27 4.48
N ALA A 631 8.42 23.95 4.55
CA ALA A 631 9.32 24.71 5.41
C ALA A 631 9.39 26.17 5.00
N LYS A 632 9.45 26.44 3.70
CA LYS A 632 9.49 27.83 3.23
C LYS A 632 8.20 28.57 3.58
N GLU A 633 7.05 27.91 3.39
CA GLU A 633 5.79 28.55 3.75
C GLU A 633 5.71 28.83 5.24
N LEU A 634 6.12 27.86 6.07
CA LEU A 634 6.11 28.06 7.52
C LEU A 634 7.04 29.18 7.92
N ALA A 635 8.22 29.25 7.30
CA ALA A 635 9.17 30.31 7.63
C ALA A 635 8.67 31.68 7.17
N GLN A 636 7.97 31.74 6.03
CA GLN A 636 7.37 33.01 5.61
C GLN A 636 6.31 33.46 6.61
N CYS A 637 5.47 32.52 7.07
CA CYS A 637 4.48 32.88 8.08
C CYS A 637 5.15 33.33 9.37
N ALA A 638 6.23 32.65 9.77
CA ALA A 638 6.96 33.05 10.98
C ALA A 638 7.57 34.43 10.82
N LYS A 639 8.12 34.73 9.65
CA LYS A 639 8.70 36.05 9.42
C LYS A 639 7.64 37.14 9.48
N ARG A 640 6.46 36.88 8.90
CA ARG A 640 5.39 37.86 8.99
C ARG A 640 4.92 38.04 10.43
N ASP A 641 4.87 36.94 11.20
CA ASP A 641 4.53 37.05 12.62
C ASP A 641 5.56 37.88 13.38
N TRP A 642 6.84 37.64 13.10
CA TRP A 642 7.91 38.39 13.76
C TRP A 642 7.82 39.88 13.40
N ASN A 643 7.58 40.19 12.13
CA ASN A 643 7.42 41.59 11.73
C ASN A 643 6.22 42.22 12.40
N ARG A 644 5.12 41.47 12.56
CA ARG A 644 3.97 41.99 13.29
C ARG A 644 4.28 42.22 14.76
N LEU A 645 5.15 41.39 15.35
CA LEU A 645 5.44 41.43 16.77
C LEU A 645 6.59 42.36 17.13
N LYS A 646 7.33 42.87 16.14
CA LYS A 646 8.52 43.67 16.41
C LYS A 646 8.21 44.94 17.20
N ASN A 647 6.97 45.41 17.18
CA ASN A 647 6.60 46.64 17.86
C ASN A 647 6.12 46.42 19.28
N HIS A 648 6.15 45.19 19.78
CA HIS A 648 5.66 44.90 21.13
C HIS A 648 6.57 45.52 22.17
N PRO A 649 6.05 46.35 23.08
CA PRO A 649 6.91 46.96 24.11
C PRO A 649 7.58 45.96 25.03
N SER A 650 7.01 44.77 25.20
CA SER A 650 7.64 43.77 26.07
C SER A 650 9.02 43.38 25.55
N LEU A 651 9.19 43.38 24.22
CA LEU A 651 10.50 43.10 23.63
C LEU A 651 11.55 44.08 24.13
N ARG A 652 11.14 45.30 24.47
CA ARG A 652 12.08 46.30 24.97
C ARG A 652 12.72 45.89 26.29
N CYS A 653 12.15 44.90 26.98
CA CYS A 653 12.81 44.33 28.15
C CYS A 653 13.78 43.21 27.77
N HIS A 654 13.43 42.41 26.75
CA HIS A 654 14.29 41.29 26.36
C HIS A 654 15.65 41.77 25.91
N GLU A 655 15.73 42.93 25.27
CA GLU A 655 16.99 43.49 24.83
C GLU A 655 17.91 43.86 25.99
N ASP A 656 17.38 43.96 27.21
CA ASP A 656 18.19 44.26 28.38
C ASP A 656 18.71 43.02 29.08
N LEU A 657 18.28 41.83 28.66
CA LEU A 657 18.74 40.60 29.28
C LEU A 657 20.19 40.30 28.88
N PRO A 658 20.94 39.63 29.74
CA PRO A 658 22.28 39.17 29.35
C PRO A 658 22.18 38.12 28.25
N LEU A 659 23.25 38.03 27.46
CA LEU A 659 23.22 37.20 26.25
C LEU A 659 22.87 35.75 26.58
N PHE A 660 23.53 35.17 27.58
CA PHE A 660 23.28 33.78 27.94
C PHE A 660 21.86 33.57 28.44
N LEU A 661 21.20 34.62 28.92
CA LEU A 661 19.78 34.54 29.23
C LEU A 661 18.91 35.07 28.09
N ARG A 662 19.43 36.03 27.32
CA ARG A 662 18.69 36.54 26.17
C ARG A 662 18.51 35.50 25.08
N CYS A 663 19.25 34.39 25.12
CA CYS A 663 19.03 33.35 24.12
C CYS A 663 17.76 32.53 24.38
N PHE A 664 16.98 32.87 25.39
CA PHE A 664 15.72 32.20 25.71
C PHE A 664 14.53 33.15 25.59
N THR A 665 14.51 33.95 24.54
CA THR A 665 13.40 34.88 24.32
C THR A 665 12.73 34.59 22.98
N VAL A 666 11.59 35.23 22.76
CA VAL A 666 10.84 35.02 21.52
C VAL A 666 11.61 35.60 20.33
N GLY A 667 12.24 36.75 20.51
CA GLY A 667 13.01 37.35 19.43
C GLY A 667 14.17 36.49 18.99
N TRP A 668 14.85 35.86 19.95
CA TRP A 668 15.96 34.97 19.61
C TRP A 668 15.47 33.78 18.79
N ILE A 669 14.33 33.20 19.19
CA ILE A 669 13.79 32.06 18.47
C ILE A 669 13.35 32.48 17.07
N TYR A 670 12.79 33.68 16.93
CA TYR A 670 12.38 34.13 15.60
C TYR A 670 13.59 34.44 14.72
N THR A 671 14.68 34.93 15.31
CA THR A 671 15.91 35.12 14.53
C THR A 671 16.49 33.79 14.10
N ARG A 672 16.43 32.78 14.97
CA ARG A 672 16.85 31.43 14.59
C ARG A 672 15.96 30.89 13.48
N ILE A 673 14.67 31.16 13.55
CA ILE A 673 13.75 30.76 12.48
C ILE A 673 14.11 31.46 11.18
N LEU A 674 14.50 32.72 11.25
CA LEU A 674 14.92 33.44 10.06
C LEU A 674 16.23 32.88 9.49
N SER A 675 17.13 32.43 10.35
CA SER A 675 18.33 31.74 9.87
C SER A 675 17.97 30.44 9.16
N ARG A 676 17.02 29.68 9.74
CA ARG A 676 16.52 28.49 9.06
C ARG A 676 15.85 28.85 7.73
N PHE A 677 15.20 30.00 7.68
CA PHE A 677 14.61 30.49 6.44
C PHE A 677 15.69 30.78 5.41
N VAL A 678 16.81 31.35 5.85
CA VAL A 678 17.95 31.56 4.97
C VAL A 678 18.46 30.23 4.44
N GLU A 679 18.54 29.22 5.30
CA GLU A 679 18.95 27.89 4.86
C GLU A 679 17.97 27.33 3.83
N ILE A 680 16.67 27.54 4.04
CA ILE A 680 15.67 27.07 3.09
C ILE A 680 15.85 27.77 1.74
N LEU A 681 16.03 29.09 1.77
CA LEU A 681 16.20 29.84 0.53
C LEU A 681 17.45 29.40 -0.22
N GLN A 682 18.55 29.16 0.50
CA GLN A 682 19.75 28.64 -0.14
C GLN A 682 19.49 27.26 -0.74
N ARG A 683 18.71 26.43 -0.05
CA ARG A 683 18.39 25.11 -0.57
C ARG A 683 17.50 25.19 -1.80
N LEU A 684 16.56 26.14 -1.83
CA LEU A 684 15.62 26.27 -2.93
C LEU A 684 16.03 27.32 -3.95
N HIS A 685 17.24 27.88 -3.81
CA HIS A 685 17.91 28.65 -4.87
C HIS A 685 17.25 30.00 -5.16
N MET A 686 16.64 30.64 -4.17
CA MET A 686 16.45 32.08 -4.20
C MET A 686 17.62 32.76 -3.49
N TYR A 687 18.75 32.79 -4.19
CA TYR A 687 19.98 33.30 -3.60
C TYR A 687 19.89 34.80 -3.32
N GLU A 688 19.20 35.55 -4.17
CA GLU A 688 19.02 36.99 -3.92
C GLU A 688 18.17 37.21 -2.67
N GLU A 689 17.09 36.46 -2.51
CA GLU A 689 16.27 36.60 -1.32
C GLU A 689 17.00 36.12 -0.07
N ALA A 690 17.81 35.07 -0.19
CA ALA A 690 18.64 34.65 0.93
C ALA A 690 19.63 35.74 1.32
N VAL A 691 20.21 36.41 0.33
CA VAL A 691 21.12 37.52 0.59
C VAL A 691 20.39 38.65 1.31
N ARG A 692 19.18 38.97 0.86
CA ARG A 692 18.41 40.04 1.52
C ARG A 692 18.08 39.67 2.95
N GLU A 693 17.67 38.41 3.19
CA GLU A 693 17.40 37.98 4.55
C GLU A 693 18.63 38.05 5.43
N LEU A 694 19.79 37.63 4.90
CA LEU A 694 21.02 37.67 5.68
C LEU A 694 21.42 39.12 5.97
N GLU A 695 21.23 40.02 5.01
CA GLU A 695 21.56 41.42 5.24
C GLU A 695 20.65 42.02 6.30
N SER A 696 19.37 41.66 6.29
CA SER A 696 18.46 42.13 7.34
C SER A 696 18.87 41.57 8.69
N LEU A 697 19.27 40.29 8.74
CA LEU A 697 19.69 39.69 10.00
C LEU A 697 20.94 40.36 10.54
N LEU A 698 21.89 40.68 9.66
CA LEU A 698 23.19 41.20 10.07
C LEU A 698 23.11 42.61 10.67
N SER A 699 21.99 43.30 10.51
CA SER A 699 21.78 44.58 11.16
C SER A 699 21.15 44.45 12.53
N GLN A 700 20.83 43.23 12.97
CA GLN A 700 20.21 43.00 14.28
C GLN A 700 21.30 42.48 15.22
N ARG A 701 22.04 43.42 15.81
CA ARG A 701 23.12 43.07 16.73
C ARG A 701 22.61 42.55 18.06
N ILE A 702 21.32 42.63 18.32
CA ILE A 702 20.77 42.23 19.61
C ILE A 702 20.46 40.74 19.65
N TYR A 703 19.98 40.17 18.55
CA TYR A 703 19.55 38.79 18.51
C TYR A 703 20.55 37.94 17.73
N CYS A 704 21.03 36.87 18.35
CA CYS A 704 22.00 35.93 17.79
C CYS A 704 23.24 36.66 17.28
N PRO A 705 24.07 37.23 18.16
CA PRO A 705 25.31 37.85 17.69
C PRO A 705 26.45 36.85 17.56
N ASP A 706 26.37 35.74 18.32
CA ASP A 706 27.45 34.76 18.29
C ASP A 706 27.55 34.07 16.94
N SER A 707 26.41 33.95 16.25
CA SER A 707 26.38 33.28 14.93
C SER A 707 26.64 34.33 13.85
N ARG A 708 26.86 35.59 14.22
CA ARG A 708 27.00 36.66 13.19
C ARG A 708 28.06 36.24 12.18
N GLY A 709 28.94 35.33 12.54
CA GLY A 709 29.95 34.84 11.58
C GLY A 709 29.30 33.95 10.55
N ARG A 710 28.40 33.06 10.98
CA ARG A 710 27.83 32.09 10.01
C ARG A 710 27.18 32.89 8.88
N TRP A 711 26.46 33.94 9.25
CA TRP A 711 25.73 34.74 8.24
C TRP A 711 26.72 35.55 7.44
N TRP A 712 27.76 36.13 8.04
CA TRP A 712 28.67 36.98 7.23
C TRP A 712 29.30 36.10 6.15
N ASP A 713 29.77 34.92 6.55
CA ASP A 713 30.38 33.98 5.58
C ASP A 713 29.38 33.63 4.48
N ARG A 714 28.12 33.35 4.82
CA ARG A 714 27.17 32.90 3.78
C ARG A 714 26.78 34.10 2.89
N LEU A 715 26.76 35.31 3.42
CA LEU A 715 26.47 36.52 2.60
C LEU A 715 27.65 36.69 1.63
N ALA A 716 28.87 36.37 2.06
CA ALA A 716 30.01 36.46 1.12
C ALA A 716 29.88 35.36 0.07
N LEU A 717 29.49 34.15 0.47
CA LEU A 717 29.45 33.02 -0.49
C LEU A 717 28.22 33.25 -1.36
N ASN A 718 27.11 33.67 -0.75
CA ASN A 718 25.95 33.96 -1.59
C ASN A 718 26.12 35.25 -2.38
N LEU A 719 27.24 35.95 -2.21
CA LEU A 719 27.53 37.14 -2.99
C LEU A 719 28.60 36.95 -4.06
N HIS A 720 29.43 35.92 -3.93
CA HIS A 720 30.53 35.71 -4.86
C HIS A 720 30.38 34.42 -5.67
N GLN A 721 30.02 33.32 -5.02
CA GLN A 721 29.94 32.05 -5.74
C GLN A 721 28.61 31.89 -6.47
N HIS A 722 27.50 31.88 -5.73
CA HIS A 722 26.20 31.66 -6.35
C HIS A 722 25.77 32.84 -7.22
N LEU A 723 25.99 34.06 -6.76
CA LEU A 723 25.81 35.26 -7.56
C LEU A 723 27.17 35.90 -7.78
N LYS A 724 27.38 36.46 -8.97
CA LYS A 724 28.71 36.87 -9.40
C LYS A 724 29.01 38.33 -9.09
N ARG A 725 28.43 38.87 -8.03
CA ARG A 725 28.85 40.17 -7.54
C ARG A 725 30.24 40.07 -6.93
N LEU A 726 31.06 41.10 -7.13
CA LEU A 726 32.44 41.04 -6.66
C LEU A 726 32.77 42.16 -5.69
N GLU A 727 32.50 43.42 -6.04
CA GLU A 727 32.75 44.52 -5.12
C GLU A 727 31.91 44.43 -3.85
N PRO A 728 30.60 44.17 -3.92
CA PRO A 728 29.84 43.95 -2.68
C PRO A 728 30.38 42.78 -1.87
N THR A 729 30.91 41.75 -2.52
CA THR A 729 31.52 40.65 -1.79
C THR A 729 32.76 41.12 -1.02
N ILE A 730 33.57 41.98 -1.64
CA ILE A 730 34.74 42.52 -0.96
C ILE A 730 34.31 43.38 0.23
N LYS A 731 33.26 44.18 0.05
CA LYS A 731 32.75 44.98 1.16
C LYS A 731 32.25 44.09 2.29
N CYS A 732 31.55 43.00 1.95
CA CYS A 732 31.08 42.07 2.96
C CYS A 732 32.25 41.42 3.70
N ILE A 733 33.30 41.05 2.97
CA ILE A 733 34.48 40.45 3.59
C ILE A 733 35.12 41.45 4.56
N THR A 734 35.25 42.70 4.14
CA THR A 734 35.86 43.71 5.00
C THR A 734 35.03 43.92 6.27
N GLU A 735 33.71 44.02 6.11
CA GLU A 735 32.85 44.21 7.28
C GLU A 735 32.89 43.01 8.21
N GLY A 736 32.91 41.80 7.65
CA GLY A 736 32.98 40.61 8.48
C GLY A 736 34.27 40.51 9.25
N LEU A 737 35.39 40.78 8.58
CA LEU A 737 36.68 40.75 9.26
C LEU A 737 36.75 41.82 10.33
N ALA A 738 36.20 43.01 10.06
CA ALA A 738 36.14 44.05 11.07
C ALA A 738 35.12 43.77 12.16
N ASP A 739 34.23 42.81 11.97
CA ASP A 739 33.21 42.52 12.96
C ASP A 739 33.81 41.78 14.15
N PRO A 740 33.62 42.25 15.38
CA PRO A 740 34.20 41.56 16.54
C PRO A 740 33.56 40.22 16.85
N GLU A 741 32.38 39.92 16.30
CA GLU A 741 31.68 38.69 16.60
C GLU A 741 32.04 37.54 15.67
N VAL A 742 32.95 37.75 14.73
CA VAL A 742 33.43 36.70 13.83
C VAL A 742 34.75 36.19 14.37
N ARG A 743 34.82 34.90 14.66
CA ARG A 743 36.00 34.34 15.29
C ARG A 743 36.26 32.93 14.79
N THR A 744 37.53 32.52 14.87
CA THR A 744 37.99 31.17 14.52
C THR A 744 37.61 30.86 13.08
N GLY A 745 36.93 29.75 12.79
CA GLY A 745 36.80 29.29 11.42
C GLY A 745 36.11 30.29 10.51
N HIS A 746 34.98 30.83 10.97
CA HIS A 746 34.25 31.79 10.15
C HIS A 746 34.99 33.11 9.97
N ARG A 747 36.05 33.34 10.74
CA ARG A 747 36.94 34.45 10.43
C ARG A 747 37.99 34.04 9.40
N LEU A 748 38.48 32.81 9.50
CA LEU A 748 39.44 32.30 8.51
C LEU A 748 38.79 32.20 7.13
N SER A 749 37.58 31.62 7.07
CA SER A 749 36.93 31.39 5.79
C SER A 749 36.80 32.68 5.00
N LEU A 750 36.23 33.71 5.63
CA LEU A 750 36.15 35.03 4.99
C LEU A 750 37.53 35.45 4.49
N TYR A 751 38.53 35.36 5.36
CA TYR A 751 39.88 35.74 4.96
C TYR A 751 40.34 34.94 3.75
N GLN A 752 40.05 33.63 3.74
CA GLN A 752 40.39 32.84 2.57
C GLN A 752 39.67 33.36 1.34
N ARG A 753 38.36 33.62 1.47
CA ARG A 753 37.64 34.25 0.36
C ARG A 753 38.35 35.53 -0.04
N ALA A 754 38.83 36.29 0.94
CA ALA A 754 39.57 37.52 0.66
C ALA A 754 40.73 37.26 -0.29
N VAL A 755 41.57 36.27 0.03
CA VAL A 755 42.72 36.05 -0.85
C VAL A 755 42.24 35.47 -2.17
N ARG A 756 41.14 34.70 -2.15
CA ARG A 756 40.58 34.21 -3.41
C ARG A 756 40.08 35.35 -4.29
N LEU A 757 39.88 36.53 -3.72
CA LEU A 757 39.56 37.72 -4.49
C LEU A 757 40.75 38.67 -4.61
N ARG A 758 41.83 38.43 -3.88
CA ARG A 758 43.02 39.27 -4.01
C ARG A 758 43.98 38.77 -5.06
N GLU A 759 43.82 37.53 -5.52
CA GLU A 759 44.68 36.95 -6.55
C GLU A 759 43.94 36.63 -7.84
N SER A 760 42.63 36.45 -7.80
CA SER A 760 41.88 36.12 -9.00
C SER A 760 41.90 37.30 -9.98
N PRO A 761 42.00 37.04 -11.28
CA PRO A 761 42.02 38.14 -12.26
C PRO A 761 40.70 38.88 -12.36
N SER A 762 39.59 38.27 -11.95
CA SER A 762 38.29 38.93 -12.05
C SER A 762 38.18 40.13 -11.11
N CYS A 763 38.97 40.18 -10.05
CA CYS A 763 38.93 41.26 -9.08
C CYS A 763 40.22 42.09 -9.08
N LYS A 764 40.91 42.12 -10.22
CA LYS A 764 42.16 42.86 -10.31
C LYS A 764 41.92 44.36 -10.23
N LYS A 765 40.81 44.85 -10.79
CA LYS A 765 40.53 46.28 -10.76
C LYS A 765 40.19 46.75 -9.35
N PHE A 766 39.60 45.87 -8.54
CA PHE A 766 39.26 46.18 -7.16
C PHE A 766 40.52 46.03 -6.30
N LYS A 767 41.33 47.08 -6.31
CA LYS A 767 42.57 47.10 -5.54
C LYS A 767 42.32 47.71 -4.15
N HIS A 768 41.35 47.14 -3.45
CA HIS A 768 41.10 47.61 -2.06
C HIS A 768 41.17 46.42 -1.10
N LEU A 769 40.91 45.22 -1.61
CA LEU A 769 40.92 44.11 -0.66
C LEU A 769 42.28 44.00 0.03
N PHE A 770 43.32 44.58 -0.56
CA PHE A 770 44.63 44.65 0.05
C PHE A 770 44.79 45.90 0.92
N GLN A 771 43.73 46.72 1.03
CA GLN A 771 43.82 47.98 1.76
C GLN A 771 44.31 47.78 3.18
N GLN A 772 43.51 47.10 4.01
CA GLN A 772 43.97 46.78 5.35
C GLN A 772 44.13 45.27 5.52
N LEU A 773 43.03 44.53 5.32
CA LEU A 773 42.99 43.07 5.34
C LEU A 773 43.91 42.50 6.43
N PRO A 774 43.53 42.61 7.72
CA PRO A 774 44.42 42.16 8.78
C PRO A 774 44.91 40.74 8.57
N GLU A 775 46.22 40.60 8.31
CA GLU A 775 46.76 39.32 7.89
C GLU A 775 46.71 38.31 9.02
N MET A 776 46.13 37.14 8.73
CA MET A 776 46.16 36.01 9.64
C MET A 776 46.72 34.82 8.86
N ALA A 777 47.73 34.16 9.42
CA ALA A 777 48.40 33.06 8.77
C ALA A 777 48.45 31.86 9.70
N VAL A 778 48.03 30.70 9.19
CA VAL A 778 48.11 29.45 9.91
C VAL A 778 49.29 28.66 9.36
N GLN A 779 50.25 28.35 10.23
CA GLN A 779 51.42 27.62 9.80
C GLN A 779 51.05 26.20 9.39
N ASP A 780 51.62 25.74 8.29
CA ASP A 780 51.35 24.40 7.82
C ASP A 780 51.89 23.36 8.80
N VAL A 781 51.22 22.21 8.85
CA VAL A 781 51.60 21.13 9.73
C VAL A 781 52.07 19.95 8.89
N LYS A 782 52.75 19.02 9.53
CA LYS A 782 53.27 17.85 8.84
C LYS A 782 52.13 16.98 8.33
N HIS A 783 52.35 16.37 7.17
CA HIS A 783 51.41 15.43 6.58
C HIS A 783 52.08 14.07 6.44
N VAL A 784 51.37 13.02 6.88
CA VAL A 784 51.85 11.66 6.75
C VAL A 784 50.77 10.84 6.05
N THR A 785 51.16 10.06 5.05
CA THR A 785 50.24 9.27 4.24
C THR A 785 50.28 7.81 4.69
N ILE A 786 49.11 7.16 4.59
CA ILE A 786 48.95 5.78 5.03
C ILE A 786 48.17 5.01 3.98
N THR A 787 48.60 3.79 3.70
CA THR A 787 47.90 2.88 2.81
C THR A 787 47.41 1.69 3.61
N GLY A 788 46.12 1.36 3.45
CA GLY A 788 45.56 0.22 4.14
C GLY A 788 44.06 0.09 3.98
N ARG A 789 43.53 -1.11 4.21
CA ARG A 789 42.10 -1.37 4.10
C ARG A 789 41.72 -2.66 4.80
N LEU A 815 37.80 -5.78 9.21
CA LEU A 815 37.23 -4.50 8.82
C LEU A 815 37.25 -3.52 9.99
N CYS A 816 38.19 -2.59 9.96
CA CYS A 816 38.35 -1.60 11.02
C CYS A 816 38.14 -0.20 10.44
N SER A 817 37.84 0.74 11.33
CA SER A 817 37.63 2.12 10.93
C SER A 817 38.95 2.79 10.56
N VAL A 818 38.83 3.94 9.89
CA VAL A 818 40.02 4.68 9.46
C VAL A 818 40.85 5.13 10.66
N GLU A 819 40.17 5.68 11.67
CA GLU A 819 40.86 6.13 12.87
C GLU A 819 41.52 4.97 13.59
N GLU A 820 40.86 3.81 13.60
CA GLU A 820 41.47 2.62 14.21
C GLU A 820 42.71 2.20 13.44
N LEU A 821 42.68 2.29 12.12
CA LEU A 821 43.86 1.96 11.32
C LEU A 821 45.01 2.90 11.63
N ALA A 822 44.72 4.20 11.74
CA ALA A 822 45.77 5.16 12.10
C ALA A 822 46.31 4.90 13.49
N LEU A 823 45.43 4.53 14.42
CA LEU A 823 45.86 4.17 15.77
C LEU A 823 46.79 2.97 15.74
N ALA A 824 46.46 1.96 14.93
CA ALA A 824 47.34 0.81 14.80
C ALA A 824 48.69 1.20 14.22
N HIS A 825 48.69 2.07 13.21
CA HIS A 825 49.94 2.58 12.65
C HIS A 825 50.80 3.22 13.72
N TYR A 826 50.23 4.16 14.47
CA TYR A 826 51.02 4.85 15.48
C TYR A 826 51.39 3.91 16.63
N ARG A 827 50.64 2.82 16.81
CA ARG A 827 51.07 1.78 17.74
C ARG A 827 52.33 1.08 17.25
N ARG A 828 52.41 0.81 15.94
CA ARG A 828 53.62 0.22 15.38
C ARG A 828 54.80 1.18 15.40
N SER A 829 54.52 2.48 15.48
CA SER A 829 55.63 3.45 15.33
C SER A 829 56.24 3.82 16.66
N GLY A 830 55.85 3.11 17.74
CA GLY A 830 56.39 3.38 19.05
C GLY A 830 55.50 4.20 19.96
N PHE A 831 54.22 4.34 19.62
CA PHE A 831 53.24 5.06 20.45
C PHE A 831 52.17 4.06 20.87
N ASP A 832 52.43 3.36 21.97
CA ASP A 832 51.56 2.28 22.43
C ASP A 832 50.17 2.79 22.78
N GLN A 833 50.07 3.66 23.78
CA GLN A 833 48.78 4.17 24.23
C GLN A 833 48.20 5.18 23.25
N GLY A 834 46.93 5.01 22.89
CA GLY A 834 46.29 5.93 21.98
C GLY A 834 44.78 5.93 22.11
N ILE A 835 44.18 7.11 22.14
CA ILE A 835 42.72 7.25 22.27
C ILE A 835 42.20 8.11 21.14
N HIS A 836 40.91 7.90 20.82
CA HIS A 836 40.30 8.65 19.69
C HIS A 836 38.95 9.19 20.12
N GLY A 837 38.95 10.40 20.71
CA GLY A 837 37.67 11.01 21.08
C GLY A 837 37.56 12.42 20.57
N GLU A 838 38.41 12.79 19.61
CA GLU A 838 38.43 14.18 19.09
C GLU A 838 38.37 15.30 20.14
N GLY A 839 37.33 16.13 20.08
CA GLY A 839 37.21 17.22 21.05
C GLY A 839 37.02 16.67 22.45
N SER A 840 36.31 15.57 22.59
CA SER A 840 35.99 15.03 23.95
C SER A 840 37.24 14.66 24.74
N THR A 841 38.40 14.51 24.10
CA THR A 841 39.64 14.21 24.84
C THR A 841 40.15 15.48 25.47
N PHE A 842 40.08 16.61 24.75
CA PHE A 842 40.53 17.90 25.28
C PHE A 842 39.45 18.58 26.10
N SER A 843 38.19 18.47 25.68
CA SER A 843 37.10 19.02 26.47
C SER A 843 36.99 18.32 27.81
N THR A 844 37.13 16.99 27.82
CA THR A 844 37.08 16.25 29.08
C THR A 844 38.24 16.64 29.98
N LEU A 845 39.44 16.80 29.42
CA LEU A 845 40.60 17.19 30.23
C LEU A 845 40.42 18.58 30.80
N TYR A 846 39.89 19.50 29.99
CA TYR A 846 39.62 20.85 30.46
C TYR A 846 38.60 20.85 31.57
N GLY A 847 37.54 20.04 31.43
CA GLY A 847 36.57 19.93 32.50
C GLY A 847 37.16 19.36 33.77
N LEU A 848 37.99 18.32 33.65
CA LEU A 848 38.62 17.74 34.82
C LEU A 848 39.53 18.74 35.53
N LEU A 849 40.25 19.54 34.76
CA LEU A 849 41.17 20.50 35.38
C LEU A 849 40.45 21.71 35.96
N LEU A 850 39.34 22.14 35.37
CA LEU A 850 38.70 23.39 35.77
C LEU A 850 37.26 23.19 36.23
N TRP A 851 36.95 22.02 36.78
CA TRP A 851 35.63 21.81 37.38
C TRP A 851 35.35 22.80 38.50
N ASP A 852 36.37 23.18 39.26
CA ASP A 852 36.16 24.09 40.38
C ASP A 852 35.84 25.51 39.94
N ILE A 853 36.16 25.87 38.69
CA ILE A 853 35.96 27.24 38.24
C ILE A 853 34.77 27.31 37.28
N ILE A 854 34.55 26.26 36.51
CA ILE A 854 33.39 26.22 35.63
C ILE A 854 32.10 26.25 36.46
N PHE A 855 32.05 25.48 37.54
CA PHE A 855 30.88 25.41 38.40
C PHE A 855 31.08 26.22 39.68
N MET A 856 31.78 27.34 39.58
CA MET A 856 32.04 28.18 40.74
C MET A 856 30.81 28.99 41.11
N ASP A 857 30.79 29.47 42.35
CA ASP A 857 29.69 30.24 42.88
C ASP A 857 29.98 31.73 42.78
N GLY A 858 28.93 32.54 42.99
CA GLY A 858 29.03 33.98 42.95
C GLY A 858 28.58 34.60 41.65
N ILE A 859 28.44 33.82 40.59
CA ILE A 859 27.97 34.31 39.30
C ILE A 859 26.45 34.20 39.27
N PRO A 860 25.72 35.30 39.14
CA PRO A 860 24.26 35.23 39.18
C PRO A 860 23.67 34.91 37.81
N ASP A 861 22.43 34.40 37.86
CA ASP A 861 21.61 34.13 36.69
C ASP A 861 22.19 33.06 35.77
N VAL A 862 23.13 32.25 36.27
CA VAL A 862 23.72 31.17 35.47
C VAL A 862 23.37 29.80 35.99
N PHE A 863 22.82 29.69 37.21
CA PHE A 863 22.37 28.42 37.77
C PHE A 863 20.92 28.61 38.18
N ARG A 864 19.99 28.09 37.36
CA ARG A 864 18.56 28.29 37.60
C ARG A 864 17.92 27.07 38.27
N ASN A 865 18.03 25.90 37.65
CA ASN A 865 17.44 24.69 38.22
C ASN A 865 18.51 23.91 38.98
N ALA A 866 18.16 22.71 39.41
CA ALA A 866 19.14 21.77 39.95
C ALA A 866 19.58 20.73 38.93
N CYS A 867 18.79 20.52 37.88
CA CYS A 867 19.16 19.62 36.78
C CYS A 867 19.75 20.41 35.62
N GLN A 868 20.88 21.07 35.90
CA GLN A 868 21.58 21.87 34.91
C GLN A 868 23.01 21.35 34.81
N ALA A 869 23.33 20.72 33.68
CA ALA A 869 24.61 20.06 33.52
C ALA A 869 25.78 21.03 33.31
N PHE A 870 25.51 22.33 33.11
CA PHE A 870 26.57 23.26 32.81
C PHE A 870 26.08 24.67 33.10
N PRO A 871 26.95 25.57 33.56
CA PRO A 871 26.52 26.96 33.73
C PRO A 871 26.16 27.58 32.39
N LEU A 872 25.18 28.49 32.43
CA LEU A 872 24.70 29.12 31.21
C LEU A 872 25.77 30.00 30.54
N ASP A 873 26.81 30.36 31.27
CA ASP A 873 27.88 31.17 30.69
C ASP A 873 28.63 30.44 29.59
N LEU A 874 28.61 29.10 29.61
CA LEU A 874 29.29 28.34 28.57
C LEU A 874 28.65 28.60 27.22
N CYS A 875 29.45 28.38 26.16
CA CYS A 875 29.06 28.74 24.80
C CYS A 875 28.75 30.22 24.67
N THR A 876 29.43 31.04 25.47
CA THR A 876 29.22 32.48 25.48
C THR A 876 30.49 33.13 26.03
N ASP A 877 30.89 34.26 25.45
CA ASP A 877 32.14 34.90 25.83
C ASP A 877 32.16 35.30 27.30
N SER A 878 30.99 35.57 27.89
CA SER A 878 30.93 36.08 29.25
C SER A 878 31.53 35.10 30.25
N PHE A 879 31.71 33.83 29.87
CA PHE A 879 32.35 32.88 30.77
C PHE A 879 33.75 33.33 31.16
N PHE A 880 34.46 34.01 30.26
CA PHE A 880 35.78 34.54 30.60
C PHE A 880 35.73 35.99 31.06
N THR A 881 34.54 36.56 31.19
CA THR A 881 34.38 37.89 31.75
C THR A 881 33.96 37.89 33.21
N SER A 882 33.04 37.01 33.60
CA SER A 882 32.61 36.94 34.99
C SER A 882 33.65 36.28 35.88
N ARG A 883 34.28 35.20 35.41
CA ARG A 883 35.24 34.45 36.19
C ARG A 883 36.68 34.69 35.76
N ARG A 884 36.99 35.88 35.27
CA ARG A 884 38.32 36.16 34.73
C ARG A 884 39.43 35.99 35.75
N PRO A 885 39.31 36.52 37.00
CA PRO A 885 40.41 36.34 37.95
C PRO A 885 40.77 34.89 38.22
N ALA A 886 39.77 34.08 38.58
CA ALA A 886 40.02 32.68 38.91
C ALA A 886 40.52 31.91 37.70
N LEU A 887 39.94 32.17 36.53
CA LEU A 887 40.37 31.46 35.33
C LEU A 887 41.80 31.80 34.97
N GLU A 888 42.17 33.08 35.04
CA GLU A 888 43.55 33.46 34.76
C GLU A 888 44.51 32.85 35.77
N ALA A 889 44.14 32.85 37.05
CA ALA A 889 44.99 32.27 38.07
C ALA A 889 45.21 30.78 37.82
N ARG A 890 44.14 30.05 37.48
CA ARG A 890 44.27 28.62 37.24
C ARG A 890 45.07 28.34 35.98
N LEU A 891 44.82 29.08 34.90
CA LEU A 891 45.53 28.85 33.65
C LEU A 891 47.00 29.27 33.72
N GLN A 892 47.35 30.21 34.59
CA GLN A 892 48.74 30.52 34.86
C GLN A 892 49.39 29.49 35.79
N LEU A 893 48.64 28.94 36.75
CA LEU A 893 49.19 27.91 37.62
C LEU A 893 49.44 26.61 36.87
N ILE A 894 48.56 26.25 35.94
CA ILE A 894 48.77 25.04 35.15
C ILE A 894 49.96 25.22 34.22
N HIS A 895 50.23 26.45 33.78
CA HIS A 895 51.29 26.70 32.81
C HIS A 895 52.65 26.26 33.34
N ASP A 896 52.94 26.55 34.60
CA ASP A 896 54.19 26.17 35.25
C ASP A 896 53.84 25.30 36.47
N ALA A 897 53.68 24.00 36.23
CA ALA A 897 53.31 23.09 37.30
C ALA A 897 53.95 21.72 37.05
N PRO A 898 54.47 21.08 38.09
CA PRO A 898 55.06 19.75 37.92
C PRO A 898 54.01 18.71 37.56
N GLU A 899 54.46 17.63 36.93
CA GLU A 899 53.55 16.57 36.51
C GLU A 899 52.84 15.93 37.70
N GLU A 900 53.51 15.86 38.85
CA GLU A 900 52.87 15.27 40.03
C GLU A 900 51.66 16.09 40.47
N SER A 901 51.78 17.43 40.44
CA SER A 901 50.66 18.28 40.82
C SER A 901 49.48 18.09 39.86
N LEU A 902 49.77 18.00 38.56
CA LEU A 902 48.71 17.78 37.59
C LEU A 902 48.05 16.42 37.79
N ARG A 903 48.85 15.39 38.06
CA ARG A 903 48.30 14.07 38.37
C ARG A 903 47.38 14.13 39.58
N ALA A 904 47.83 14.82 40.64
CA ALA A 904 47.02 14.93 41.84
C ALA A 904 45.72 15.68 41.56
N TRP A 905 45.77 16.75 40.78
CA TRP A 905 44.57 17.51 40.46
C TRP A 905 43.56 16.66 39.70
N VAL A 906 44.03 15.96 38.66
CA VAL A 906 43.12 15.15 37.86
C VAL A 906 42.54 14.01 38.69
N ALA A 907 43.39 13.36 39.51
CA ALA A 907 42.90 12.26 40.33
C ALA A 907 41.88 12.75 41.35
N ALA A 908 42.13 13.90 41.98
CA ALA A 908 41.19 14.44 42.95
C ALA A 908 39.86 14.79 42.29
N THR A 909 39.90 15.42 41.12
CA THR A 909 38.67 15.75 40.42
C THR A 909 37.90 14.49 40.04
N TRP A 910 38.61 13.47 39.53
CA TRP A 910 37.95 12.24 39.14
C TRP A 910 37.32 11.52 40.33
N HIS A 911 38.03 11.48 41.46
CA HIS A 911 37.51 10.80 42.64
C HIS A 911 36.33 11.55 43.25
N GLU A 912 36.47 12.86 43.43
CA GLU A 912 35.42 13.64 44.08
C GLU A 912 34.14 13.66 43.26
N GLN A 913 34.25 13.79 41.94
CA GLN A 913 33.10 13.85 41.04
C GLN A 913 33.22 12.70 40.05
N GLU A 914 32.72 11.53 40.43
CA GLU A 914 32.73 10.36 39.57
C GLU A 914 31.29 10.01 39.21
N GLY A 915 31.00 9.96 37.91
CA GLY A 915 29.67 9.67 37.43
C GLY A 915 28.78 10.87 37.28
N ARG A 916 29.19 12.05 37.75
CA ARG A 916 28.37 13.24 37.62
C ARG A 916 28.36 13.69 36.16
N VAL A 917 27.16 13.89 35.61
CA VAL A 917 27.04 14.29 34.21
C VAL A 917 27.51 15.73 34.05
N ALA A 918 28.07 16.02 32.88
CA ALA A 918 28.50 17.37 32.54
C ALA A 918 28.55 17.49 31.03
N SER A 919 28.30 18.71 30.55
CA SER A 919 28.33 18.95 29.11
C SER A 919 29.72 18.79 28.51
N LEU A 920 30.76 18.87 29.34
CA LEU A 920 32.12 18.79 28.84
C LEU A 920 32.74 17.41 29.11
N VAL A 921 32.75 16.98 30.36
CA VAL A 921 33.46 15.77 30.74
C VAL A 921 32.68 14.55 30.28
N SER A 922 33.34 13.68 29.52
CA SER A 922 32.77 12.40 29.08
C SER A 922 33.54 11.30 29.81
N TRP A 923 32.88 10.66 30.78
CA TRP A 923 33.55 9.68 31.62
C TRP A 923 33.86 8.39 30.88
N ASP A 924 33.30 8.18 29.69
CA ASP A 924 33.61 7.02 28.87
C ASP A 924 34.75 7.27 27.89
N ARG A 925 35.31 8.48 27.87
CA ARG A 925 36.41 8.77 26.96
C ARG A 925 37.69 8.05 27.39
N PHE A 926 38.01 8.12 28.67
CA PHE A 926 39.18 7.42 29.22
C PHE A 926 38.74 6.08 29.79
N THR A 927 39.41 5.02 29.37
CA THR A 927 39.07 3.69 29.88
C THR A 927 39.36 3.56 31.37
N SER A 928 40.30 4.36 31.88
CA SER A 928 40.65 4.31 33.30
C SER A 928 41.29 5.63 33.68
N LEU A 929 41.32 5.89 35.00
CA LEU A 929 41.94 7.11 35.50
C LEU A 929 43.43 7.14 35.22
N GLN A 930 44.07 5.97 35.16
CA GLN A 930 45.50 5.91 34.87
C GLN A 930 45.80 6.46 33.48
N GLN A 931 44.92 6.16 32.51
CA GLN A 931 45.11 6.71 31.17
C GLN A 931 45.03 8.23 31.19
N ALA A 932 44.07 8.79 31.93
CA ALA A 932 43.98 10.24 32.05
C ALA A 932 45.22 10.82 32.69
N GLN A 933 45.73 10.18 33.74
CA GLN A 933 46.93 10.66 34.41
C GLN A 933 48.13 10.66 33.46
N ASP A 934 48.28 9.57 32.70
CA ASP A 934 49.40 9.47 31.76
C ASP A 934 49.27 10.52 30.65
N LEU A 935 48.06 10.72 30.14
CA LEU A 935 47.86 11.72 29.10
C LEU A 935 48.17 13.12 29.62
N VAL A 936 47.74 13.42 30.85
CA VAL A 936 48.03 14.72 31.45
C VAL A 936 49.53 14.91 31.62
N SER A 937 50.23 13.88 32.09
CA SER A 937 51.66 14.00 32.29
C SER A 937 52.38 14.19 30.95
N CYS A 938 51.93 13.50 29.91
CA CYS A 938 52.60 13.59 28.61
C CYS A 938 52.33 14.92 27.92
N LEU A 939 51.08 15.41 28.01
CA LEU A 939 50.75 16.70 27.41
C LEU A 939 51.53 17.84 28.07
N GLY A 940 51.65 17.80 29.38
CA GLY A 940 52.42 18.79 30.10
C GLY A 940 51.58 19.97 30.55
N GLY A 941 52.29 21.04 30.90
CA GLY A 941 51.67 22.24 31.39
C GLY A 941 51.24 23.22 30.31
N PRO A 942 52.19 23.66 29.48
CA PRO A 942 51.84 24.66 28.45
C PRO A 942 50.75 24.22 27.49
N VAL A 943 50.74 22.96 27.08
CA VAL A 943 49.72 22.50 26.13
C VAL A 943 48.35 22.51 26.78
N LEU A 944 48.24 21.97 27.99
CA LEU A 944 46.97 21.97 28.70
C LEU A 944 46.50 23.38 29.01
N SER A 945 47.43 24.25 29.42
CA SER A 945 47.05 25.64 29.68
C SER A 945 46.53 26.31 28.42
N GLY A 946 47.20 26.08 27.29
CA GLY A 946 46.77 26.70 26.05
C GLY A 946 45.39 26.22 25.61
N VAL A 947 45.17 24.91 25.64
CA VAL A 947 43.88 24.39 25.19
C VAL A 947 42.77 24.80 26.15
N CYS A 948 43.04 24.81 27.45
CA CYS A 948 42.03 25.21 28.42
C CYS A 948 41.72 26.70 28.30
N ARG A 949 42.72 27.53 27.99
CA ARG A 949 42.47 28.95 27.79
C ARG A 949 41.66 29.19 26.52
N HIS A 950 41.98 28.46 25.45
CA HIS A 950 41.25 28.65 24.20
C HIS A 950 39.83 28.10 24.30
N LEU A 951 39.59 27.12 25.18
CA LEU A 951 38.23 26.66 25.40
C LEU A 951 37.48 27.54 26.39
N ALA A 952 38.19 28.21 27.30
CA ALA A 952 37.53 29.10 28.25
C ALA A 952 37.08 30.40 27.57
N ALA A 953 37.90 30.92 26.67
CA ALA A 953 37.57 32.13 25.92
C ALA A 953 36.84 31.71 24.65
N ASP A 954 35.57 32.09 24.55
CA ASP A 954 34.75 31.82 23.37
C ASP A 954 34.67 30.32 23.10
N PHE A 955 34.05 29.61 24.05
CA PHE A 955 33.96 28.16 23.96
C PHE A 955 33.16 27.72 22.74
N ARG A 956 32.19 28.51 22.31
CA ARG A 956 31.34 28.09 21.20
C ARG A 956 32.13 27.92 19.91
N HIS A 957 33.04 28.85 19.63
CA HIS A 957 33.81 28.81 18.40
C HIS A 957 35.07 27.97 18.49
N CYS A 958 35.43 27.51 19.69
CA CYS A 958 36.57 26.63 19.88
C CYS A 958 36.16 25.24 20.35
N ARG A 959 34.86 24.93 20.35
CA ARG A 959 34.40 23.64 20.83
C ARG A 959 34.80 22.52 19.88
N GLY A 960 34.68 22.75 18.58
CA GLY A 960 34.93 21.73 17.58
C GLY A 960 36.19 22.00 16.78
N GLY A 961 36.44 21.10 15.83
CA GLY A 961 37.62 21.20 14.99
C GLY A 961 38.90 20.76 15.65
N LEU A 962 38.83 20.00 16.72
CA LEU A 962 40.00 19.53 17.42
C LEU A 962 40.53 18.25 16.77
N PRO A 963 41.82 17.94 16.90
CA PRO A 963 42.35 16.70 16.32
C PRO A 963 41.71 15.45 16.92
N ASP A 964 41.59 14.40 16.13
CA ASP A 964 40.87 13.20 16.56
C ASP A 964 41.67 12.37 17.56
N LEU A 965 42.80 11.82 17.14
CA LEU A 965 43.52 10.86 17.97
C LEU A 965 44.55 11.58 18.82
N VAL A 966 44.67 11.15 20.08
CA VAL A 966 45.80 11.50 20.92
C VAL A 966 46.57 10.20 21.13
N VAL A 967 47.73 10.11 20.50
CA VAL A 967 48.60 8.94 20.59
C VAL A 967 49.89 9.36 21.28
N TRP A 968 50.39 8.49 22.14
CA TRP A 968 51.56 8.82 22.95
C TRP A 968 52.18 7.55 23.51
N ASN A 969 53.45 7.65 23.87
CA ASN A 969 54.16 6.55 24.51
C ASN A 969 54.52 6.92 25.93
N SER A 970 54.33 5.95 26.85
CA SER A 970 54.54 6.23 28.27
C SER A 970 56.01 6.44 28.59
N GLN A 971 56.89 5.54 28.10
CA GLN A 971 58.30 5.61 28.46
C GLN A 971 58.97 6.83 27.85
N SER A 972 58.77 7.05 26.54
CA SER A 972 59.43 8.16 25.87
C SER A 972 58.72 9.48 26.06
N ARG A 973 57.49 9.47 26.57
CA ARG A 973 56.73 10.68 26.86
C ARG A 973 56.56 11.55 25.62
N HIS A 974 56.33 10.87 24.49
CA HIS A 974 56.18 11.58 23.20
C HIS A 974 54.75 11.38 22.71
N PHE A 975 54.10 12.47 22.34
CA PHE A 975 52.72 12.44 21.88
C PHE A 975 52.62 13.13 20.53
N LYS A 976 51.57 12.77 19.79
CA LYS A 976 51.32 13.35 18.46
C LYS A 976 49.81 13.46 18.27
N LEU A 977 49.27 14.64 18.54
CA LEU A 977 47.86 14.89 18.29
C LEU A 977 47.60 14.80 16.79
N VAL A 978 46.92 13.74 16.36
CA VAL A 978 46.81 13.40 14.95
C VAL A 978 45.37 13.64 14.50
N GLU A 979 45.22 14.42 13.43
CA GLU A 979 43.94 14.65 12.79
C GLU A 979 43.88 13.77 11.55
N VAL A 980 43.02 12.75 11.58
CA VAL A 980 42.95 11.78 10.50
C VAL A 980 41.89 12.24 9.50
N LYS A 981 42.30 12.42 8.24
CA LYS A 981 41.38 12.74 7.16
C LYS A 981 41.30 11.53 6.24
N GLY A 982 40.09 11.05 5.98
CA GLY A 982 39.89 9.93 5.10
C GLY A 982 40.19 10.28 3.66
N PRO A 983 40.06 9.29 2.76
CA PRO A 983 40.33 9.56 1.34
C PRO A 983 39.41 10.60 0.74
N ASN A 984 38.23 10.83 1.31
CA ASN A 984 37.31 11.84 0.81
C ASN A 984 36.99 12.86 1.90
N ASP A 985 38.01 13.29 2.64
CA ASP A 985 37.85 14.26 3.72
C ASP A 985 38.75 15.46 3.45
N ARG A 986 38.50 16.54 4.19
CA ARG A 986 39.24 17.77 4.02
C ARG A 986 39.29 18.52 5.34
N LEU A 987 40.33 19.34 5.50
CA LEU A 987 40.53 20.11 6.73
C LEU A 987 39.60 21.31 6.71
N SER A 988 38.63 21.33 7.62
CA SER A 988 37.75 22.48 7.77
C SER A 988 38.53 23.63 8.40
N HIS A 989 37.99 24.85 8.30
CA HIS A 989 38.71 26.01 8.80
C HIS A 989 38.94 25.92 10.30
N LYS A 990 37.96 25.41 11.04
CA LYS A 990 38.14 25.23 12.48
C LYS A 990 39.29 24.28 12.77
N GLN A 991 39.37 23.18 12.01
CA GLN A 991 40.47 22.23 12.20
C GLN A 991 41.82 22.86 11.90
N MET A 992 41.90 23.66 10.82
CA MET A 992 43.15 24.33 10.50
C MET A 992 43.56 25.29 11.61
N ILE A 993 42.59 26.05 12.13
CA ILE A 993 42.89 26.99 13.21
C ILE A 993 43.39 26.24 14.45
N TRP A 994 42.73 25.13 14.79
CA TRP A 994 43.14 24.38 15.98
C TRP A 994 44.51 23.75 15.80
N LEU A 995 44.81 23.22 14.60
CA LEU A 995 46.12 22.64 14.36
C LEU A 995 47.21 23.71 14.44
N ALA A 996 46.96 24.90 13.88
CA ALA A 996 47.93 25.98 13.99
C ALA A 996 48.14 26.39 15.45
N GLU A 997 47.04 26.47 16.21
CA GLU A 997 47.16 26.85 17.62
C GLU A 997 47.96 25.82 18.41
N LEU A 998 47.71 24.54 18.16
CA LEU A 998 48.47 23.49 18.85
C LEU A 998 49.93 23.50 18.41
N GLN A 999 50.21 23.86 17.15
CA GLN A 999 51.59 24.04 16.72
C GLN A 999 52.26 25.17 17.49
N LYS A 1000 51.52 26.26 17.73
CA LYS A 1000 52.08 27.38 18.48
C LYS A 1000 52.41 26.99 19.92
N LEU A 1001 51.67 26.02 20.48
CA LEU A 1001 51.82 25.68 21.88
C LEU A 1001 53.00 24.76 22.16
N GLY A 1002 53.69 24.27 21.13
CA GLY A 1002 54.77 23.34 21.29
C GLY A 1002 54.36 21.88 21.15
N ALA A 1003 53.07 21.59 21.15
CA ALA A 1003 52.60 20.23 20.92
C ALA A 1003 52.92 19.81 19.49
N GLU A 1004 53.14 18.51 19.32
CA GLU A 1004 53.46 17.93 18.02
C GLU A 1004 52.17 17.43 17.37
N VAL A 1005 51.84 17.99 16.21
CA VAL A 1005 50.57 17.70 15.53
C VAL A 1005 50.86 17.45 14.05
N GLU A 1006 50.17 16.46 13.48
CA GLU A 1006 50.30 16.15 12.07
C GLU A 1006 48.99 15.56 11.57
N VAL A 1007 48.82 15.59 10.25
CA VAL A 1007 47.61 15.13 9.59
C VAL A 1007 47.92 13.78 8.94
N CYS A 1008 47.15 12.77 9.30
CA CYS A 1008 47.31 11.42 8.77
C CYS A 1008 46.27 11.19 7.68
N HIS A 1009 46.71 11.22 6.43
CA HIS A 1009 45.82 10.98 5.29
C HIS A 1009 45.82 9.49 4.99
N VAL A 1010 44.69 8.83 5.19
CA VAL A 1010 44.54 7.40 4.94
C VAL A 1010 43.90 7.21 3.58
N VAL A 1011 44.51 6.35 2.76
CA VAL A 1011 44.01 6.07 1.42
C VAL A 1011 43.15 4.81 1.41
N MET E 3 -46.98 -11.56 10.50
CA MET E 3 -47.37 -12.88 10.00
C MET E 3 -47.98 -12.78 8.62
N PHE E 4 -47.15 -12.72 7.58
CA PHE E 4 -47.63 -12.62 6.22
C PHE E 4 -46.94 -13.65 5.35
N GLU E 5 -47.64 -14.10 4.31
CA GLU E 5 -47.17 -15.13 3.39
C GLU E 5 -47.19 -14.58 1.97
N ALA E 6 -46.13 -14.83 1.22
CA ALA E 6 -46.04 -14.38 -0.16
C ALA E 6 -45.43 -15.48 -1.01
N ARG E 7 -46.20 -16.01 -1.95
CA ARG E 7 -45.75 -17.07 -2.85
C ARG E 7 -45.57 -16.52 -4.25
N LEU E 8 -44.56 -17.03 -4.96
CA LEU E 8 -44.26 -16.59 -6.31
C LEU E 8 -43.71 -17.79 -7.07
N VAL E 9 -44.17 -17.97 -8.31
CA VAL E 9 -43.81 -19.16 -9.08
C VAL E 9 -42.44 -18.98 -9.74
N GLN E 10 -42.31 -17.99 -10.62
CA GLN E 10 -41.05 -17.75 -11.34
C GLN E 10 -40.06 -17.07 -10.40
N GLY E 11 -39.56 -17.86 -9.44
CA GLY E 11 -38.83 -17.30 -8.31
C GLY E 11 -37.58 -16.54 -8.69
N SER E 12 -36.96 -16.90 -9.82
CA SER E 12 -35.74 -16.23 -10.25
C SER E 12 -35.94 -14.72 -10.36
N ILE E 13 -37.15 -14.29 -10.71
CA ILE E 13 -37.46 -12.86 -10.77
C ILE E 13 -37.06 -12.18 -9.46
N LEU E 14 -37.53 -12.75 -8.34
CA LEU E 14 -37.16 -12.19 -7.04
C LEU E 14 -35.65 -12.18 -6.86
N LYS E 15 -34.99 -13.29 -7.24
CA LYS E 15 -33.54 -13.33 -7.17
C LYS E 15 -32.92 -12.21 -7.99
N LYS E 16 -33.46 -11.98 -9.20
CA LYS E 16 -32.96 -10.89 -10.02
C LYS E 16 -33.05 -9.56 -9.29
N VAL E 17 -34.14 -9.34 -8.54
CA VAL E 17 -34.27 -8.12 -7.76
C VAL E 17 -33.12 -8.01 -6.77
N LEU E 18 -32.79 -9.12 -6.09
CA LEU E 18 -31.68 -9.09 -5.15
C LEU E 18 -30.34 -8.88 -5.84
N GLU E 19 -30.25 -9.13 -7.14
CA GLU E 19 -29.03 -8.84 -7.86
C GLU E 19 -28.89 -7.34 -8.13
N ALA E 20 -29.99 -6.59 -8.06
CA ALA E 20 -29.97 -5.17 -8.40
C ALA E 20 -29.78 -4.28 -7.18
N LEU E 21 -30.45 -4.58 -6.08
CA LEU E 21 -30.36 -3.74 -4.89
C LEU E 21 -29.06 -3.94 -4.14
N LYS E 22 -28.48 -5.15 -4.21
CA LYS E 22 -27.36 -5.52 -3.35
C LYS E 22 -26.19 -4.54 -3.47
N ASP E 23 -25.85 -4.15 -4.70
CA ASP E 23 -24.74 -3.22 -4.87
C ASP E 23 -25.11 -1.81 -4.43
N LEU E 24 -26.37 -1.42 -4.61
CA LEU E 24 -26.75 -0.03 -4.34
C LEU E 24 -26.93 0.21 -2.85
N ILE E 25 -27.85 -0.52 -2.22
CA ILE E 25 -28.22 -0.30 -0.83
C ILE E 25 -27.82 -1.53 -0.03
N ASN E 26 -27.01 -1.32 1.01
CA ASN E 26 -26.60 -2.44 1.87
C ASN E 26 -27.78 -2.97 2.67
N GLU E 27 -28.66 -2.08 3.13
CA GLU E 27 -29.84 -2.48 3.88
C GLU E 27 -30.98 -1.51 3.56
N ALA E 28 -32.20 -2.02 3.65
CA ALA E 28 -33.36 -1.24 3.25
C ALA E 28 -34.57 -1.65 4.08
N CYS E 29 -35.57 -0.77 4.13
CA CYS E 29 -36.82 -1.04 4.82
C CYS E 29 -37.78 -1.73 3.88
N TRP E 30 -38.30 -2.89 4.31
CA TRP E 30 -39.20 -3.69 3.49
C TRP E 30 -40.63 -3.45 3.95
N ASP E 31 -41.21 -2.34 3.48
CA ASP E 31 -42.57 -2.01 3.85
C ASP E 31 -43.55 -3.04 3.29
N ILE E 32 -44.51 -3.42 4.12
CA ILE E 32 -45.49 -4.45 3.79
C ILE E 32 -46.87 -3.81 3.76
N SER E 33 -47.62 -4.07 2.69
CA SER E 33 -48.97 -3.53 2.56
C SER E 33 -49.82 -4.50 1.77
N SER E 34 -51.14 -4.35 1.91
CA SER E 34 -52.07 -5.21 1.17
C SER E 34 -51.95 -4.98 -0.33
N SER E 35 -51.79 -3.72 -0.75
CA SER E 35 -51.64 -3.42 -2.17
C SER E 35 -50.37 -4.05 -2.73
N GLY E 36 -49.27 -3.96 -1.99
CA GLY E 36 -48.02 -4.53 -2.45
C GLY E 36 -46.90 -4.19 -1.49
N VAL E 37 -45.78 -4.88 -1.67
CA VAL E 37 -44.60 -4.67 -0.84
C VAL E 37 -43.70 -3.64 -1.51
N ASN E 38 -43.31 -2.63 -0.72
CA ASN E 38 -42.47 -1.53 -1.19
C ASN E 38 -41.13 -1.56 -0.48
N LEU E 39 -40.13 -0.96 -1.12
CA LEU E 39 -38.82 -0.78 -0.53
C LEU E 39 -38.57 0.66 -0.12
N GLN E 40 -38.66 1.59 -1.07
CA GLN E 40 -38.62 3.03 -0.80
C GLN E 40 -37.38 3.42 0.00
N SER E 41 -36.23 2.94 -0.45
CA SER E 41 -34.95 3.25 0.19
C SER E 41 -34.08 4.06 -0.75
N MET E 42 -32.98 4.58 -0.20
CA MET E 42 -32.04 5.38 -0.97
C MET E 42 -30.62 4.96 -0.61
N ASP E 43 -29.70 5.24 -1.51
CA ASP E 43 -28.33 4.77 -1.35
C ASP E 43 -27.67 5.44 -0.14
N SER E 44 -26.56 4.85 0.29
CA SER E 44 -25.88 5.31 1.50
C SER E 44 -25.35 6.73 1.34
N SER E 45 -24.80 7.05 0.17
CA SER E 45 -24.16 8.33 -0.06
C SER E 45 -25.13 9.46 -0.38
N HIS E 46 -26.45 9.21 -0.29
CA HIS E 46 -27.46 10.27 -0.35
C HIS E 46 -27.49 10.95 -1.71
N VAL E 47 -27.31 10.19 -2.78
CA VAL E 47 -27.35 10.75 -4.13
C VAL E 47 -28.43 10.08 -4.98
N SER E 48 -28.75 8.82 -4.66
CA SER E 48 -29.66 8.05 -5.50
C SER E 48 -30.73 7.38 -4.65
N LEU E 49 -31.90 7.18 -5.26
CA LEU E 49 -33.02 6.51 -4.64
C LEU E 49 -33.39 5.27 -5.45
N VAL E 50 -33.84 4.23 -4.74
CA VAL E 50 -34.36 3.03 -5.37
C VAL E 50 -35.74 2.75 -4.80
N GLN E 51 -36.73 2.65 -5.68
CA GLN E 51 -38.11 2.37 -5.30
C GLN E 51 -38.53 1.06 -5.94
N LEU E 52 -38.78 0.05 -5.12
CA LEU E 52 -39.18 -1.27 -5.58
C LEU E 52 -40.61 -1.53 -5.15
N THR E 53 -41.47 -1.89 -6.11
CA THR E 53 -42.87 -2.17 -5.81
C THR E 53 -43.22 -3.52 -6.40
N LEU E 54 -43.63 -4.46 -5.54
CA LEU E 54 -44.15 -5.76 -5.98
C LEU E 54 -45.60 -5.84 -5.49
N ARG E 55 -46.55 -5.65 -6.41
CA ARG E 55 -47.95 -5.67 -6.05
C ARG E 55 -48.40 -7.07 -5.64
N SER E 56 -49.39 -7.12 -4.75
CA SER E 56 -49.88 -8.40 -4.25
C SER E 56 -50.64 -9.18 -5.31
N GLU E 57 -51.05 -8.54 -6.40
CA GLU E 57 -51.76 -9.25 -7.45
C GLU E 57 -50.88 -10.34 -8.08
N GLY E 58 -49.62 -10.02 -8.33
CA GLY E 58 -48.70 -11.02 -8.87
C GLY E 58 -48.42 -12.14 -7.88
N PHE E 59 -48.34 -11.80 -6.59
CA PHE E 59 -48.07 -12.80 -5.56
C PHE E 59 -49.33 -13.62 -5.31
N ASP E 60 -49.30 -14.90 -5.66
CA ASP E 60 -50.42 -15.78 -5.33
C ASP E 60 -50.41 -16.08 -3.84
N THR E 61 -51.61 -16.15 -3.26
CA THR E 61 -51.80 -16.39 -1.83
C THR E 61 -51.06 -15.33 -0.99
N TYR E 62 -51.50 -14.08 -1.16
CA TYR E 62 -50.96 -12.96 -0.40
C TYR E 62 -51.93 -12.58 0.71
N ARG E 63 -51.46 -12.68 1.96
CA ARG E 63 -52.24 -12.27 3.11
C ARG E 63 -51.31 -11.64 4.14
N CYS E 64 -51.62 -10.42 4.54
CA CYS E 64 -50.83 -9.71 5.54
C CYS E 64 -51.78 -9.15 6.60
N ASP E 65 -51.48 -9.46 7.87
CA ASP E 65 -52.32 -8.98 8.96
C ASP E 65 -52.17 -7.48 9.16
N ARG E 66 -50.92 -7.00 9.21
CA ARG E 66 -50.65 -5.58 9.45
C ARG E 66 -49.37 -5.20 8.72
N ASN E 67 -49.18 -3.91 8.55
CA ASN E 67 -47.99 -3.41 7.88
C ASN E 67 -46.75 -3.65 8.73
N LEU E 68 -45.67 -4.05 8.07
CA LEU E 68 -44.40 -4.36 8.73
C LEU E 68 -43.29 -3.53 8.11
N ALA E 69 -42.26 -3.26 8.90
CA ALA E 69 -41.07 -2.57 8.44
C ALA E 69 -40.01 -3.55 7.96
N MET E 70 -39.65 -4.52 8.80
CA MET E 70 -38.77 -5.65 8.50
C MET E 70 -37.58 -5.24 7.63
N GLY E 71 -36.75 -4.36 8.19
CA GLY E 71 -35.51 -4.01 7.51
C GLY E 71 -34.63 -5.23 7.30
N VAL E 72 -33.99 -5.28 6.13
CA VAL E 72 -33.27 -6.46 5.69
C VAL E 72 -31.87 -6.05 5.24
N ASN E 73 -30.86 -6.81 5.69
CA ASN E 73 -29.52 -6.68 5.15
C ASN E 73 -29.51 -7.22 3.72
N LEU E 74 -29.33 -6.33 2.74
CA LEU E 74 -29.53 -6.70 1.35
C LEU E 74 -28.51 -7.74 0.89
N THR E 75 -27.24 -7.57 1.27
CA THR E 75 -26.22 -8.53 0.88
C THR E 75 -26.50 -9.91 1.47
N SER E 76 -26.91 -9.95 2.74
CA SER E 76 -27.26 -11.21 3.37
C SER E 76 -28.43 -11.87 2.65
N MET E 77 -29.46 -11.09 2.32
CA MET E 77 -30.60 -11.65 1.61
C MET E 77 -30.21 -12.17 0.23
N SER E 78 -29.31 -11.46 -0.45
CA SER E 78 -28.81 -11.96 -1.73
C SER E 78 -28.07 -13.28 -1.56
N LYS E 79 -27.27 -13.39 -0.50
CA LYS E 79 -26.56 -14.65 -0.24
C LYS E 79 -27.54 -15.78 0.03
N ILE E 80 -28.61 -15.52 0.79
CA ILE E 80 -29.62 -16.54 1.04
C ILE E 80 -30.34 -16.92 -0.26
N LEU E 81 -30.68 -15.92 -1.07
CA LEU E 81 -31.42 -16.20 -2.30
C LEU E 81 -30.57 -16.86 -3.37
N LYS E 82 -29.24 -16.75 -3.28
CA LYS E 82 -28.38 -17.51 -4.18
C LYS E 82 -28.53 -19.01 -3.98
N CYS E 83 -29.13 -19.43 -2.86
CA CYS E 83 -29.26 -20.85 -2.55
C CYS E 83 -30.14 -21.57 -3.56
N ALA E 84 -31.20 -20.91 -4.03
CA ALA E 84 -32.16 -21.53 -4.94
C ALA E 84 -31.65 -21.50 -6.37
N GLY E 85 -32.45 -22.08 -7.27
CA GLY E 85 -32.15 -22.09 -8.68
C GLY E 85 -33.01 -21.10 -9.46
N ASN E 86 -32.83 -21.12 -10.78
CA ASN E 86 -33.54 -20.20 -11.65
C ASN E 86 -34.99 -20.60 -11.89
N GLU E 87 -35.42 -21.79 -11.45
CA GLU E 87 -36.77 -22.26 -11.70
C GLU E 87 -37.55 -22.60 -10.44
N ASP E 88 -36.92 -22.64 -9.29
CA ASP E 88 -37.64 -22.98 -8.06
C ASP E 88 -38.67 -21.89 -7.72
N ILE E 89 -39.83 -22.33 -7.25
CA ILE E 89 -40.84 -21.39 -6.75
C ILE E 89 -40.45 -20.98 -5.34
N ILE E 90 -40.68 -19.71 -5.01
CA ILE E 90 -40.17 -19.12 -3.78
C ILE E 90 -41.33 -18.53 -3.00
N THR E 91 -41.40 -18.84 -1.71
CA THR E 91 -42.37 -18.18 -0.84
C THR E 91 -41.74 -17.78 0.48
N LEU E 92 -42.15 -16.60 0.95
CA LEU E 92 -41.62 -15.98 2.16
C LEU E 92 -42.71 -15.92 3.23
N ARG E 93 -42.31 -16.22 4.46
CA ARG E 93 -43.20 -16.20 5.62
C ARG E 93 -42.59 -15.30 6.68
N ALA E 94 -43.40 -14.41 7.24
CA ALA E 94 -42.98 -13.54 8.32
C ALA E 94 -43.88 -13.75 9.52
N GLU E 95 -43.26 -13.92 10.69
CA GLU E 95 -44.00 -14.17 11.92
C GLU E 95 -44.77 -12.92 12.35
N ASP E 96 -45.68 -13.12 13.30
CA ASP E 96 -46.49 -12.01 13.78
C ASP E 96 -45.62 -10.93 14.42
N ASN E 97 -44.67 -11.34 15.26
CA ASN E 97 -43.76 -10.39 15.90
C ASN E 97 -42.30 -10.82 15.85
N ALA E 98 -41.99 -12.10 15.66
CA ALA E 98 -40.60 -12.54 15.64
C ALA E 98 -39.89 -12.00 14.41
N ASP E 99 -38.64 -11.57 14.59
CA ASP E 99 -37.83 -11.02 13.51
C ASP E 99 -37.07 -12.10 12.74
N THR E 100 -37.81 -13.09 12.24
CA THR E 100 -37.22 -14.20 11.49
C THR E 100 -38.04 -14.39 10.21
N LEU E 101 -37.49 -13.92 9.08
CA LEU E 101 -38.11 -14.12 7.79
C LEU E 101 -37.66 -15.45 7.21
N ALA E 102 -38.62 -16.33 6.93
CA ALA E 102 -38.32 -17.67 6.43
C ALA E 102 -38.62 -17.73 4.94
N LEU E 103 -37.61 -18.11 4.15
CA LEU E 103 -37.75 -18.28 2.72
C LEU E 103 -37.65 -19.76 2.40
N VAL E 104 -38.67 -20.29 1.72
CA VAL E 104 -38.66 -21.70 1.32
C VAL E 104 -38.91 -21.78 -0.18
N PHE E 105 -38.08 -22.59 -0.85
CA PHE E 105 -38.07 -22.75 -2.30
C PHE E 105 -38.36 -24.20 -2.63
N GLU E 106 -39.26 -24.41 -3.58
CA GLU E 106 -39.63 -25.74 -4.06
C GLU E 106 -39.15 -25.94 -5.49
N ALA E 107 -38.73 -27.16 -5.79
CA ALA E 107 -38.14 -27.46 -7.09
C ALA E 107 -39.20 -27.37 -8.19
N PRO E 108 -38.77 -27.11 -9.44
CA PRO E 108 -39.74 -27.09 -10.55
C PRO E 108 -40.49 -28.40 -10.71
N ASN E 109 -39.83 -29.53 -10.47
CA ASN E 109 -40.49 -30.83 -10.46
C ASN E 109 -41.02 -31.19 -9.08
N GLN E 110 -40.89 -30.30 -8.10
CA GLN E 110 -41.40 -30.50 -6.74
C GLN E 110 -40.80 -31.75 -6.10
N GLU E 111 -39.47 -31.76 -6.05
CA GLU E 111 -38.75 -32.84 -5.37
C GLU E 111 -37.64 -32.35 -4.45
N LYS E 112 -37.24 -31.08 -4.53
CA LYS E 112 -36.19 -30.52 -3.68
C LYS E 112 -36.75 -29.28 -3.00
N VAL E 113 -36.90 -29.33 -1.68
CA VAL E 113 -37.46 -28.25 -0.89
C VAL E 113 -36.37 -27.72 0.03
N SER E 114 -36.18 -26.41 0.04
CA SER E 114 -35.12 -25.77 0.81
C SER E 114 -35.70 -24.65 1.66
N ASP E 115 -35.38 -24.63 2.95
CA ASP E 115 -35.87 -23.63 3.89
C ASP E 115 -34.70 -22.91 4.55
N TYR E 116 -34.80 -21.59 4.66
CA TYR E 116 -33.77 -20.79 5.29
C TYR E 116 -34.41 -19.66 6.09
N GLU E 117 -33.65 -19.15 7.06
CA GLU E 117 -34.10 -18.06 7.92
C GLU E 117 -33.02 -16.99 8.00
N MET E 118 -33.45 -15.78 8.34
CA MET E 118 -32.55 -14.63 8.39
C MET E 118 -32.70 -13.90 9.72
N LYS E 119 -31.65 -13.15 10.08
CA LYS E 119 -31.66 -12.41 11.33
C LYS E 119 -32.68 -11.28 11.32
N LEU E 120 -32.86 -10.62 10.18
CA LEU E 120 -33.89 -9.59 10.00
C LEU E 120 -33.70 -8.45 11.02
N MET E 121 -32.57 -7.76 10.87
CA MET E 121 -32.23 -6.66 11.76
C MET E 121 -33.20 -5.50 11.61
N ASP E 122 -33.41 -4.78 12.71
CA ASP E 122 -34.33 -3.64 12.73
C ASP E 122 -33.53 -2.34 12.67
N LEU E 123 -33.97 -1.42 11.82
CA LEU E 123 -33.34 -0.12 11.68
C LEU E 123 -34.41 0.93 11.44
N ASP E 124 -33.97 2.16 11.23
CA ASP E 124 -34.88 3.28 11.04
C ASP E 124 -35.62 3.17 9.71
N VAL E 125 -36.82 3.75 9.64
CA VAL E 125 -37.60 3.73 8.37
C VAL E 125 -37.90 5.17 7.93
N GLU E 126 -37.01 5.77 7.13
CA GLU E 126 -37.19 7.19 6.69
C GLU E 126 -38.23 7.26 5.57
N GLN E 127 -38.64 8.47 5.19
CA GLN E 127 -39.65 8.64 4.10
C GLN E 127 -39.10 9.62 3.05
N LEU E 128 -39.09 9.21 1.77
CA LEU E 128 -38.65 10.10 0.67
C LEU E 128 -39.86 10.31 -0.26
N GLY E 129 -40.40 11.53 -0.31
CA GLY E 129 -41.65 11.78 -1.06
C GLY E 129 -41.58 11.49 -2.55
N ILE E 130 -40.49 11.90 -3.23
CA ILE E 130 -40.47 11.76 -4.72
C ILE E 130 -41.90 12.07 -5.21
N PRO E 131 -42.39 13.31 -5.00
CA PRO E 131 -43.73 13.68 -5.42
C PRO E 131 -43.83 13.63 -6.92
N GLU E 132 -44.93 13.09 -7.44
CA GLU E 132 -45.04 12.89 -8.91
C GLU E 132 -44.84 14.18 -9.69
N GLN E 133 -43.74 14.27 -10.43
CA GLN E 133 -43.43 15.34 -11.37
C GLN E 133 -43.54 14.80 -12.78
N GLU E 134 -44.18 15.56 -13.66
CA GLU E 134 -44.37 15.13 -15.05
C GLU E 134 -43.04 15.21 -15.79
N TYR E 135 -42.45 14.04 -16.07
CA TYR E 135 -41.17 13.99 -16.73
C TYR E 135 -41.34 14.20 -18.24
N SER E 136 -40.24 14.55 -18.89
CA SER E 136 -40.22 14.81 -20.32
C SER E 136 -39.23 13.87 -21.01
N CYS E 137 -39.21 13.94 -22.33
CA CYS E 137 -38.30 13.19 -23.19
C CYS E 137 -38.15 11.74 -22.74
N VAL E 138 -39.29 11.07 -22.59
CA VAL E 138 -39.31 9.68 -22.16
C VAL E 138 -38.71 8.80 -23.25
N VAL E 139 -37.74 7.97 -22.85
CA VAL E 139 -37.04 7.08 -23.77
C VAL E 139 -37.30 5.65 -23.33
N LYS E 140 -37.74 4.81 -24.26
CA LYS E 140 -37.95 3.38 -24.01
C LYS E 140 -36.99 2.61 -24.90
N MET E 141 -36.05 1.90 -24.29
CA MET E 141 -35.00 1.21 -25.03
C MET E 141 -34.74 -0.15 -24.41
N PRO E 142 -34.11 -1.07 -25.16
CA PRO E 142 -33.72 -2.35 -24.56
C PRO E 142 -32.78 -2.14 -23.39
N SER E 143 -32.93 -2.98 -22.36
CA SER E 143 -32.10 -2.84 -21.18
C SER E 143 -30.65 -3.21 -21.43
N GLY E 144 -30.41 -4.20 -22.29
CA GLY E 144 -29.04 -4.61 -22.56
C GLY E 144 -28.23 -3.53 -23.24
N GLU E 145 -28.82 -2.84 -24.22
CA GLU E 145 -28.13 -1.74 -24.88
C GLU E 145 -27.77 -0.64 -23.90
N PHE E 146 -28.73 -0.28 -23.03
CA PHE E 146 -28.47 0.75 -22.04
C PHE E 146 -27.37 0.33 -21.06
N ALA E 147 -27.39 -0.93 -20.62
CA ALA E 147 -26.38 -1.40 -19.68
C ALA E 147 -24.99 -1.41 -20.31
N ARG E 148 -24.88 -1.88 -21.55
CA ARG E 148 -23.56 -1.90 -22.19
C ARG E 148 -23.10 -0.50 -22.54
N ILE E 149 -24.02 0.42 -22.84
CA ILE E 149 -23.65 1.82 -23.05
C ILE E 149 -23.07 2.40 -21.76
N CYS E 150 -23.74 2.11 -20.63
CA CYS E 150 -23.24 2.59 -19.34
C CYS E 150 -21.86 2.02 -19.04
N ARG E 151 -21.66 0.72 -19.30
CA ARG E 151 -20.36 0.12 -19.06
C ARG E 151 -19.29 0.74 -19.95
N ASP E 152 -19.60 0.95 -21.24
CA ASP E 152 -18.64 1.54 -22.16
C ASP E 152 -18.25 2.95 -21.72
N LEU E 153 -19.22 3.75 -21.27
CA LEU E 153 -18.90 5.09 -20.80
C LEU E 153 -18.15 5.06 -19.48
N SER E 154 -18.45 4.10 -18.61
CA SER E 154 -17.71 3.98 -17.37
C SER E 154 -16.27 3.51 -17.61
N HIS E 155 -16.00 2.91 -18.76
CA HIS E 155 -14.63 2.57 -19.12
C HIS E 155 -13.74 3.80 -19.26
N ILE E 156 -14.33 4.97 -19.49
CA ILE E 156 -13.56 6.18 -19.78
C ILE E 156 -13.45 7.07 -18.55
N GLY E 157 -14.58 7.57 -18.07
CA GLY E 157 -14.57 8.56 -17.02
C GLY E 157 -15.52 8.29 -15.86
N ASP E 158 -15.68 9.28 -14.99
CA ASP E 158 -16.50 9.16 -13.78
C ASP E 158 -17.73 10.05 -13.82
N ALA E 159 -18.12 10.53 -14.99
CA ALA E 159 -19.30 11.39 -15.11
C ALA E 159 -19.96 11.13 -16.47
N VAL E 160 -21.24 11.48 -16.56
CA VAL E 160 -21.99 11.31 -17.79
C VAL E 160 -22.92 12.50 -17.96
N VAL E 161 -23.23 12.82 -19.20
CA VAL E 161 -24.22 13.84 -19.54
C VAL E 161 -25.21 13.22 -20.52
N ILE E 162 -26.49 13.52 -20.35
CA ILE E 162 -27.55 12.98 -21.19
C ILE E 162 -28.33 14.15 -21.78
N SER E 163 -28.49 14.15 -23.10
CA SER E 163 -29.25 15.17 -23.82
C SER E 163 -30.23 14.50 -24.76
N CYS E 164 -31.48 14.92 -24.73
CA CYS E 164 -32.52 14.36 -25.57
C CYS E 164 -33.07 15.45 -26.48
N ALA E 165 -33.15 15.15 -27.78
CA ALA E 165 -33.68 16.07 -28.77
C ALA E 165 -34.58 15.30 -29.73
N LYS E 166 -35.09 16.00 -30.74
CA LYS E 166 -35.99 15.36 -31.70
C LYS E 166 -35.29 14.26 -32.48
N ASP E 167 -33.98 14.37 -32.69
CA ASP E 167 -33.25 13.36 -33.43
C ASP E 167 -33.08 12.08 -32.62
N GLY E 168 -32.96 12.19 -31.30
CA GLY E 168 -32.82 11.00 -30.47
C GLY E 168 -32.27 11.36 -29.09
N VAL E 169 -31.58 10.39 -28.49
CA VAL E 169 -30.96 10.55 -27.18
C VAL E 169 -29.45 10.42 -27.34
N LYS E 170 -28.72 11.13 -26.49
CA LYS E 170 -27.27 11.19 -26.60
C LYS E 170 -26.66 11.17 -25.21
N PHE E 171 -25.86 10.15 -24.94
CA PHE E 171 -25.03 10.09 -23.75
C PHE E 171 -23.63 10.56 -24.10
N SER E 172 -22.91 11.09 -23.12
CA SER E 172 -21.54 11.51 -23.36
C SER E 172 -20.75 11.46 -22.07
N ALA E 173 -19.44 11.26 -22.22
CA ALA E 173 -18.54 11.17 -21.07
C ALA E 173 -17.14 11.56 -21.52
N SER E 174 -16.56 12.55 -20.85
CA SER E 174 -15.20 13.00 -21.13
C SER E 174 -14.34 12.77 -19.89
N GLY E 175 -13.19 12.12 -20.09
CA GLY E 175 -12.26 11.87 -19.02
C GLY E 175 -10.86 12.28 -19.39
N GLU E 176 -9.95 12.09 -18.43
CA GLU E 176 -8.54 12.40 -18.70
C GLU E 176 -7.98 11.51 -19.80
N LEU E 177 -8.34 10.22 -19.79
CA LEU E 177 -7.86 9.32 -20.83
C LEU E 177 -8.41 9.70 -22.19
N GLY E 178 -9.68 10.05 -22.27
CA GLY E 178 -10.27 10.40 -23.55
C GLY E 178 -11.69 10.88 -23.41
N ASN E 179 -12.35 11.04 -24.56
CA ASN E 179 -13.72 11.53 -24.63
C ASN E 179 -14.51 10.57 -25.51
N GLY E 180 -15.80 10.43 -25.21
CA GLY E 180 -16.66 9.57 -26.01
C GLY E 180 -18.11 9.95 -25.82
N ASN E 181 -18.94 9.45 -26.74
CA ASN E 181 -20.38 9.70 -26.66
C ASN E 181 -21.12 8.62 -27.45
N ILE E 182 -22.38 8.43 -27.07
CA ILE E 182 -23.28 7.46 -27.68
C ILE E 182 -24.49 8.20 -28.21
N LYS E 183 -24.86 7.89 -29.46
CA LYS E 183 -26.04 8.48 -30.09
C LYS E 183 -27.01 7.37 -30.43
N LEU E 184 -28.26 7.52 -30.00
CA LEU E 184 -29.33 6.59 -30.32
C LEU E 184 -30.47 7.34 -30.97
N SER E 185 -31.02 6.77 -32.04
CA SER E 185 -32.10 7.38 -32.80
C SER E 185 -33.34 6.49 -32.75
N GLN E 186 -34.50 7.13 -32.71
CA GLN E 186 -35.76 6.41 -32.71
C GLN E 186 -35.91 5.59 -33.99
N THR E 187 -36.27 4.32 -33.84
CA THR E 187 -36.40 3.42 -34.98
C THR E 187 -37.85 3.06 -35.31
N SER E 188 -38.73 2.99 -34.31
CA SER E 188 -40.14 2.68 -34.50
C SER E 188 -40.31 1.38 -35.29
N ASN E 189 -39.84 0.28 -34.69
CA ASN E 189 -39.94 -1.03 -35.32
C ASN E 189 -41.39 -1.39 -35.57
N VAL E 190 -41.66 -1.95 -36.74
CA VAL E 190 -43.02 -2.41 -37.06
C VAL E 190 -43.39 -3.59 -36.18
N ASP E 191 -42.47 -4.54 -36.02
CA ASP E 191 -42.74 -5.72 -35.20
C ASP E 191 -42.62 -5.42 -33.71
N LYS E 192 -41.74 -4.48 -33.33
CA LYS E 192 -41.50 -4.13 -31.93
C LYS E 192 -41.08 -5.36 -31.12
N GLU E 193 -39.96 -5.95 -31.52
CA GLU E 193 -39.41 -7.10 -30.81
C GLU E 193 -38.54 -6.57 -29.66
N GLU E 194 -39.12 -5.70 -28.83
CA GLU E 194 -38.45 -5.13 -27.65
C GLU E 194 -37.14 -4.44 -28.01
N GLU E 195 -36.96 -4.06 -29.27
CA GLU E 195 -35.75 -3.37 -29.71
C GLU E 195 -36.03 -1.92 -30.13
N ALA E 196 -37.26 -1.44 -29.98
CA ALA E 196 -37.60 -0.09 -30.37
C ALA E 196 -36.91 0.92 -29.46
N VAL E 197 -36.45 2.02 -30.05
CA VAL E 197 -35.82 3.10 -29.31
C VAL E 197 -36.69 4.34 -29.46
N THR E 198 -38.01 4.13 -29.55
CA THR E 198 -38.94 5.24 -29.73
C THR E 198 -38.87 6.21 -28.57
N ILE E 199 -38.80 7.50 -28.89
CA ILE E 199 -38.71 8.57 -27.91
C ILE E 199 -39.80 9.59 -28.19
N GLU E 200 -40.54 9.97 -27.15
CA GLU E 200 -41.45 11.10 -27.22
C GLU E 200 -40.72 12.37 -26.85
N MET E 201 -40.93 13.43 -27.62
CA MET E 201 -40.21 14.69 -27.46
C MET E 201 -41.17 15.76 -26.99
N ASN E 202 -40.85 16.40 -25.86
CA ASN E 202 -41.65 17.50 -25.35
C ASN E 202 -40.76 18.70 -25.01
N GLU E 203 -39.51 18.43 -24.64
CA GLU E 203 -38.59 19.50 -24.27
C GLU E 203 -37.14 19.05 -24.44
N PRO E 204 -36.33 19.78 -25.21
CA PRO E 204 -34.90 19.43 -25.41
C PRO E 204 -34.02 19.78 -24.22
N VAL E 205 -33.98 18.88 -23.24
CA VAL E 205 -33.25 19.09 -22.01
C VAL E 205 -31.92 18.35 -22.07
N GLN E 206 -31.01 18.74 -21.18
CA GLN E 206 -29.70 18.10 -21.05
C GLN E 206 -29.25 18.24 -19.60
N LEU E 207 -28.75 17.15 -19.03
CA LEU E 207 -28.40 17.19 -17.62
C LEU E 207 -27.34 16.14 -17.31
N THR E 208 -26.61 16.36 -16.22
CA THR E 208 -25.40 15.64 -15.88
C THR E 208 -25.60 14.74 -14.66
N PHE E 209 -24.93 13.60 -14.65
CA PHE E 209 -25.01 12.63 -13.55
C PHE E 209 -23.65 11.99 -13.33
N ALA E 210 -23.55 11.25 -12.22
CA ALA E 210 -22.41 10.37 -12.01
C ALA E 210 -22.63 9.06 -12.76
N LEU E 211 -21.54 8.32 -12.96
CA LEU E 211 -21.58 7.12 -13.78
C LEU E 211 -21.51 5.81 -13.01
N ARG E 212 -20.91 5.81 -11.81
CA ARG E 212 -20.91 4.58 -11.01
C ARG E 212 -22.33 4.17 -10.63
N TYR E 213 -23.16 5.14 -10.26
CA TYR E 213 -24.54 4.83 -9.91
C TYR E 213 -25.33 4.31 -11.10
N LEU E 214 -25.00 4.78 -12.30
CA LEU E 214 -25.62 4.20 -13.50
C LEU E 214 -25.25 2.73 -13.63
N ASN E 215 -23.98 2.39 -13.34
CA ASN E 215 -23.56 1.01 -13.37
C ASN E 215 -24.31 0.17 -12.33
N PHE E 216 -24.50 0.73 -11.14
CA PHE E 216 -25.26 0.01 -10.12
C PHE E 216 -26.72 -0.14 -10.52
N PHE E 217 -27.27 0.83 -11.25
CA PHE E 217 -28.64 0.71 -11.75
C PHE E 217 -28.74 -0.35 -12.84
N THR E 218 -27.70 -0.52 -13.64
CA THR E 218 -27.72 -1.49 -14.74
C THR E 218 -27.81 -2.93 -14.26
N LYS E 219 -27.61 -3.19 -12.97
CA LYS E 219 -27.69 -4.55 -12.45
C LYS E 219 -29.11 -5.09 -12.44
N ALA E 220 -30.11 -4.26 -12.73
CA ALA E 220 -31.50 -4.69 -12.80
C ALA E 220 -31.91 -5.13 -14.20
N THR E 221 -30.97 -5.20 -15.14
CA THR E 221 -31.30 -5.55 -16.52
C THR E 221 -32.01 -6.89 -16.67
N PRO E 222 -31.62 -7.97 -15.98
CA PRO E 222 -32.32 -9.26 -16.19
C PRO E 222 -33.80 -9.23 -15.84
N LEU E 223 -34.27 -8.20 -15.12
CA LEU E 223 -35.68 -8.17 -14.72
C LEU E 223 -36.60 -8.08 -15.94
N SER E 224 -36.27 -7.23 -16.90
CA SER E 224 -37.09 -7.09 -18.09
C SER E 224 -36.24 -6.51 -19.22
N SER E 225 -36.73 -6.71 -20.44
CA SER E 225 -35.99 -6.25 -21.62
C SER E 225 -36.06 -4.72 -21.77
N THR E 226 -37.22 -4.13 -21.49
CA THR E 226 -37.44 -2.72 -21.73
C THR E 226 -37.09 -1.89 -20.51
N VAL E 227 -36.46 -0.73 -20.75
CA VAL E 227 -36.11 0.22 -19.70
C VAL E 227 -36.55 1.60 -20.15
N THR E 228 -37.12 2.36 -19.21
CA THR E 228 -37.62 3.71 -19.47
C THR E 228 -36.75 4.71 -18.74
N LEU E 229 -36.14 5.63 -19.48
CA LEU E 229 -35.33 6.71 -18.93
C LEU E 229 -36.05 8.03 -19.19
N SER E 230 -36.29 8.78 -18.12
CA SER E 230 -36.99 10.05 -18.21
C SER E 230 -36.25 11.12 -17.42
N MET E 231 -36.26 12.34 -17.95
CA MET E 231 -35.57 13.46 -17.32
C MET E 231 -36.13 14.76 -17.87
N SER E 232 -35.74 15.86 -17.22
CA SER E 232 -36.14 17.21 -17.64
C SER E 232 -35.02 18.16 -17.26
N ALA E 233 -35.33 19.45 -17.23
CA ALA E 233 -34.30 20.46 -17.02
C ALA E 233 -33.61 20.31 -15.67
N ASP E 234 -34.37 20.06 -14.60
CA ASP E 234 -33.82 20.00 -13.26
C ASP E 234 -34.21 18.75 -12.48
N VAL E 235 -35.20 17.99 -12.94
CA VAL E 235 -35.69 16.83 -12.20
C VAL E 235 -34.67 15.70 -12.24
N PRO E 236 -34.68 14.80 -11.26
CA PRO E 236 -33.74 13.67 -11.28
C PRO E 236 -34.06 12.70 -12.43
N LEU E 237 -33.01 12.00 -12.87
CA LEU E 237 -33.19 10.98 -13.89
C LEU E 237 -33.93 9.78 -13.31
N VAL E 238 -34.86 9.23 -14.10
CA VAL E 238 -35.68 8.10 -13.68
C VAL E 238 -35.42 6.95 -14.63
N VAL E 239 -35.06 5.79 -14.07
CA VAL E 239 -34.76 4.58 -14.82
C VAL E 239 -35.69 3.49 -14.29
N GLU E 240 -36.68 3.11 -15.10
CA GLU E 240 -37.71 2.17 -14.69
C GLU E 240 -37.60 0.86 -15.45
N TYR E 241 -37.60 -0.25 -14.72
CA TYR E 241 -37.72 -1.59 -15.29
C TYR E 241 -39.02 -2.20 -14.79
N LYS E 242 -39.85 -2.66 -15.72
CA LYS E 242 -41.04 -3.39 -15.34
C LYS E 242 -40.69 -4.79 -14.85
N ILE E 243 -41.63 -5.43 -14.18
CA ILE E 243 -41.41 -6.77 -13.63
C ILE E 243 -42.65 -7.62 -13.86
N ALA E 244 -42.61 -8.49 -14.87
CA ALA E 244 -43.59 -9.55 -15.07
C ALA E 244 -45.02 -9.03 -15.06
N ASP E 245 -45.22 -7.77 -15.47
CA ASP E 245 -46.50 -7.09 -15.47
C ASP E 245 -47.13 -7.02 -14.09
N MET E 246 -46.38 -7.34 -13.04
CA MET E 246 -46.88 -7.30 -11.67
C MET E 246 -46.24 -6.22 -10.81
N GLY E 247 -45.02 -5.81 -11.13
CA GLY E 247 -44.38 -4.77 -10.34
C GLY E 247 -43.40 -3.92 -11.12
N HIS E 248 -42.62 -3.10 -10.41
CA HIS E 248 -41.62 -2.28 -11.08
C HIS E 248 -40.47 -1.98 -10.13
N LEU E 249 -39.34 -1.61 -10.73
CA LEU E 249 -38.16 -1.17 -10.00
C LEU E 249 -37.66 0.12 -10.65
N LYS E 250 -37.59 1.19 -9.87
CA LYS E 250 -37.25 2.51 -10.36
C LYS E 250 -36.01 3.01 -9.65
N TYR E 251 -35.08 3.59 -10.40
CA TYR E 251 -33.88 4.20 -9.86
C TYR E 251 -33.91 5.69 -10.21
N TYR E 252 -33.86 6.54 -9.20
CA TYR E 252 -33.81 7.97 -9.39
C TYR E 252 -32.41 8.46 -9.05
N LEU E 253 -31.82 9.25 -9.94
CA LEU E 253 -30.48 9.79 -9.73
C LEU E 253 -30.52 11.31 -9.75
N ALA E 254 -29.89 11.92 -8.75
CA ALA E 254 -29.82 13.35 -8.64
C ALA E 254 -28.83 13.92 -9.66
N PRO E 255 -28.96 15.21 -9.99
CA PRO E 255 -27.99 15.84 -10.89
C PRO E 255 -26.57 15.80 -10.33
N LYS E 256 -25.60 15.74 -11.25
CA LYS E 256 -24.20 15.74 -10.86
C LYS E 256 -23.82 17.05 -10.18
N ILE E 257 -24.28 18.18 -10.71
CA ILE E 257 -23.96 19.48 -10.14
C ILE E 257 -24.76 19.73 -8.88
N GLU E 258 -24.07 20.04 -7.79
N MET F 3 -6.49 14.96 -42.98
CA MET F 3 -7.70 14.16 -43.04
C MET F 3 -7.39 12.69 -43.31
N PHE F 4 -8.15 11.80 -42.67
CA PHE F 4 -7.95 10.37 -42.83
C PHE F 4 -9.15 9.59 -42.29
N GLU F 5 -9.65 8.65 -43.09
CA GLU F 5 -10.76 7.78 -42.69
C GLU F 5 -10.43 6.34 -43.03
N ALA F 6 -10.87 5.43 -42.17
CA ALA F 6 -10.63 4.00 -42.38
C ALA F 6 -11.80 3.24 -41.77
N ARG F 7 -12.71 2.76 -42.62
CA ARG F 7 -13.91 2.07 -42.17
C ARG F 7 -13.70 0.57 -42.34
N LEU F 8 -13.80 -0.18 -41.24
CA LEU F 8 -13.64 -1.63 -41.25
C LEU F 8 -14.90 -2.27 -40.73
N VAL F 9 -15.53 -3.10 -41.57
CA VAL F 9 -16.77 -3.77 -41.18
C VAL F 9 -16.51 -4.78 -40.07
N GLN F 10 -15.42 -5.54 -40.17
CA GLN F 10 -15.08 -6.55 -39.17
C GLN F 10 -14.29 -5.90 -38.04
N GLY F 11 -15.04 -5.22 -37.16
CA GLY F 11 -14.41 -4.59 -36.01
C GLY F 11 -13.85 -5.57 -35.01
N SER F 12 -14.37 -6.79 -34.97
CA SER F 12 -13.81 -7.81 -34.09
C SER F 12 -12.37 -8.11 -34.46
N ILE F 13 -12.02 -7.98 -35.74
CA ILE F 13 -10.63 -8.19 -36.15
C ILE F 13 -9.72 -7.17 -35.47
N LEU F 14 -10.10 -5.89 -35.52
CA LEU F 14 -9.32 -4.87 -34.85
C LEU F 14 -9.29 -5.09 -33.35
N LYS F 15 -10.43 -5.48 -32.78
CA LYS F 15 -10.48 -5.75 -31.34
C LYS F 15 -9.47 -6.82 -30.95
N LYS F 16 -9.45 -7.94 -31.68
CA LYS F 16 -8.56 -9.03 -31.29
C LYS F 16 -7.10 -8.71 -31.60
N VAL F 17 -6.82 -7.98 -32.69
CA VAL F 17 -5.43 -7.67 -33.00
C VAL F 17 -4.85 -6.72 -31.96
N LEU F 18 -5.66 -5.77 -31.46
CA LEU F 18 -5.16 -4.92 -30.39
C LEU F 18 -5.26 -5.58 -29.01
N GLU F 19 -6.04 -6.65 -28.88
CA GLU F 19 -5.95 -7.46 -27.66
C GLU F 19 -4.65 -8.26 -27.63
N ALA F 20 -4.16 -8.69 -28.80
CA ALA F 20 -2.89 -9.39 -28.85
C ALA F 20 -1.73 -8.51 -28.41
N LEU F 21 -1.72 -7.24 -28.83
CA LEU F 21 -0.67 -6.30 -28.48
C LEU F 21 -0.95 -5.56 -27.17
N LYS F 22 -1.84 -6.07 -26.33
CA LYS F 22 -2.21 -5.36 -25.11
C LYS F 22 -1.03 -5.21 -24.17
N ASP F 23 -0.27 -6.29 -23.97
CA ASP F 23 0.86 -6.27 -23.05
C ASP F 23 2.20 -6.42 -23.73
N LEU F 24 2.23 -6.71 -25.03
CA LEU F 24 3.51 -6.78 -25.74
C LEU F 24 4.20 -5.44 -25.78
N ILE F 25 3.45 -4.37 -26.01
CA ILE F 25 3.99 -3.02 -26.15
C ILE F 25 3.12 -2.05 -25.37
N ASN F 26 3.76 -1.07 -24.74
CA ASN F 26 3.01 -0.06 -24.01
C ASN F 26 2.57 1.08 -24.92
N GLU F 27 3.49 1.62 -25.71
CA GLU F 27 3.19 2.70 -26.64
C GLU F 27 3.77 2.35 -28.01
N ALA F 28 2.99 2.61 -29.07
CA ALA F 28 3.44 2.36 -30.42
C ALA F 28 2.64 3.25 -31.37
N CYS F 29 3.14 3.39 -32.59
CA CYS F 29 2.55 4.27 -33.59
C CYS F 29 1.99 3.47 -34.75
N TRP F 30 0.88 3.95 -35.30
CA TRP F 30 0.19 3.32 -36.42
C TRP F 30 0.58 4.05 -37.69
N ASP F 31 1.68 3.62 -38.31
CA ASP F 31 2.13 4.23 -39.55
C ASP F 31 1.11 3.96 -40.66
N ILE F 32 0.71 5.01 -41.37
CA ILE F 32 -0.32 4.91 -42.40
C ILE F 32 0.21 5.58 -43.67
N SER F 33 0.07 4.90 -44.80
CA SER F 33 0.43 5.44 -46.10
C SER F 33 -0.63 5.01 -47.09
N SER F 34 -0.39 5.28 -48.38
CA SER F 34 -1.31 4.83 -49.42
C SER F 34 -1.37 3.31 -49.47
N SER F 35 -0.28 2.63 -49.09
CA SER F 35 -0.28 1.17 -49.07
C SER F 35 -1.26 0.65 -48.03
N GLY F 36 -1.31 1.26 -46.87
CA GLY F 36 -2.22 0.84 -45.82
C GLY F 36 -1.66 1.19 -44.46
N VAL F 37 -2.04 0.38 -43.47
CA VAL F 37 -1.66 0.59 -42.08
C VAL F 37 -0.56 -0.39 -41.72
N ASN F 38 0.61 0.14 -41.35
CA ASN F 38 1.74 -0.66 -40.93
C ASN F 38 2.16 -0.24 -39.53
N LEU F 39 2.60 -1.22 -38.74
CA LEU F 39 3.01 -0.99 -37.37
C LEU F 39 4.31 -1.77 -37.13
N GLN F 40 5.41 -1.05 -37.01
CA GLN F 40 6.71 -1.62 -36.66
C GLN F 40 7.04 -1.13 -35.26
N SER F 41 6.89 -2.00 -34.26
CA SER F 41 6.95 -1.59 -32.87
C SER F 41 8.02 -2.37 -32.12
N MET F 42 8.74 -1.66 -31.25
CA MET F 42 9.77 -2.25 -30.41
C MET F 42 9.14 -2.61 -29.07
N ASP F 43 9.17 -3.88 -28.71
CA ASP F 43 8.47 -4.36 -27.53
C ASP F 43 9.09 -3.80 -26.26
N SER F 44 8.30 -3.84 -25.18
CA SER F 44 8.81 -3.43 -23.88
C SER F 44 9.99 -4.30 -23.46
N SER F 45 9.87 -5.61 -23.65
CA SER F 45 11.03 -6.47 -23.53
C SER F 45 12.00 -6.22 -24.68
N HIS F 46 13.30 -6.39 -24.38
CA HIS F 46 14.35 -6.07 -25.34
C HIS F 46 14.81 -7.28 -26.15
N VAL F 47 13.92 -8.25 -26.40
CA VAL F 47 14.28 -9.43 -27.17
C VAL F 47 13.25 -9.71 -28.24
N SER F 48 12.28 -8.81 -28.41
CA SER F 48 11.16 -9.06 -29.30
C SER F 48 10.80 -7.81 -30.09
N LEU F 49 10.16 -8.04 -31.23
CA LEU F 49 9.73 -7.00 -32.17
C LEU F 49 8.36 -7.37 -32.72
N VAL F 50 7.58 -6.36 -33.11
CA VAL F 50 6.22 -6.56 -33.60
C VAL F 50 6.09 -5.90 -34.97
N GLN F 51 5.53 -6.61 -35.94
CA GLN F 51 5.32 -6.09 -37.29
C GLN F 51 3.92 -6.47 -37.75
N LEU F 52 3.00 -5.52 -37.74
CA LEU F 52 1.63 -5.73 -38.22
C LEU F 52 1.46 -5.01 -39.56
N THR F 53 0.96 -5.73 -40.56
CA THR F 53 0.77 -5.15 -41.88
C THR F 53 -0.68 -5.33 -42.31
N LEU F 54 -1.27 -4.28 -42.85
CA LEU F 54 -2.60 -4.33 -43.44
C LEU F 54 -2.62 -3.41 -44.65
N ARG F 55 -3.16 -3.88 -45.76
CA ARG F 55 -3.21 -3.07 -46.97
C ARG F 55 -4.36 -2.06 -46.87
N SER F 56 -4.60 -1.35 -47.97
CA SER F 56 -5.69 -0.40 -48.04
C SER F 56 -6.90 -0.92 -48.79
N GLU F 57 -6.85 -2.16 -49.28
CA GLU F 57 -7.94 -2.69 -50.09
C GLU F 57 -9.17 -3.00 -49.25
N GLY F 58 -8.98 -3.64 -48.09
CA GLY F 58 -10.12 -4.09 -47.30
C GLY F 58 -10.87 -2.98 -46.62
N PHE F 59 -10.22 -1.85 -46.36
CA PHE F 59 -10.92 -0.71 -45.79
C PHE F 59 -11.93 -0.17 -46.78
N ASP F 60 -13.15 0.07 -46.31
CA ASP F 60 -14.20 0.60 -47.17
C ASP F 60 -13.82 1.99 -47.67
N THR F 61 -13.27 2.82 -46.79
CA THR F 61 -12.75 4.14 -47.17
C THR F 61 -11.32 4.27 -46.66
N TYR F 62 -10.48 4.91 -47.47
CA TYR F 62 -9.12 5.19 -47.06
C TYR F 62 -8.61 6.41 -47.79
N ARG F 63 -8.09 7.38 -47.05
CA ARG F 63 -7.55 8.61 -47.64
C ARG F 63 -6.40 9.06 -46.76
N CYS F 64 -5.18 9.02 -47.30
CA CYS F 64 -3.97 9.43 -46.57
C CYS F 64 -3.26 10.51 -47.39
N ASP F 65 -3.67 11.76 -47.21
CA ASP F 65 -3.01 12.86 -47.89
C ASP F 65 -1.59 13.06 -47.35
N ARG F 66 -1.42 12.99 -46.03
CA ARG F 66 -0.13 13.08 -45.39
C ARG F 66 0.01 11.92 -44.41
N ASN F 67 1.13 11.21 -44.48
CA ASN F 67 1.36 10.08 -43.60
C ASN F 67 1.48 10.54 -42.15
N LEU F 68 0.81 9.82 -41.25
CA LEU F 68 0.80 10.14 -39.84
C LEU F 68 1.35 8.97 -39.03
N ALA F 69 2.21 9.28 -38.06
CA ALA F 69 2.70 8.25 -37.15
C ALA F 69 1.57 7.68 -36.30
N MET F 70 0.69 8.44 -35.81
CA MET F 70 -0.46 7.93 -35.02
C MET F 70 0.03 7.20 -33.75
N GLY F 71 0.92 7.89 -32.92
CA GLY F 71 1.38 7.20 -31.72
C GLY F 71 0.28 7.15 -30.69
N VAL F 72 -0.25 5.96 -30.41
CA VAL F 72 -1.36 5.78 -29.50
C VAL F 72 -0.93 4.86 -28.37
N ASN F 73 -1.27 5.26 -27.14
CA ASN F 73 -1.07 4.37 -25.99
C ASN F 73 -1.98 3.16 -26.14
N LEU F 74 -1.38 1.98 -26.28
CA LEU F 74 -2.16 0.79 -26.61
C LEU F 74 -3.15 0.43 -25.51
N THR F 75 -2.82 0.73 -24.25
CA THR F 75 -3.77 0.47 -23.17
C THR F 75 -5.04 1.28 -23.37
N SER F 76 -4.89 2.59 -23.62
CA SER F 76 -6.05 3.47 -23.76
C SER F 76 -6.89 3.09 -24.97
N MET F 77 -6.25 2.88 -26.13
CA MET F 77 -7.02 2.59 -27.32
C MET F 77 -7.61 1.18 -27.30
N SER F 78 -6.93 0.25 -26.63
CA SER F 78 -7.52 -1.08 -26.41
C SER F 78 -8.74 -0.99 -25.50
N LYS F 79 -8.68 -0.16 -24.46
CA LYS F 79 -9.84 0.03 -23.61
C LYS F 79 -11.00 0.66 -24.38
N ILE F 80 -10.69 1.62 -25.26
CA ILE F 80 -11.72 2.22 -26.10
C ILE F 80 -12.32 1.17 -27.03
N LEU F 81 -11.47 0.35 -27.66
CA LEU F 81 -11.97 -0.71 -28.54
C LEU F 81 -12.81 -1.72 -27.80
N LYS F 82 -12.55 -1.91 -26.50
CA LYS F 82 -13.38 -2.79 -25.69
C LYS F 82 -14.81 -2.29 -25.58
N CYS F 83 -15.04 -1.02 -25.92
CA CYS F 83 -16.38 -0.43 -25.90
C CYS F 83 -17.11 -0.62 -27.22
N ALA F 84 -16.73 -1.63 -28.01
CA ALA F 84 -17.37 -1.92 -29.28
C ALA F 84 -17.71 -3.40 -29.35
N GLY F 85 -18.83 -3.71 -30.01
CA GLY F 85 -19.25 -5.08 -30.16
C GLY F 85 -18.45 -5.83 -31.21
N ASN F 86 -18.69 -7.14 -31.26
CA ASN F 86 -17.99 -7.99 -32.22
C ASN F 86 -18.33 -7.59 -33.65
N GLU F 87 -19.60 -7.33 -33.93
CA GLU F 87 -20.04 -6.91 -35.26
C GLU F 87 -20.01 -5.39 -35.43
N ASP F 88 -19.56 -4.65 -34.43
CA ASP F 88 -19.55 -3.19 -34.51
C ASP F 88 -18.57 -2.72 -35.57
N ILE F 89 -19.09 -2.08 -36.61
CA ILE F 89 -18.23 -1.50 -37.64
C ILE F 89 -17.41 -0.37 -37.04
N ILE F 90 -16.10 -0.40 -37.27
CA ILE F 90 -15.16 0.46 -36.56
C ILE F 90 -14.51 1.40 -37.58
N THR F 91 -14.52 2.69 -37.28
CA THR F 91 -13.95 3.71 -38.14
C THR F 91 -12.83 4.43 -37.41
N LEU F 92 -11.64 4.44 -38.02
CA LEU F 92 -10.48 5.15 -37.53
C LEU F 92 -10.38 6.47 -38.27
N ARG F 93 -10.31 7.58 -37.53
CA ARG F 93 -10.25 8.90 -38.14
C ARG F 93 -9.21 9.75 -37.43
N ALA F 94 -8.46 10.53 -38.20
CA ALA F 94 -7.48 11.45 -37.64
C ALA F 94 -7.10 12.47 -38.70
N GLU F 95 -7.34 13.75 -38.42
CA GLU F 95 -6.92 14.79 -39.33
C GLU F 95 -5.41 14.97 -39.29
N ASP F 96 -4.85 15.48 -40.39
CA ASP F 96 -3.40 15.66 -40.47
C ASP F 96 -2.86 16.60 -39.41
N ASN F 97 -3.70 17.49 -38.87
CA ASN F 97 -3.32 18.41 -37.82
C ASN F 97 -4.22 18.22 -36.59
N ALA F 98 -4.53 16.97 -36.26
CA ALA F 98 -5.40 16.65 -35.14
C ALA F 98 -4.60 15.96 -34.05
N ASP F 99 -4.73 16.46 -32.82
CA ASP F 99 -4.08 15.86 -31.67
C ASP F 99 -4.82 14.65 -31.12
N THR F 100 -6.05 14.42 -31.56
CA THR F 100 -6.87 13.33 -31.05
C THR F 100 -7.30 12.41 -32.20
N LEU F 101 -7.38 11.13 -31.90
CA LEU F 101 -7.85 10.12 -32.85
C LEU F 101 -9.28 9.72 -32.50
N ALA F 102 -10.13 9.63 -33.52
CA ALA F 102 -11.54 9.33 -33.34
C ALA F 102 -11.84 7.90 -33.77
N LEU F 103 -12.58 7.18 -32.93
CA LEU F 103 -13.09 5.86 -33.24
C LEU F 103 -14.61 5.92 -33.30
N VAL F 104 -15.17 5.66 -34.47
CA VAL F 104 -16.61 5.71 -34.68
C VAL F 104 -17.11 4.27 -34.76
N PHE F 105 -17.96 3.89 -33.80
CA PHE F 105 -18.52 2.55 -33.75
C PHE F 105 -19.98 2.60 -34.21
N GLU F 106 -20.29 1.86 -35.27
CA GLU F 106 -21.64 1.82 -35.81
C GLU F 106 -22.02 0.38 -36.05
N ALA F 107 -23.07 -0.09 -35.37
CA ALA F 107 -23.53 -1.45 -35.54
C ALA F 107 -24.15 -1.62 -36.93
N PRO F 108 -24.11 -2.84 -37.49
CA PRO F 108 -24.71 -3.06 -38.81
C PRO F 108 -26.20 -2.77 -38.85
N ASN F 109 -26.91 -2.97 -37.74
CA ASN F 109 -28.34 -2.67 -37.70
C ASN F 109 -28.61 -1.18 -37.77
N GLN F 110 -27.60 -0.34 -37.57
CA GLN F 110 -27.60 1.11 -37.79
C GLN F 110 -28.47 1.89 -36.81
N GLU F 111 -29.16 1.24 -35.88
CA GLU F 111 -29.93 1.99 -34.90
C GLU F 111 -29.04 2.73 -33.91
N LYS F 112 -27.74 2.41 -33.86
CA LYS F 112 -26.83 2.95 -32.87
C LYS F 112 -25.56 3.44 -33.52
N VAL F 113 -25.07 4.59 -33.06
CA VAL F 113 -23.81 5.16 -33.52
C VAL F 113 -23.12 5.85 -32.34
N SER F 114 -21.81 5.62 -32.20
CA SER F 114 -21.05 6.20 -31.11
C SER F 114 -19.72 6.72 -31.62
N ASP F 115 -19.16 7.70 -30.91
CA ASP F 115 -17.86 8.25 -31.25
C ASP F 115 -17.02 8.37 -29.98
N TYR F 116 -15.74 8.06 -30.11
CA TYR F 116 -14.77 8.18 -29.03
C TYR F 116 -13.57 8.96 -29.53
N GLU F 117 -12.94 9.71 -28.63
CA GLU F 117 -11.73 10.45 -28.94
C GLU F 117 -10.65 10.12 -27.93
N MET F 118 -9.47 9.75 -28.43
CA MET F 118 -8.33 9.43 -27.58
C MET F 118 -7.16 10.35 -27.91
N LYS F 119 -6.34 10.62 -26.89
CA LYS F 119 -5.23 11.56 -27.02
C LYS F 119 -4.08 10.87 -27.75
N LEU F 120 -3.69 11.40 -28.90
CA LEU F 120 -2.55 10.87 -29.62
C LEU F 120 -1.24 11.38 -29.01
N MET F 121 -0.28 10.48 -28.90
CA MET F 121 1.00 10.87 -28.26
C MET F 121 2.09 9.90 -28.70
N ILE F 130 14.94 -5.48 -39.19
CA ILE F 130 15.27 -6.90 -39.31
C ILE F 130 15.55 -7.25 -40.77
N PRO F 131 16.75 -7.75 -41.05
CA PRO F 131 17.07 -8.17 -42.42
C PRO F 131 16.20 -9.32 -42.88
N GLU F 132 15.87 -9.33 -44.16
CA GLU F 132 15.05 -10.38 -44.73
C GLU F 132 15.91 -11.58 -45.09
N GLN F 133 15.40 -12.78 -44.79
CA GLN F 133 16.13 -14.00 -45.06
C GLN F 133 15.14 -15.17 -45.05
N GLU F 134 15.22 -16.01 -46.08
CA GLU F 134 14.34 -17.18 -46.15
C GLU F 134 14.72 -18.15 -45.03
N TYR F 135 13.71 -18.62 -44.30
CA TYR F 135 13.94 -19.50 -43.18
C TYR F 135 14.06 -20.94 -43.64
N SER F 136 15.05 -21.65 -43.09
CA SER F 136 15.33 -23.01 -43.53
C SER F 136 14.17 -23.95 -43.23
N CYS F 137 13.58 -23.85 -42.03
CA CYS F 137 12.44 -24.68 -41.68
C CYS F 137 11.28 -23.80 -41.25
N VAL F 138 10.07 -24.23 -41.59
CA VAL F 138 8.85 -23.54 -41.16
C VAL F 138 7.74 -24.58 -40.99
N VAL F 139 7.01 -24.48 -39.89
CA VAL F 139 5.92 -25.38 -39.56
C VAL F 139 4.63 -24.58 -39.53
N LYS F 140 3.69 -24.93 -40.41
CA LYS F 140 2.37 -24.32 -40.42
C LYS F 140 1.44 -25.24 -39.64
N MET F 141 1.12 -24.86 -38.41
CA MET F 141 0.30 -25.68 -37.53
C MET F 141 -0.71 -24.81 -36.81
N PRO F 142 -1.84 -25.38 -36.38
CA PRO F 142 -2.90 -24.55 -35.78
C PRO F 142 -2.40 -23.77 -34.57
N SER F 143 -2.87 -22.53 -34.45
CA SER F 143 -2.45 -21.68 -33.34
C SER F 143 -2.87 -22.28 -32.01
N GLY F 144 -3.96 -23.03 -31.97
CA GLY F 144 -4.38 -23.68 -30.74
C GLY F 144 -3.36 -24.69 -30.25
N GLU F 145 -2.80 -25.49 -31.16
CA GLU F 145 -1.82 -26.49 -30.76
C GLU F 145 -0.58 -25.86 -30.13
N PHE F 146 -0.01 -24.86 -30.82
CA PHE F 146 1.18 -24.21 -30.29
C PHE F 146 0.87 -23.44 -29.01
N ALA F 147 -0.33 -22.84 -28.93
CA ALA F 147 -0.71 -22.15 -27.70
C ALA F 147 -0.78 -23.10 -26.53
N ARG F 148 -1.42 -24.26 -26.72
CA ARG F 148 -1.50 -25.25 -25.64
C ARG F 148 -0.11 -25.76 -25.27
N ILE F 149 0.73 -26.03 -26.26
CA ILE F 149 2.07 -26.54 -25.98
C ILE F 149 2.87 -25.52 -25.17
N CYS F 150 2.85 -24.25 -25.60
CA CYS F 150 3.60 -23.22 -24.90
C CYS F 150 3.06 -23.02 -23.49
N ARG F 151 1.73 -22.99 -23.34
CA ARG F 151 1.14 -22.79 -22.01
C ARG F 151 1.51 -23.91 -21.06
N ASP F 152 1.35 -25.16 -21.51
CA ASP F 152 1.65 -26.29 -20.64
C ASP F 152 3.14 -26.38 -20.32
N LEU F 153 4.00 -26.13 -21.30
CA LEU F 153 5.43 -26.23 -21.07
C LEU F 153 5.98 -25.04 -20.30
N SER F 154 5.26 -23.92 -20.26
CA SER F 154 5.56 -22.87 -19.30
C SER F 154 5.04 -23.22 -17.91
N HIS F 155 3.93 -23.97 -17.85
CA HIS F 155 3.44 -24.44 -16.56
C HIS F 155 4.39 -25.47 -15.95
N ILE F 156 5.15 -26.17 -16.79
CA ILE F 156 6.11 -27.15 -16.27
C ILE F 156 7.51 -26.55 -16.08
N GLY F 157 7.85 -25.49 -16.81
CA GLY F 157 9.18 -24.94 -16.73
C GLY F 157 9.26 -23.53 -17.28
N ASP F 158 10.48 -23.02 -17.35
CA ASP F 158 10.70 -21.64 -17.78
C ASP F 158 11.26 -21.51 -19.18
N ALA F 159 11.97 -22.52 -19.67
CA ALA F 159 12.59 -22.47 -21.00
C ALA F 159 12.21 -23.72 -21.78
N VAL F 160 12.05 -23.55 -23.09
CA VAL F 160 11.71 -24.65 -23.99
C VAL F 160 12.62 -24.61 -25.20
N VAL F 161 13.13 -25.76 -25.61
CA VAL F 161 13.96 -25.91 -26.79
C VAL F 161 13.14 -26.60 -27.86
N ILE F 162 13.20 -26.05 -29.07
CA ILE F 162 12.52 -26.60 -30.24
C ILE F 162 13.52 -27.39 -31.06
N SER F 163 13.10 -28.58 -31.48
CA SER F 163 13.93 -29.48 -32.27
C SER F 163 13.11 -30.03 -33.44
N CYS F 164 13.83 -30.44 -34.49
CA CYS F 164 13.18 -30.91 -35.70
C CYS F 164 12.52 -32.27 -35.48
N VAL F 169 7.75 -32.50 -35.04
CA VAL F 169 8.62 -31.55 -34.35
C VAL F 169 8.56 -31.80 -32.85
N LYS F 170 9.59 -31.33 -32.14
CA LYS F 170 9.74 -31.61 -30.72
C LYS F 170 9.84 -30.30 -29.93
N PHE F 171 9.08 -30.22 -28.84
CA PHE F 171 9.22 -29.14 -27.86
C PHE F 171 9.62 -29.77 -26.53
N SER F 172 10.77 -29.36 -25.99
CA SER F 172 11.27 -29.92 -24.75
C SER F 172 11.47 -28.80 -23.74
N ALA F 173 10.71 -28.83 -22.65
CA ALA F 173 10.78 -27.82 -21.62
C ALA F 173 11.62 -28.31 -20.45
N SER F 174 12.49 -27.43 -19.96
CA SER F 174 13.35 -27.71 -18.82
C SER F 174 12.93 -26.83 -17.66
N GLY F 175 12.74 -27.45 -16.49
CA GLY F 175 12.33 -26.73 -15.30
C GLY F 175 13.00 -27.29 -14.06
N GLU F 176 12.92 -26.51 -12.98
CA GLU F 176 13.51 -26.94 -11.71
C GLU F 176 12.78 -28.16 -11.16
N LEU F 177 11.45 -28.19 -11.26
CA LEU F 177 10.69 -29.34 -10.78
C LEU F 177 10.99 -30.58 -11.61
N GLY F 178 10.95 -30.45 -12.93
CA GLY F 178 11.18 -31.58 -13.81
C GLY F 178 11.39 -31.21 -15.26
N ASN F 179 11.11 -32.14 -16.16
CA ASN F 179 11.31 -31.95 -17.59
C ASN F 179 10.11 -32.45 -18.36
N GLY F 180 9.94 -31.92 -19.56
CA GLY F 180 8.88 -32.38 -20.44
C GLY F 180 9.36 -32.42 -21.87
N ASN F 181 8.82 -33.36 -22.64
CA ASN F 181 9.22 -33.54 -24.03
C ASN F 181 8.02 -33.99 -24.84
N ILE F 182 7.64 -33.20 -25.83
CA ILE F 182 6.49 -33.48 -26.69
C ILE F 182 6.97 -33.63 -28.12
N LYS F 183 6.56 -34.71 -28.78
CA LYS F 183 6.88 -34.98 -30.17
C LYS F 183 5.63 -34.85 -31.02
N LEU F 184 5.71 -34.05 -32.08
CA LEU F 184 4.57 -33.79 -32.96
C LEU F 184 4.67 -34.65 -34.21
N SER F 185 3.60 -34.59 -35.01
CA SER F 185 3.50 -35.37 -36.24
C SER F 185 3.01 -34.47 -37.36
N GLN F 186 3.30 -34.89 -38.60
CA GLN F 186 2.95 -34.14 -39.79
C GLN F 186 2.30 -35.05 -40.81
N THR F 187 1.31 -34.53 -41.52
CA THR F 187 0.60 -35.31 -42.54
C THR F 187 -0.01 -34.39 -43.59
N GLU F 195 -5.77 -26.67 -40.67
CA GLU F 195 -5.59 -27.37 -39.40
C GLU F 195 -4.48 -28.41 -39.51
N ALA F 196 -3.91 -28.55 -40.69
CA ALA F 196 -2.85 -29.52 -40.93
C ALA F 196 -1.51 -28.98 -40.44
N VAL F 197 -0.56 -29.88 -40.26
CA VAL F 197 0.80 -29.56 -39.84
C VAL F 197 1.76 -30.07 -40.89
N THR F 198 2.66 -29.21 -41.34
CA THR F 198 3.63 -29.58 -42.37
C THR F 198 4.95 -28.86 -42.10
N ILE F 199 6.06 -29.56 -42.33
CA ILE F 199 7.40 -29.03 -42.12
C ILE F 199 8.22 -29.29 -43.38
N GLU F 200 9.07 -28.32 -43.73
CA GLU F 200 9.92 -28.49 -44.90
C GLU F 200 11.08 -29.44 -44.63
N MET F 201 11.37 -29.70 -43.35
CA MET F 201 12.47 -30.56 -42.89
C MET F 201 13.73 -30.37 -43.74
N ASN F 202 14.08 -29.11 -43.98
CA ASN F 202 15.29 -28.82 -44.74
C ASN F 202 16.54 -29.04 -43.91
N GLU F 203 16.53 -28.64 -42.64
CA GLU F 203 17.69 -28.68 -41.77
C GLU F 203 17.26 -29.14 -40.39
N PRO F 204 18.20 -29.70 -39.61
CA PRO F 204 17.91 -30.00 -38.21
C PRO F 204 18.32 -28.86 -37.29
N VAL F 205 17.46 -28.58 -36.31
CA VAL F 205 17.69 -27.50 -35.35
C VAL F 205 17.40 -28.02 -33.94
N GLN F 206 18.07 -27.40 -32.96
CA GLN F 206 17.76 -27.62 -31.55
C GLN F 206 18.14 -26.32 -30.82
N LEU F 207 17.13 -25.46 -30.63
CA LEU F 207 17.39 -24.12 -30.12
C LEU F 207 16.42 -23.77 -29.00
N THR F 208 16.94 -23.17 -27.94
CA THR F 208 16.17 -22.82 -26.75
C THR F 208 15.52 -21.46 -26.89
N PHE F 209 14.49 -21.25 -26.08
CA PHE F 209 13.67 -20.04 -26.10
C PHE F 209 13.02 -19.86 -24.74
N ALA F 210 12.68 -18.62 -24.42
CA ALA F 210 11.97 -18.30 -23.19
C ALA F 210 10.47 -18.56 -23.37
N LEU F 211 9.74 -18.50 -22.25
CA LEU F 211 8.32 -18.81 -22.25
C LEU F 211 7.41 -17.62 -21.99
N ARG F 212 7.83 -16.68 -21.15
CA ARG F 212 6.97 -15.53 -20.82
C ARG F 212 6.58 -14.77 -22.08
N TYR F 213 7.57 -14.39 -22.89
CA TYR F 213 7.26 -13.74 -24.15
C TYR F 213 6.59 -14.70 -25.12
N LEU F 214 6.97 -15.98 -25.10
CA LEU F 214 6.27 -16.97 -25.91
C LEU F 214 4.81 -17.10 -25.48
N ASN F 215 4.55 -17.06 -24.18
CA ASN F 215 3.17 -17.07 -23.70
C ASN F 215 2.43 -15.82 -24.16
N PHE F 216 3.08 -14.66 -24.08
CA PHE F 216 2.46 -13.42 -24.53
C PHE F 216 2.16 -13.45 -26.02
N PHE F 217 2.96 -14.19 -26.79
CA PHE F 217 2.79 -14.28 -28.23
C PHE F 217 1.60 -15.18 -28.62
N THR F 218 0.89 -15.74 -27.64
CA THR F 218 -0.19 -16.66 -27.92
C THR F 218 -1.57 -16.09 -27.64
N LYS F 219 -1.67 -14.83 -27.20
CA LYS F 219 -2.97 -14.20 -27.03
C LYS F 219 -3.65 -13.94 -28.36
N ALA F 220 -2.94 -14.11 -29.48
CA ALA F 220 -3.48 -13.94 -30.81
C ALA F 220 -4.07 -15.22 -31.39
N THR F 221 -4.54 -16.12 -30.54
CA THR F 221 -5.17 -17.35 -31.05
C THR F 221 -6.40 -17.07 -31.91
N PRO F 222 -7.36 -16.24 -31.49
CA PRO F 222 -8.46 -15.90 -32.41
C PRO F 222 -8.04 -15.04 -33.57
N LEU F 223 -6.85 -14.43 -33.50
CA LEU F 223 -6.38 -13.53 -34.54
C LEU F 223 -6.18 -14.24 -35.88
N SER F 224 -5.92 -15.54 -35.86
CA SER F 224 -5.66 -16.28 -37.10
C SER F 224 -5.97 -17.75 -36.88
N SER F 225 -6.08 -18.49 -37.98
CA SER F 225 -6.36 -19.92 -37.91
C SER F 225 -5.11 -20.71 -37.54
N THR F 226 -4.07 -20.63 -38.36
CA THR F 226 -2.84 -21.37 -38.15
C THR F 226 -1.65 -20.43 -38.12
N VAL F 227 -0.62 -20.82 -37.36
CA VAL F 227 0.60 -20.06 -37.22
C VAL F 227 1.73 -20.82 -37.90
N THR F 228 2.58 -20.08 -38.62
CA THR F 228 3.76 -20.63 -39.28
C THR F 228 4.99 -20.24 -38.46
N LEU F 229 5.44 -21.16 -37.61
CA LEU F 229 6.67 -20.98 -36.85
C LEU F 229 7.87 -21.22 -37.76
N SER F 230 8.69 -20.20 -37.97
CA SER F 230 9.83 -20.28 -38.86
C SER F 230 11.10 -20.26 -38.02
N MET F 231 11.96 -21.26 -38.22
CA MET F 231 13.22 -21.38 -37.51
C MET F 231 14.31 -21.82 -38.47
N SER F 232 15.55 -21.52 -38.09
CA SER F 232 16.73 -21.89 -38.86
C SER F 232 17.94 -21.79 -37.94
N ALA F 233 19.13 -21.87 -38.52
CA ALA F 233 20.37 -21.77 -37.75
C ALA F 233 20.65 -20.33 -37.40
N ASP F 234 20.60 -20.02 -36.10
CA ASP F 234 20.85 -18.69 -35.53
C ASP F 234 20.13 -17.58 -36.31
N VAL F 235 18.84 -17.82 -36.58
CA VAL F 235 17.94 -16.82 -37.14
C VAL F 235 16.82 -16.60 -36.12
N PRO F 236 16.44 -15.37 -35.83
CA PRO F 236 15.43 -15.15 -34.77
C PRO F 236 14.10 -15.81 -35.07
N LEU F 237 13.46 -16.30 -34.01
CA LEU F 237 12.19 -16.98 -34.14
C LEU F 237 11.12 -16.03 -34.64
N VAL F 238 10.27 -16.52 -35.54
CA VAL F 238 9.20 -15.72 -36.13
C VAL F 238 7.90 -16.49 -35.97
N VAL F 239 6.91 -15.87 -35.33
CA VAL F 239 5.55 -16.40 -35.33
C VAL F 239 4.69 -15.49 -36.20
N GLU F 240 3.75 -16.08 -36.93
CA GLU F 240 2.96 -15.34 -37.90
C GLU F 240 1.49 -15.71 -37.71
N TYR F 241 0.65 -14.69 -37.57
CA TYR F 241 -0.80 -14.84 -37.53
C TYR F 241 -1.37 -14.07 -38.72
N LYS F 242 -2.07 -14.76 -39.60
CA LYS F 242 -2.58 -14.17 -40.83
C LYS F 242 -4.06 -13.87 -40.67
N ILE F 243 -4.45 -12.60 -40.89
CA ILE F 243 -5.85 -12.28 -41.06
C ILE F 243 -6.38 -13.07 -42.25
N ALA F 244 -7.67 -13.40 -42.22
CA ALA F 244 -8.28 -14.17 -43.30
C ALA F 244 -7.91 -13.62 -44.68
N ASP F 245 -7.68 -12.32 -44.77
CA ASP F 245 -7.16 -11.69 -45.98
C ASP F 245 -6.62 -10.32 -45.63
N MET F 246 -5.99 -9.68 -46.61
CA MET F 246 -5.75 -8.24 -46.61
C MET F 246 -4.65 -7.83 -45.63
N GLY F 247 -4.14 -8.76 -44.84
CA GLY F 247 -3.09 -8.39 -43.91
C GLY F 247 -2.57 -9.59 -43.15
N HIS F 248 -1.58 -9.31 -42.30
CA HIS F 248 -0.96 -10.34 -41.47
C HIS F 248 -0.20 -9.66 -40.34
N LEU F 249 0.36 -10.49 -39.45
CA LEU F 249 1.05 -10.02 -38.26
C LEU F 249 2.19 -10.97 -37.95
N LYS F 250 3.35 -10.42 -37.60
CA LYS F 250 4.54 -11.22 -37.31
C LYS F 250 5.19 -10.73 -36.03
N TYR F 251 5.48 -11.67 -35.13
CA TYR F 251 6.23 -11.40 -33.92
C TYR F 251 7.60 -12.03 -34.03
N TYR F 252 8.64 -11.22 -33.79
CA TYR F 252 10.02 -11.68 -33.84
C TYR F 252 10.56 -11.80 -32.42
N LEU F 253 11.16 -12.94 -32.11
CA LEU F 253 11.74 -13.21 -30.81
C LEU F 253 13.21 -13.57 -30.97
N ALA F 254 14.06 -12.96 -30.14
CA ALA F 254 15.50 -13.21 -30.20
C ALA F 254 15.82 -14.55 -29.57
N PRO F 255 16.50 -15.45 -30.26
CA PRO F 255 16.81 -16.77 -29.69
C PRO F 255 17.79 -16.66 -28.52
N LYS F 256 17.68 -17.62 -27.61
CA LYS F 256 18.58 -17.69 -26.46
C LYS F 256 19.87 -18.42 -26.83
N MET G 3 9.20 -50.75 -14.89
CA MET G 3 8.69 -51.91 -15.60
C MET G 3 7.21 -52.11 -15.30
N PHE G 4 6.47 -51.01 -15.20
CA PHE G 4 5.03 -51.02 -14.96
C PHE G 4 4.36 -50.22 -16.05
N GLU G 5 3.34 -50.81 -16.69
CA GLU G 5 2.67 -50.21 -17.82
C GLU G 5 1.16 -50.27 -17.61
N ALA G 6 0.49 -49.14 -17.84
CA ALA G 6 -0.96 -49.07 -17.79
C ALA G 6 -1.46 -48.21 -18.93
N ARG G 7 -2.60 -48.57 -19.51
CA ARG G 7 -3.17 -47.85 -20.65
C ARG G 7 -4.66 -47.64 -20.41
N LEU G 8 -5.15 -46.45 -20.78
CA LEU G 8 -6.56 -46.13 -20.67
C LEU G 8 -6.98 -45.30 -21.88
N VAL G 9 -7.95 -45.83 -22.64
CA VAL G 9 -8.45 -45.09 -23.79
C VAL G 9 -9.17 -43.82 -23.35
N GLN G 10 -10.01 -43.92 -22.34
CA GLN G 10 -10.70 -42.76 -21.77
C GLN G 10 -9.78 -42.09 -20.75
N GLY G 11 -8.80 -41.37 -21.27
CA GLY G 11 -7.80 -40.73 -20.44
C GLY G 11 -8.33 -39.62 -19.56
N SER G 12 -9.57 -39.17 -19.80
CA SER G 12 -10.14 -38.10 -18.99
C SER G 12 -10.29 -38.50 -17.53
N ILE G 13 -10.74 -39.74 -17.29
CA ILE G 13 -11.11 -40.15 -15.93
C ILE G 13 -9.93 -40.03 -14.98
N LEU G 14 -8.74 -40.41 -15.44
CA LEU G 14 -7.56 -40.25 -14.60
C LEU G 14 -7.28 -38.78 -14.32
N LYS G 15 -7.49 -37.92 -15.31
CA LYS G 15 -7.27 -36.49 -15.12
C LYS G 15 -8.20 -35.93 -14.05
N LYS G 16 -9.49 -36.27 -14.14
CA LYS G 16 -10.44 -35.80 -13.13
C LYS G 16 -10.12 -36.37 -11.77
N VAL G 17 -9.72 -37.64 -11.72
CA VAL G 17 -9.36 -38.26 -10.44
C VAL G 17 -8.20 -37.51 -9.80
N LEU G 18 -7.18 -37.19 -10.60
CA LEU G 18 -6.00 -36.54 -10.05
C LEU G 18 -6.29 -35.10 -9.64
N GLU G 19 -7.01 -34.34 -10.47
CA GLU G 19 -7.31 -32.96 -10.09
C GLU G 19 -8.28 -32.89 -8.93
N ALA G 20 -9.05 -33.96 -8.70
CA ALA G 20 -9.92 -34.00 -7.52
C ALA G 20 -9.10 -33.98 -6.25
N LEU G 21 -7.99 -34.70 -6.22
CA LEU G 21 -7.14 -34.80 -5.03
C LEU G 21 -5.99 -33.79 -5.04
N LYS G 22 -6.03 -32.81 -5.95
CA LYS G 22 -4.90 -31.89 -6.09
C LYS G 22 -4.68 -31.03 -4.86
N ASP G 23 -5.67 -30.92 -3.97
CA ASP G 23 -5.53 -30.09 -2.77
C ASP G 23 -5.83 -30.81 -1.48
N LEU G 24 -6.75 -31.77 -1.47
CA LEU G 24 -7.11 -32.43 -0.22
C LEU G 24 -5.95 -33.22 0.39
N ILE G 25 -5.00 -33.68 -0.42
CA ILE G 25 -3.78 -34.29 0.06
C ILE G 25 -2.61 -33.75 -0.76
N ASN G 26 -1.57 -33.28 -0.08
CA ASN G 26 -0.35 -32.82 -0.72
C ASN G 26 0.82 -33.66 -0.20
N GLU G 27 1.79 -33.91 -1.09
CA GLU G 27 2.92 -34.80 -0.79
C GLU G 27 2.41 -36.16 -0.32
N ALA G 28 1.39 -36.66 -1.01
CA ALA G 28 0.74 -37.91 -0.63
C ALA G 28 1.63 -39.09 -1.03
N CYS G 29 1.11 -40.31 -0.84
CA CYS G 29 1.85 -41.52 -1.12
C CYS G 29 1.11 -42.36 -2.15
N TRP G 30 1.88 -43.07 -2.96
CA TRP G 30 1.35 -44.00 -3.96
C TRP G 30 1.90 -45.39 -3.68
N ASP G 31 1.02 -46.32 -3.32
CA ASP G 31 1.44 -47.66 -2.96
C ASP G 31 0.72 -48.70 -3.80
N ILE G 32 0.70 -48.49 -5.12
CA ILE G 32 0.08 -49.44 -6.02
C ILE G 32 0.83 -50.76 -5.96
N SER G 33 0.09 -51.85 -5.71
CA SER G 33 0.69 -53.16 -5.61
C SER G 33 1.11 -53.67 -6.99
N SER G 34 1.64 -54.90 -7.03
CA SER G 34 2.05 -55.49 -8.29
C SER G 34 0.86 -55.63 -9.24
N SER G 35 -0.26 -56.11 -8.72
CA SER G 35 -1.50 -56.23 -9.49
C SER G 35 -2.60 -55.49 -8.75
N GLY G 36 -3.25 -54.57 -9.43
CA GLY G 36 -4.30 -53.76 -8.83
C GLY G 36 -3.75 -52.40 -8.43
N VAL G 37 -4.51 -51.35 -8.72
CA VAL G 37 -4.11 -49.98 -8.43
C VAL G 37 -4.90 -49.50 -7.21
N ASN G 38 -4.20 -48.95 -6.23
CA ASN G 38 -4.88 -48.44 -5.05
C ASN G 38 -3.98 -47.43 -4.35
N LEU G 39 -4.61 -46.45 -3.71
CA LEU G 39 -3.88 -45.51 -2.88
C LEU G 39 -4.79 -45.02 -1.75
N GLN G 40 -4.17 -44.61 -0.66
CA GLN G 40 -4.88 -44.07 0.50
C GLN G 40 -3.97 -43.10 1.23
N SER G 41 -4.56 -42.06 1.79
CA SER G 41 -3.78 -41.01 2.44
C SER G 41 -4.65 -40.25 3.42
N MET G 42 -4.05 -39.90 4.57
CA MET G 42 -4.68 -39.02 5.53
C MET G 42 -4.61 -37.58 5.05
N ASP G 43 -5.66 -36.81 5.32
CA ASP G 43 -5.70 -35.42 4.90
C ASP G 43 -4.64 -34.60 5.63
N SER G 44 -4.38 -33.40 5.11
CA SER G 44 -3.38 -32.52 5.69
C SER G 44 -3.76 -32.06 7.10
N SER G 45 -5.04 -32.12 7.45
CA SER G 45 -5.50 -31.74 8.78
C SER G 45 -5.51 -32.92 9.75
N HIS G 46 -5.17 -34.12 9.29
CA HIS G 46 -5.15 -35.33 10.13
C HIS G 46 -6.52 -35.59 10.75
N VAL G 47 -7.58 -35.32 9.98
CA VAL G 47 -8.94 -35.47 10.48
C VAL G 47 -9.72 -36.40 9.55
N SER G 48 -9.35 -36.45 8.28
CA SER G 48 -10.10 -37.20 7.29
C SER G 48 -9.15 -38.02 6.42
N LEU G 49 -9.71 -39.01 5.74
CA LEU G 49 -8.92 -39.94 4.93
C LEU G 49 -9.54 -40.05 3.54
N VAL G 50 -8.68 -40.25 2.54
CA VAL G 50 -9.12 -40.41 1.15
C VAL G 50 -8.44 -41.64 0.56
N GLN G 51 -9.23 -42.47 -0.13
CA GLN G 51 -8.68 -43.65 -0.79
C GLN G 51 -9.32 -43.78 -2.17
N LEU G 52 -8.61 -44.49 -3.05
CA LEU G 52 -9.15 -44.81 -4.35
C LEU G 52 -8.59 -46.15 -4.81
N THR G 53 -9.46 -46.98 -5.39
CA THR G 53 -9.09 -48.29 -5.90
C THR G 53 -9.54 -48.40 -7.34
N LEU G 54 -8.58 -48.64 -8.24
CA LEU G 54 -8.82 -48.87 -9.66
C LEU G 54 -8.32 -50.27 -10.01
N ARG G 55 -9.20 -51.06 -10.62
CA ARG G 55 -8.86 -52.44 -10.97
C ARG G 55 -7.80 -52.46 -12.07
N SER G 56 -6.80 -53.33 -11.89
CA SER G 56 -5.74 -53.45 -12.89
C SER G 56 -6.28 -53.95 -14.22
N GLU G 57 -7.16 -54.96 -14.18
CA GLU G 57 -7.72 -55.50 -15.41
C GLU G 57 -8.68 -54.53 -16.08
N GLY G 58 -9.14 -53.50 -15.37
CA GLY G 58 -9.96 -52.48 -15.99
C GLY G 58 -9.24 -51.73 -17.09
N PHE G 59 -7.93 -51.49 -16.91
CA PHE G 59 -7.13 -50.83 -17.93
C PHE G 59 -6.91 -51.78 -19.12
N ASP G 60 -6.14 -51.29 -20.09
CA ASP G 60 -5.93 -52.06 -21.31
C ASP G 60 -4.89 -53.16 -21.12
N THR G 61 -3.66 -52.78 -20.81
CA THR G 61 -2.54 -53.71 -20.72
C THR G 61 -1.91 -53.66 -19.33
N TYR G 62 -0.87 -54.47 -19.16
CA TYR G 62 -0.12 -54.52 -17.89
C TYR G 62 1.25 -55.13 -18.17
N ARG G 63 2.25 -54.62 -17.49
CA ARG G 63 3.63 -55.11 -17.62
C ARG G 63 3.95 -56.01 -16.43
N CYS G 64 4.39 -57.22 -16.71
CA CYS G 64 4.60 -58.23 -15.67
C CYS G 64 5.88 -57.92 -14.91
N ASP G 65 5.75 -57.31 -13.74
CA ASP G 65 6.89 -57.03 -12.88
C ASP G 65 6.37 -56.76 -11.47
N ARG G 66 7.29 -56.41 -10.58
CA ARG G 66 6.97 -56.13 -9.18
C ARG G 66 6.61 -54.65 -9.01
N ASN G 67 5.91 -54.38 -7.91
CA ASN G 67 5.56 -53.00 -7.59
C ASN G 67 6.79 -52.21 -7.13
N LEU G 68 6.62 -50.91 -7.20
CA LEU G 68 7.71 -50.06 -6.71
C LEU G 68 7.01 -48.90 -6.02
N ALA G 69 7.80 -48.05 -5.39
CA ALA G 69 7.20 -46.97 -4.59
C ALA G 69 6.34 -46.11 -5.51
N MET G 70 6.72 -45.97 -6.77
CA MET G 70 5.84 -45.10 -7.57
C MET G 70 5.65 -43.83 -6.75
N GLY G 71 6.77 -43.24 -6.28
CA GLY G 71 6.64 -42.07 -5.40
C GLY G 71 6.03 -40.92 -6.16
N VAL G 72 4.73 -40.66 -5.97
CA VAL G 72 4.02 -39.63 -6.79
C VAL G 72 3.60 -38.41 -5.95
N ASN G 73 3.67 -37.23 -6.54
CA ASN G 73 3.17 -36.00 -5.85
C ASN G 73 2.06 -35.43 -6.75
N LEU G 74 0.90 -35.13 -6.18
CA LEU G 74 -0.26 -34.71 -7.03
C LEU G 74 0.02 -33.37 -7.72
N THR G 75 0.39 -32.33 -6.98
CA THR G 75 0.54 -31.01 -7.60
C THR G 75 1.42 -31.17 -8.83
N SER G 76 2.55 -31.84 -8.68
CA SER G 76 3.43 -32.10 -9.85
C SER G 76 2.65 -32.87 -10.92
N MET G 77 1.99 -33.95 -10.52
CA MET G 77 1.21 -34.78 -11.48
C MET G 77 0.19 -33.88 -12.20
N SER G 78 -0.63 -33.19 -11.42
CA SER G 78 -1.66 -32.30 -12.03
C SER G 78 -0.94 -31.38 -13.03
N LYS G 79 0.08 -30.68 -12.57
CA LYS G 79 0.87 -29.81 -13.49
C LYS G 79 1.16 -30.62 -14.76
N ILE G 80 1.67 -31.85 -14.61
CA ILE G 80 1.99 -32.63 -15.80
C ILE G 80 0.72 -33.02 -16.56
N LEU G 81 -0.30 -33.49 -15.83
CA LEU G 81 -1.51 -34.01 -16.45
C LEU G 81 -2.44 -32.92 -16.96
N LYS G 82 -2.21 -31.66 -16.59
CA LYS G 82 -3.04 -30.58 -17.10
C LYS G 82 -3.05 -30.53 -18.62
N CYS G 83 -1.94 -30.92 -19.25
CA CYS G 83 -1.88 -30.93 -20.72
C CYS G 83 -2.74 -32.02 -21.34
N ALA G 84 -2.99 -33.11 -20.61
CA ALA G 84 -3.73 -34.23 -21.16
C ALA G 84 -5.17 -33.84 -21.48
N GLY G 85 -5.63 -34.23 -22.66
CA GLY G 85 -6.99 -33.92 -23.05
C GLY G 85 -8.01 -34.81 -22.36
N ASN G 86 -9.28 -34.46 -22.54
CA ASN G 86 -10.38 -35.19 -21.94
C ASN G 86 -10.95 -36.25 -22.87
N GLU G 87 -10.30 -36.54 -23.99
CA GLU G 87 -10.75 -37.59 -24.88
C GLU G 87 -9.62 -38.42 -25.47
N ASP G 88 -8.37 -38.20 -25.05
CA ASP G 88 -7.23 -38.87 -25.64
C ASP G 88 -6.83 -40.10 -24.83
N ILE G 89 -5.99 -40.93 -25.44
CA ILE G 89 -5.48 -42.14 -24.80
C ILE G 89 -4.29 -41.78 -23.92
N ILE G 90 -4.27 -42.33 -22.71
CA ILE G 90 -3.23 -42.02 -21.72
C ILE G 90 -2.53 -43.31 -21.31
N THR G 91 -1.21 -43.32 -21.38
CA THR G 91 -0.39 -44.44 -20.96
C THR G 91 0.55 -44.01 -19.84
N LEU G 92 0.52 -44.74 -18.74
CA LEU G 92 1.42 -44.53 -17.62
C LEU G 92 2.52 -45.59 -17.66
N ARG G 93 3.77 -45.15 -17.67
CA ARG G 93 4.92 -46.04 -17.71
C ARG G 93 5.84 -45.72 -16.54
N ALA G 94 6.40 -46.75 -15.93
CA ALA G 94 7.27 -46.58 -14.78
C ALA G 94 8.71 -46.92 -15.15
N GLU G 95 9.60 -45.97 -14.93
CA GLU G 95 11.03 -46.19 -15.10
C GLU G 95 11.61 -46.81 -13.84
N ASP G 96 12.58 -47.69 -14.01
CA ASP G 96 13.15 -48.45 -12.90
C ASP G 96 13.93 -47.52 -11.97
N ASN G 97 14.47 -48.10 -10.90
CA ASN G 97 15.19 -47.40 -9.84
C ASN G 97 14.37 -46.29 -9.18
N ALA G 98 13.06 -46.28 -9.39
CA ALA G 98 12.16 -45.31 -8.76
C ALA G 98 12.62 -43.88 -9.01
N ASP G 99 13.02 -43.59 -10.24
CA ASP G 99 13.56 -42.28 -10.60
C ASP G 99 12.50 -41.35 -11.18
N THR G 100 11.78 -41.78 -12.21
CA THR G 100 10.79 -40.95 -12.87
C THR G 100 9.56 -41.79 -13.23
N LEU G 101 8.48 -41.10 -13.57
CA LEU G 101 7.28 -41.71 -14.12
C LEU G 101 6.89 -40.96 -15.39
N ALA G 102 6.55 -41.69 -16.45
CA ALA G 102 6.24 -41.10 -17.74
C ALA G 102 4.76 -41.23 -18.04
N LEU G 103 4.17 -40.17 -18.57
CA LEU G 103 2.76 -40.16 -18.95
C LEU G 103 2.67 -39.71 -20.41
N VAL G 104 2.23 -40.61 -21.28
CA VAL G 104 2.18 -40.36 -22.72
C VAL G 104 0.71 -40.21 -23.12
N PHE G 105 0.38 -39.06 -23.70
CA PHE G 105 -0.99 -38.78 -24.15
C PHE G 105 -0.99 -38.71 -25.67
N GLU G 106 -1.84 -39.53 -26.28
CA GLU G 106 -1.95 -39.58 -27.74
C GLU G 106 -3.40 -39.34 -28.14
N ALA G 107 -3.60 -38.42 -29.08
CA ALA G 107 -4.94 -38.10 -29.55
C ALA G 107 -5.49 -39.25 -30.41
N PRO G 108 -6.81 -39.42 -30.46
CA PRO G 108 -7.37 -40.44 -31.34
C PRO G 108 -7.05 -40.23 -32.81
N ASN G 109 -6.92 -38.97 -33.25
CA ASN G 109 -6.57 -38.69 -34.63
C ASN G 109 -5.17 -39.16 -34.99
N GLN G 110 -4.30 -39.34 -33.98
CA GLN G 110 -2.94 -39.84 -34.19
C GLN G 110 -2.14 -38.93 -35.14
N GLU G 111 -2.32 -37.62 -34.99
CA GLU G 111 -1.51 -36.65 -35.71
C GLU G 111 -0.97 -35.53 -34.82
N LYS G 112 -1.45 -35.41 -33.58
CA LYS G 112 -0.91 -34.43 -32.64
C LYS G 112 -0.50 -35.13 -31.35
N VAL G 113 0.22 -36.23 -31.47
CA VAL G 113 0.63 -37.04 -30.33
C VAL G 113 1.54 -36.24 -29.43
N SER G 114 1.77 -36.73 -28.20
CA SER G 114 2.57 -36.01 -27.22
C SER G 114 3.29 -37.02 -26.34
N ASP G 115 3.99 -36.50 -25.34
CA ASP G 115 4.70 -37.31 -24.36
C ASP G 115 5.02 -36.43 -23.15
N TYR G 116 5.19 -37.06 -22.00
CA TYR G 116 5.51 -36.34 -20.78
C TYR G 116 6.22 -37.28 -19.82
N GLU G 117 6.80 -36.69 -18.77
CA GLU G 117 7.47 -37.50 -17.72
C GLU G 117 7.88 -36.51 -16.62
N MET G 118 8.24 -37.00 -15.43
CA MET G 118 8.72 -36.04 -14.40
C MET G 118 9.48 -36.79 -13.30
N LYS G 119 10.54 -36.17 -12.76
CA LYS G 119 11.27 -36.78 -11.63
C LYS G 119 10.31 -36.84 -10.43
N LEU G 120 10.45 -37.83 -9.55
CA LEU G 120 9.48 -38.00 -8.44
C LEU G 120 10.19 -37.45 -7.20
N MET G 121 9.78 -37.91 -6.01
CA MET G 121 10.18 -37.33 -4.74
C MET G 121 10.16 -38.41 -3.68
N ASP G 122 10.86 -38.14 -2.57
CA ASP G 122 10.92 -39.10 -1.47
C ASP G 122 9.52 -39.38 -0.93
N LEU G 123 9.20 -40.66 -0.76
CA LEU G 123 7.87 -41.10 -0.38
C LEU G 123 7.93 -41.84 0.95
N ASP G 124 7.02 -41.50 1.85
CA ASP G 124 6.87 -42.19 3.12
C ASP G 124 5.54 -42.93 3.15
N VAL G 125 5.57 -44.18 3.60
CA VAL G 125 4.40 -45.05 3.61
C VAL G 125 3.74 -44.95 4.99
N GLU G 126 2.49 -44.49 5.01
CA GLU G 126 1.73 -44.48 6.24
C GLU G 126 0.86 -45.73 6.40
N GLN G 127 0.19 -46.14 5.33
CA GLN G 127 -0.55 -47.41 5.28
C GLN G 127 -1.51 -47.56 6.45
N LEU G 128 -2.50 -46.67 6.51
CA LEU G 128 -3.50 -46.75 7.56
C LEU G 128 -4.25 -48.07 7.51
N GLY G 129 -4.79 -48.42 6.35
CA GLY G 129 -5.39 -49.73 6.14
C GLY G 129 -6.50 -50.09 7.10
N ILE G 130 -7.39 -49.15 7.39
CA ILE G 130 -8.49 -49.39 8.33
C ILE G 130 -9.50 -50.33 7.68
N PRO G 131 -9.80 -51.48 8.29
CA PRO G 131 -10.81 -52.37 7.72
C PRO G 131 -12.18 -51.72 7.72
N GLU G 132 -12.97 -52.04 6.69
CA GLU G 132 -14.29 -51.45 6.53
C GLU G 132 -15.27 -52.05 7.54
N GLN G 133 -16.16 -51.20 8.05
CA GLN G 133 -17.22 -51.62 8.95
C GLN G 133 -18.58 -51.26 8.36
N GLU G 134 -19.60 -51.99 8.79
CA GLU G 134 -20.93 -51.83 8.23
C GLU G 134 -21.49 -50.46 8.59
N TYR G 135 -22.16 -49.81 7.63
CA TYR G 135 -22.75 -48.50 7.82
C TYR G 135 -24.26 -48.57 7.70
N SER G 136 -24.96 -47.81 8.53
CA SER G 136 -26.39 -47.98 8.70
C SER G 136 -27.20 -47.30 7.60
N CYS G 137 -27.11 -45.96 7.52
CA CYS G 137 -27.87 -45.20 6.54
C CYS G 137 -27.08 -45.13 5.24
N VAL G 138 -27.76 -45.34 4.10
CA VAL G 138 -27.10 -45.17 2.81
C VAL G 138 -28.06 -44.49 1.84
N VAL G 139 -27.54 -43.50 1.11
CA VAL G 139 -28.33 -42.75 0.14
C VAL G 139 -27.51 -42.55 -1.12
N LYS G 140 -28.08 -42.87 -2.27
CA LYS G 140 -27.42 -42.66 -3.56
C LYS G 140 -28.13 -41.53 -4.28
N MET G 141 -27.39 -40.47 -4.59
CA MET G 141 -27.99 -39.27 -5.18
C MET G 141 -27.01 -38.68 -6.16
N PRO G 142 -27.49 -37.88 -7.13
CA PRO G 142 -26.58 -37.29 -8.11
C PRO G 142 -25.52 -36.42 -7.45
N SER G 143 -24.31 -36.47 -8.01
CA SER G 143 -23.18 -35.78 -7.39
C SER G 143 -23.28 -34.26 -7.56
N GLY G 144 -23.88 -33.80 -8.66
CA GLY G 144 -24.07 -32.36 -8.83
C GLY G 144 -24.98 -31.78 -7.76
N GLU G 145 -26.00 -32.53 -7.36
CA GLU G 145 -26.86 -32.10 -6.27
C GLU G 145 -26.08 -31.95 -4.98
N PHE G 146 -25.21 -32.92 -4.68
CA PHE G 146 -24.37 -32.82 -3.48
C PHE G 146 -23.43 -31.63 -3.57
N ALA G 147 -22.87 -31.38 -4.76
CA ALA G 147 -21.97 -30.24 -4.93
C ALA G 147 -22.69 -28.93 -4.66
N ARG G 148 -23.89 -28.78 -5.24
CA ARG G 148 -24.66 -27.56 -5.01
C ARG G 148 -25.04 -27.40 -3.54
N ILE G 149 -25.44 -28.50 -2.90
CA ILE G 149 -25.82 -28.45 -1.49
C ILE G 149 -24.62 -28.04 -0.63
N CYS G 150 -23.47 -28.68 -0.88
CA CYS G 150 -22.27 -28.34 -0.12
C CYS G 150 -21.88 -26.88 -0.33
N ARG G 151 -21.97 -26.40 -1.57
CA ARG G 151 -21.59 -25.02 -1.85
C ARG G 151 -22.49 -24.02 -1.11
N ASP G 152 -23.81 -24.20 -1.22
CA ASP G 152 -24.69 -23.22 -0.61
C ASP G 152 -24.65 -23.31 0.91
N LEU G 153 -24.46 -24.51 1.47
CA LEU G 153 -24.31 -24.62 2.91
C LEU G 153 -23.02 -23.96 3.39
N SER G 154 -21.94 -24.11 2.62
CA SER G 154 -20.70 -23.39 2.95
C SER G 154 -20.91 -21.88 2.88
N HIS G 155 -21.73 -21.42 1.94
CA HIS G 155 -22.08 -20.01 1.91
C HIS G 155 -22.86 -19.60 3.16
N ILE G 156 -23.75 -20.46 3.65
CA ILE G 156 -24.65 -20.08 4.73
C ILE G 156 -24.27 -20.65 6.09
N GLY G 157 -23.40 -21.66 6.15
CA GLY G 157 -23.11 -22.30 7.42
C GLY G 157 -21.70 -22.86 7.49
N ASP G 158 -21.42 -23.54 8.60
CA ASP G 158 -20.11 -24.13 8.84
C ASP G 158 -20.14 -25.62 9.16
N ALA G 159 -21.25 -26.15 9.66
CA ALA G 159 -21.39 -27.56 9.98
C ALA G 159 -22.65 -28.11 9.36
N VAL G 160 -22.54 -29.27 8.70
CA VAL G 160 -23.63 -29.87 7.94
C VAL G 160 -24.20 -31.04 8.75
N VAL G 161 -25.53 -31.11 8.81
CA VAL G 161 -26.25 -32.15 9.54
C VAL G 161 -26.87 -33.10 8.51
N ILE G 162 -26.71 -34.40 8.75
CA ILE G 162 -27.14 -35.39 7.77
C ILE G 162 -28.63 -35.70 7.92
N SER G 163 -29.02 -36.24 9.06
CA SER G 163 -30.40 -36.62 9.37
C SER G 163 -30.95 -37.59 8.31
N CYS G 164 -30.33 -38.77 8.27
CA CYS G 164 -30.79 -39.81 7.36
C CYS G 164 -32.16 -40.32 7.79
N ALA G 165 -33.05 -40.52 6.81
CA ALA G 165 -34.40 -40.96 7.07
C ALA G 165 -34.89 -41.82 5.92
N LYS G 166 -35.94 -42.60 6.18
CA LYS G 166 -36.45 -43.53 5.20
C LYS G 166 -37.06 -42.81 4.00
N ASP G 167 -37.92 -41.83 4.25
CA ASP G 167 -38.60 -41.14 3.15
C ASP G 167 -37.62 -40.30 2.34
N GLY G 168 -36.73 -39.59 3.01
CA GLY G 168 -35.81 -38.73 2.30
C GLY G 168 -34.70 -38.24 3.22
N VAL G 169 -33.95 -37.27 2.71
CA VAL G 169 -32.83 -36.70 3.44
C VAL G 169 -33.13 -35.24 3.77
N LYS G 170 -32.45 -34.72 4.79
CA LYS G 170 -32.66 -33.35 5.25
C LYS G 170 -31.33 -32.78 5.71
N PHE G 171 -30.70 -31.99 4.85
CA PHE G 171 -29.47 -31.29 5.22
C PHE G 171 -29.82 -30.04 6.02
N SER G 172 -29.17 -29.88 7.17
CA SER G 172 -29.45 -28.76 8.05
C SER G 172 -28.14 -28.12 8.50
N ALA G 173 -28.17 -26.80 8.68
CA ALA G 173 -27.01 -26.07 9.16
C ALA G 173 -27.48 -24.72 9.69
N SER G 174 -26.54 -23.95 10.24
CA SER G 174 -26.83 -22.63 10.75
C SER G 174 -25.57 -21.79 10.72
N GLY G 175 -25.76 -20.49 10.86
CA GLY G 175 -24.67 -19.54 10.89
C GLY G 175 -25.19 -18.17 11.30
N GLU G 176 -24.28 -17.20 11.30
CA GLU G 176 -24.65 -15.85 11.74
C GLU G 176 -25.81 -15.28 10.93
N LEU G 177 -25.97 -15.70 9.69
CA LEU G 177 -27.15 -15.32 8.89
C LEU G 177 -28.24 -16.38 8.97
N GLY G 178 -28.63 -16.76 10.18
CA GLY G 178 -29.74 -17.68 10.34
C GLY G 178 -29.39 -19.13 10.01
N ASN G 179 -30.43 -19.95 9.97
CA ASN G 179 -30.27 -21.38 9.73
C ASN G 179 -30.90 -21.77 8.40
N GLY G 180 -30.42 -22.89 7.85
CA GLY G 180 -30.90 -23.38 6.58
C GLY G 180 -31.16 -24.88 6.58
N ASN G 181 -32.29 -25.26 5.99
CA ASN G 181 -32.71 -26.66 5.91
C ASN G 181 -33.16 -26.96 4.49
N ILE G 182 -32.69 -28.07 3.94
CA ILE G 182 -33.05 -28.53 2.60
C ILE G 182 -33.49 -29.98 2.68
N LYS G 183 -34.71 -30.26 2.24
CA LYS G 183 -35.29 -31.59 2.31
C LYS G 183 -35.41 -32.16 0.90
N LEU G 184 -34.78 -33.31 0.67
CA LEU G 184 -34.87 -34.02 -0.59
C LEU G 184 -35.72 -35.28 -0.38
N SER G 185 -36.77 -35.42 -1.19
CA SER G 185 -37.68 -36.54 -1.09
C SER G 185 -37.28 -37.65 -2.06
N GLN G 186 -37.89 -38.82 -1.88
CA GLN G 186 -37.63 -39.94 -2.76
C GLN G 186 -38.09 -39.62 -4.17
N THR G 187 -37.25 -39.95 -5.16
CA THR G 187 -37.57 -39.65 -6.55
C THR G 187 -38.83 -40.40 -6.99
N SER G 188 -38.85 -41.72 -6.78
CA SER G 188 -40.01 -42.56 -7.10
C SER G 188 -40.46 -42.38 -8.54
N ASN G 189 -39.50 -42.37 -9.46
CA ASN G 189 -39.78 -42.25 -10.89
C ASN G 189 -39.34 -43.52 -11.60
N VAL G 190 -40.07 -43.86 -12.67
CA VAL G 190 -39.82 -45.10 -13.39
C VAL G 190 -38.45 -45.08 -14.07
N ASP G 191 -37.94 -43.90 -14.41
CA ASP G 191 -36.69 -43.81 -15.15
C ASP G 191 -35.52 -44.34 -14.34
N LYS G 192 -35.46 -44.02 -13.05
CA LYS G 192 -34.35 -44.41 -12.17
C LYS G 192 -33.01 -43.95 -12.74
N GLU G 193 -32.99 -42.71 -13.21
CA GLU G 193 -31.78 -42.14 -13.81
C GLU G 193 -30.78 -41.75 -12.72
N GLU G 194 -29.69 -41.12 -13.16
CA GLU G 194 -28.70 -40.62 -12.20
C GLU G 194 -29.28 -39.53 -11.31
N GLU G 195 -30.24 -38.77 -11.82
CA GLU G 195 -30.92 -37.76 -11.00
C GLU G 195 -31.73 -38.42 -9.88
N ALA G 196 -32.22 -39.64 -10.12
CA ALA G 196 -33.01 -40.33 -9.12
C ALA G 196 -32.18 -40.66 -7.89
N VAL G 197 -32.78 -40.50 -6.71
CA VAL G 197 -32.13 -40.76 -5.44
C VAL G 197 -32.77 -41.98 -4.80
N THR G 198 -31.94 -42.90 -4.31
CA THR G 198 -32.42 -44.08 -3.63
C THR G 198 -31.94 -44.06 -2.18
N ILE G 199 -32.74 -44.66 -1.31
CA ILE G 199 -32.55 -44.57 0.14
C ILE G 199 -32.67 -45.97 0.74
N GLU G 200 -31.73 -46.32 1.60
CA GLU G 200 -31.82 -47.56 2.38
C GLU G 200 -31.45 -47.25 3.82
N MET G 201 -32.40 -47.50 4.73
CA MET G 201 -32.29 -47.12 6.12
C MET G 201 -32.58 -48.32 7.02
N ASN G 202 -31.98 -48.31 8.20
CA ASN G 202 -32.30 -49.28 9.24
C ASN G 202 -32.64 -48.54 10.53
N GLU G 203 -31.97 -47.40 10.76
CA GLU G 203 -32.23 -46.53 11.89
C GLU G 203 -31.60 -45.16 11.62
N PRO G 204 -32.32 -44.07 11.90
CA PRO G 204 -31.77 -42.74 11.62
C PRO G 204 -30.53 -42.44 12.44
N VAL G 205 -29.59 -41.72 11.82
CA VAL G 205 -28.35 -41.31 12.47
C VAL G 205 -28.16 -39.82 12.24
N GLN G 206 -27.90 -39.08 13.31
CA GLN G 206 -27.67 -37.65 13.26
C GLN G 206 -26.24 -37.36 13.69
N LEU G 207 -25.52 -36.58 12.88
CA LEU G 207 -24.13 -36.24 13.18
C LEU G 207 -23.73 -35.05 12.34
N THR G 208 -23.02 -34.11 12.96
CA THR G 208 -22.56 -32.90 12.28
C THR G 208 -21.17 -33.13 11.72
N PHE G 209 -20.93 -32.60 10.52
CA PHE G 209 -19.66 -32.74 9.82
C PHE G 209 -19.14 -31.37 9.40
N ALA G 210 -17.82 -31.27 9.28
CA ALA G 210 -17.20 -30.04 8.81
C ALA G 210 -17.56 -29.79 7.34
N LEU G 211 -17.62 -28.50 6.99
CA LEU G 211 -18.05 -28.11 5.66
C LEU G 211 -16.91 -27.76 4.72
N ARG G 212 -15.78 -27.27 5.23
CA ARG G 212 -14.66 -26.93 4.37
C ARG G 212 -14.10 -28.17 3.68
N TYR G 213 -13.83 -29.22 4.46
CA TYR G 213 -13.36 -30.46 3.86
C TYR G 213 -14.45 -31.12 3.04
N LEU G 214 -15.71 -30.85 3.36
CA LEU G 214 -16.80 -31.31 2.49
C LEU G 214 -16.69 -30.68 1.11
N ASN G 215 -16.37 -29.38 1.05
CA ASN G 215 -16.10 -28.75 -0.24
C ASN G 215 -14.88 -29.37 -0.92
N PHE G 216 -13.82 -29.58 -0.15
CA PHE G 216 -12.60 -30.14 -0.72
C PHE G 216 -12.85 -31.53 -1.32
N PHE G 217 -13.78 -32.28 -0.75
CA PHE G 217 -14.10 -33.62 -1.24
C PHE G 217 -15.13 -33.60 -2.37
N THR G 218 -16.12 -32.71 -2.29
CA THR G 218 -17.09 -32.56 -3.37
C THR G 218 -16.45 -31.95 -4.61
N LYS G 219 -15.24 -31.40 -4.50
CA LYS G 219 -14.49 -31.00 -5.68
C LYS G 219 -14.33 -32.13 -6.69
N ALA G 220 -14.55 -33.38 -6.28
CA ALA G 220 -14.50 -34.54 -7.17
C ALA G 220 -15.82 -34.81 -7.86
N THR G 221 -16.73 -33.82 -7.89
CA THR G 221 -18.05 -34.04 -8.49
C THR G 221 -17.99 -34.42 -9.97
N PRO G 222 -17.23 -33.76 -10.84
CA PRO G 222 -17.32 -34.08 -12.28
C PRO G 222 -16.89 -35.51 -12.62
N LEU G 223 -16.13 -36.17 -11.75
CA LEU G 223 -15.64 -37.52 -12.07
C LEU G 223 -16.80 -38.51 -12.19
N SER G 224 -17.75 -38.47 -11.26
CA SER G 224 -18.83 -39.42 -11.20
C SER G 224 -20.17 -38.74 -11.38
N SER G 225 -21.12 -39.46 -11.97
CA SER G 225 -22.47 -38.93 -12.15
C SER G 225 -23.26 -38.94 -10.86
N THR G 226 -23.05 -39.95 -10.02
CA THR G 226 -23.76 -40.10 -8.76
C THR G 226 -22.76 -40.27 -7.62
N VAL G 227 -23.28 -40.25 -6.40
CA VAL G 227 -22.46 -40.40 -5.20
C VAL G 227 -23.30 -41.12 -4.14
N THR G 228 -22.66 -42.01 -3.40
CA THR G 228 -23.30 -42.75 -2.32
C THR G 228 -22.76 -42.30 -0.98
N LEU G 229 -23.66 -41.92 -0.08
CA LEU G 229 -23.31 -41.45 1.25
C LEU G 229 -23.77 -42.47 2.29
N SER G 230 -22.84 -42.90 3.14
CA SER G 230 -23.11 -43.85 4.21
C SER G 230 -22.88 -43.14 5.55
N MET G 231 -23.93 -43.09 6.36
CA MET G 231 -23.93 -42.40 7.64
C MET G 231 -24.17 -43.41 8.76
N SER G 232 -23.35 -43.35 9.80
CA SER G 232 -23.52 -44.19 10.97
C SER G 232 -22.95 -43.46 12.18
N ALA G 233 -23.54 -43.74 13.34
CA ALA G 233 -23.15 -43.02 14.56
C ALA G 233 -21.74 -43.41 15.01
N ASP G 234 -21.05 -42.43 15.58
CA ASP G 234 -19.74 -42.58 16.19
C ASP G 234 -18.66 -43.03 15.21
N VAL G 235 -18.91 -42.94 13.91
CA VAL G 235 -17.91 -43.29 12.91
C VAL G 235 -17.92 -42.25 11.80
N PRO G 236 -16.78 -42.08 11.12
CA PRO G 236 -16.70 -41.09 10.05
C PRO G 236 -17.69 -41.38 8.91
N LEU G 237 -18.22 -40.31 8.33
CA LEU G 237 -19.10 -40.43 7.18
C LEU G 237 -18.35 -41.01 5.99
N VAL G 238 -19.04 -41.82 5.20
CA VAL G 238 -18.51 -42.39 3.98
C VAL G 238 -19.11 -41.65 2.80
N VAL G 239 -18.29 -41.16 1.94
CA VAL G 239 -18.80 -40.57 0.68
C VAL G 239 -18.09 -41.40 -0.39
N GLU G 240 -18.75 -41.92 -1.38
CA GLU G 240 -18.19 -42.84 -2.36
C GLU G 240 -18.63 -42.46 -3.76
N TYR G 241 -17.67 -42.51 -4.69
CA TYR G 241 -17.89 -42.20 -6.10
C TYR G 241 -17.51 -43.40 -6.95
N LYS G 242 -18.35 -43.69 -7.94
CA LYS G 242 -18.12 -44.78 -8.88
C LYS G 242 -17.41 -44.26 -10.13
N ILE G 243 -16.47 -45.05 -10.64
CA ILE G 243 -15.71 -44.69 -11.83
C ILE G 243 -15.97 -45.80 -12.85
N ALA G 244 -16.99 -45.60 -13.69
CA ALA G 244 -17.34 -46.49 -14.79
C ALA G 244 -17.44 -47.95 -14.35
N ASP G 245 -17.78 -48.16 -13.08
CA ASP G 245 -17.73 -49.46 -12.41
C ASP G 245 -16.34 -50.08 -12.43
N MET G 246 -15.34 -49.33 -12.88
CA MET G 246 -13.96 -49.78 -12.90
C MET G 246 -13.16 -49.28 -11.71
N GLY G 247 -13.72 -48.38 -10.91
CA GLY G 247 -12.99 -47.89 -9.75
C GLY G 247 -13.94 -47.30 -8.72
N HIS G 248 -13.41 -47.18 -7.50
CA HIS G 248 -14.15 -46.58 -6.39
C HIS G 248 -13.28 -45.56 -5.69
N LEU G 249 -13.81 -44.35 -5.51
CA LEU G 249 -13.12 -43.26 -4.83
C LEU G 249 -13.88 -42.93 -3.55
N LYS G 250 -13.28 -43.20 -2.40
CA LYS G 250 -13.97 -43.08 -1.12
C LYS G 250 -13.29 -42.04 -0.24
N TYR G 251 -14.10 -41.36 0.56
CA TYR G 251 -13.62 -40.44 1.58
C TYR G 251 -14.25 -40.79 2.91
N TYR G 252 -13.41 -40.90 3.94
CA TYR G 252 -13.82 -41.04 5.33
C TYR G 252 -13.72 -39.67 5.99
N LEU G 253 -14.84 -39.18 6.51
CA LEU G 253 -14.92 -37.84 7.09
C LEU G 253 -15.25 -37.95 8.57
N ALA G 254 -14.23 -37.84 9.41
CA ALA G 254 -14.44 -37.85 10.86
C ALA G 254 -14.81 -36.45 11.33
N PRO G 255 -15.91 -36.28 12.08
CA PRO G 255 -16.36 -34.99 12.58
C PRO G 255 -15.33 -34.32 13.49
#